data_8DYY
#
_entry.id   8DYY
#
_cell.length_a   1.00
_cell.length_b   1.00
_cell.length_c   1.00
_cell.angle_alpha   90.00
_cell.angle_beta   90.00
_cell.angle_gamma   90.00
#
_symmetry.space_group_name_H-M   'P 1'
#
loop_
_entity.id
_entity.type
_entity.pdbx_description
1 polymer 'Circumsporozoite protein'
2 polymer '334 Fab heavy chain'
3 polymer '334 Fab light chain'
#
loop_
_entity_poly.entity_id
_entity_poly.type
_entity_poly.pdbx_seq_one_letter_code
_entity_poly.pdbx_strand_id
1 'polypeptide(L)'
;YGSSSNTRVLNELNYDNAGTNLYNELEMNYYGKQENWYSLKKNSRSLGENDDGNNEDNEKLRKPKHKKLKQPADGNPDPN
ANPNVDPNANPNVDPNANPNVDPNANPNANPNANPNANPNANPNANPNANPNANPNANPNANPNANPNANPNANPNANPN
ANPNANPNKNNQGNGQGHNMPNDPNRNVDENANANSAVKNNNNEEPSDKHIKEYLNKIQNSLSTEWSPCSVTCGNGIQVR
IKPGSANKPKDELDYANDIEKKICKMEKCSSVFNVVNS
;
I
2 'polypeptide(L)'
;QVQLVESGGGVVQPGRSLTLSCAASGFTFSNYGMHWVRQTPGKGLAWVAIIWYDGSKTYYEDSVKGRFTISRDNSKNTLY
LQMNSLRVDDTAVYYCARVRHSSSRHGSAFDLWGQGTLVTVSSASTKGPSVFPLAPSSKSTSGGTAALGCLVKDYFPEPV
TVSWNSGALTSGVHTFPAVLQSSGLYSLSSVVTVPSSSLGTQTYICNVNHKPSNTKVDKKVEPKSCD
;
H,A,C,E,M,O,Q,S,U
3 'polypeptide(L)'
;VIQMTQSPSTLSASVGDRVTITCRASQSVSTWLAWYQQKPGQGPKLLIYEASSLESGVPSRFSGSGSGTEFTLTISSLQP
DDFATYYCQQYNSYSFWTFGQGTKVEIKRTVAAPSVFIFPPSDEQLKSGTASVVCLLNNFYPREAKVQWKVDNALQSGNS
QESVTEQDSKDSTYSLSSTLTLSKADYEKHKVYACEVTHQGLSSPVTKSFNRGEC
;
L,B,D,F,N,P,R,T,V
#
# COMPACT_ATOMS: atom_id res chain seq x y z
N ASP A 94 46.94 -16.50 11.38
CA ASP A 94 47.09 -15.57 12.52
C ASP A 94 45.87 -15.58 13.46
N PRO A 95 45.84 -16.52 14.43
CA PRO A 95 44.84 -16.45 15.41
C PRO A 95 44.75 -15.10 16.19
N ASN A 96 45.88 -14.43 16.49
CA ASN A 96 45.87 -13.19 17.27
C ASN A 96 45.81 -12.04 16.29
N ALA A 97 44.61 -11.55 16.04
CA ALA A 97 44.39 -10.34 15.27
C ALA A 97 43.09 -9.72 15.77
N ASN A 98 43.07 -8.40 15.88
CA ASN A 98 41.96 -7.72 16.52
C ASN A 98 40.65 -8.14 15.87
N PRO A 99 39.81 -8.89 16.58
CA PRO A 99 38.58 -9.39 15.96
C PRO A 99 37.44 -8.42 16.07
N ASN A 100 37.73 -7.16 16.38
CA ASN A 100 36.68 -6.16 16.50
C ASN A 100 36.31 -5.64 15.11
N VAL A 101 35.59 -4.51 15.08
CA VAL A 101 34.90 -4.09 13.86
C VAL A 101 35.73 -3.25 12.92
N ASP A 102 36.91 -2.79 13.33
CA ASP A 102 37.65 -1.81 12.54
C ASP A 102 36.76 -0.58 12.39
N PRO A 103 36.57 0.20 13.45
CA PRO A 103 35.61 1.31 13.39
C PRO A 103 35.90 2.31 12.29
N ASN A 104 37.17 2.50 11.96
CA ASN A 104 37.58 3.35 10.85
C ASN A 104 37.47 2.48 9.60
N ALA A 105 36.23 2.32 9.14
CA ALA A 105 35.97 1.62 7.89
C ALA A 105 35.35 2.60 6.91
N ASN A 106 34.91 2.11 5.76
CA ASN A 106 34.26 2.97 4.78
C ASN A 106 32.78 3.01 5.09
N PRO A 107 32.24 4.13 5.54
CA PRO A 107 30.81 4.18 5.86
C PRO A 107 29.94 4.66 4.70
N ASN A 108 30.47 4.70 3.50
CA ASN A 108 29.76 5.29 2.38
C ASN A 108 28.77 4.31 1.77
N ALA A 109 28.28 4.62 0.56
CA ALA A 109 27.11 3.98 -0.03
C ALA A 109 27.40 2.65 -0.71
N ASN A 110 28.66 2.32 -1.00
CA ASN A 110 29.03 1.04 -1.60
C ASN A 110 28.30 0.82 -2.94
N PRO A 111 28.69 1.52 -4.00
CA PRO A 111 27.90 1.46 -5.25
C PRO A 111 27.76 0.07 -5.84
N ASN A 112 28.70 -0.84 -5.59
CA ASN A 112 28.60 -2.19 -6.15
C ASN A 112 27.84 -3.08 -5.18
N ALA A 113 26.52 -2.93 -5.18
CA ALA A 113 25.65 -3.82 -4.45
C ALA A 113 24.68 -4.44 -5.43
N ASN A 114 24.16 -5.61 -5.11
CA ASN A 114 23.27 -6.31 -6.03
C ASN A 114 22.06 -5.46 -6.35
N PRO A 115 21.94 -4.92 -7.55
CA PRO A 115 20.83 -4.03 -7.86
C PRO A 115 19.60 -4.77 -8.38
N ASN A 116 19.56 -6.08 -8.22
CA ASN A 116 18.49 -6.88 -8.79
C ASN A 116 17.26 -6.83 -7.88
N ALA A 117 16.32 -7.74 -8.13
CA ALA A 117 14.98 -7.63 -7.55
C ALA A 117 14.84 -8.27 -6.18
N ASN A 118 15.85 -8.99 -5.70
CA ASN A 118 15.79 -9.66 -4.41
C ASN A 118 14.59 -10.59 -4.35
N PRO A 119 14.62 -11.72 -5.07
CA PRO A 119 13.41 -12.54 -5.20
C PRO A 119 12.88 -13.06 -3.90
N ASN A 120 13.71 -13.14 -2.88
CA ASN A 120 13.25 -13.55 -1.55
C ASN A 120 12.96 -12.29 -0.76
N ALA A 121 11.69 -11.91 -0.70
CA ALA A 121 11.25 -10.72 0.02
C ALA A 121 10.02 -11.10 0.82
N ASN A 122 9.28 -10.10 1.29
CA ASN A 122 8.07 -10.39 2.05
C ASN A 122 6.86 -10.28 1.13
N PRO A 123 6.32 -11.37 0.63
CA PRO A 123 5.13 -11.30 -0.21
C PRO A 123 3.84 -11.45 0.61
N ASN A 124 3.48 -10.40 1.33
CA ASN A 124 2.29 -10.45 2.16
C ASN A 124 1.57 -9.11 2.07
N ALA A 125 0.63 -8.91 2.98
CA ALA A 125 -0.36 -7.85 2.83
C ALA A 125 0.18 -6.48 3.18
N ASN A 126 1.24 -6.39 3.97
CA ASN A 126 1.75 -5.11 4.46
C ASN A 126 0.64 -4.39 5.21
N PRO A 127 0.25 -4.87 6.39
CA PRO A 127 -0.96 -4.34 7.03
C PRO A 127 -0.91 -2.86 7.31
N ASN A 128 0.27 -2.28 7.51
CA ASN A 128 0.39 -0.85 7.74
C ASN A 128 0.54 -0.16 6.39
N ALA A 129 -0.54 -0.17 5.61
CA ALA A 129 -0.59 0.53 4.34
C ALA A 129 -1.69 1.58 4.41
N ASN A 130 -1.58 2.60 3.56
CA ASN A 130 -2.48 3.75 3.63
C ASN A 130 -3.93 3.31 3.49
N PRO A 131 -4.70 3.34 4.56
CA PRO A 131 -6.10 2.92 4.49
C PRO A 131 -7.05 4.08 4.21
N ASN A 132 -6.83 4.76 3.10
CA ASN A 132 -7.60 5.96 2.82
C ASN A 132 -8.19 5.95 1.42
N ALA A 133 -8.69 7.10 0.98
CA ALA A 133 -9.61 7.16 -0.15
C ALA A 133 -8.95 7.28 -1.51
N ASN A 134 -7.65 7.52 -1.56
CA ASN A 134 -6.94 7.59 -2.84
C ASN A 134 -7.54 8.68 -3.73
N PRO A 135 -7.32 9.96 -3.42
CA PRO A 135 -8.04 11.02 -4.12
C PRO A 135 -7.87 11.01 -5.63
N ASN A 136 -6.81 10.43 -6.15
CA ASN A 136 -6.55 10.46 -7.58
C ASN A 136 -7.18 9.31 -8.34
N ALA A 137 -8.11 8.57 -7.73
CA ALA A 137 -8.72 7.45 -8.40
C ALA A 137 -9.46 7.92 -9.65
N ASN A 138 -9.79 6.98 -10.53
CA ASN A 138 -10.42 7.31 -11.80
C ASN A 138 -11.78 7.93 -11.58
N PRO A 139 -11.94 9.22 -11.89
CA PRO A 139 -13.22 9.87 -11.65
C PRO A 139 -14.16 9.77 -12.83
N ASN A 140 -13.92 8.85 -13.73
CA ASN A 140 -14.73 8.72 -14.93
C ASN A 140 -15.89 7.75 -14.70
N ALA A 141 -16.51 7.31 -15.79
CA ALA A 141 -17.81 6.66 -15.75
C ALA A 141 -17.77 5.14 -15.70
N ASN A 142 -16.60 4.52 -15.91
CA ASN A 142 -16.49 3.07 -15.88
C ASN A 142 -17.43 2.43 -16.89
N PRO A 143 -17.15 2.51 -18.18
CA PRO A 143 -18.12 2.05 -19.18
C PRO A 143 -18.49 0.59 -19.04
N ASN A 144 -17.59 -0.23 -18.51
CA ASN A 144 -17.85 -1.66 -18.37
C ASN A 144 -18.49 -1.94 -17.01
N ALA A 145 -19.72 -1.48 -16.86
CA ALA A 145 -20.49 -1.70 -15.64
C ALA A 145 -21.76 -2.45 -15.99
N ASN A 146 -22.40 -3.02 -14.98
CA ASN A 146 -23.57 -3.88 -15.18
C ASN A 146 -24.68 -3.15 -15.90
N PRO A 147 -24.93 -3.46 -17.17
CA PRO A 147 -25.98 -2.75 -17.90
C PRO A 147 -27.34 -3.39 -17.78
N ASN A 148 -27.53 -4.27 -16.80
CA ASN A 148 -28.75 -5.04 -16.69
C ASN A 148 -29.82 -4.24 -15.94
N ALA A 149 -30.86 -4.94 -15.51
CA ALA A 149 -32.09 -4.33 -15.05
C ALA A 149 -32.15 -4.04 -13.56
N ASN A 150 -31.17 -4.48 -12.78
CA ASN A 150 -31.20 -4.29 -11.32
C ASN A 150 -32.47 -4.90 -10.76
N PRO A 151 -32.57 -6.23 -10.68
CA PRO A 151 -33.84 -6.86 -10.32
C PRO A 151 -34.35 -6.47 -8.97
N ASN A 152 -33.48 -6.03 -8.07
CA ASN A 152 -33.88 -5.61 -6.74
C ASN A 152 -33.90 -4.09 -6.71
N ALA A 153 -35.02 -3.51 -7.12
CA ALA A 153 -35.19 -2.07 -7.12
C ALA A 153 -36.52 -1.74 -6.47
N ASN A 154 -36.74 -0.45 -6.20
CA ASN A 154 -37.90 -0.02 -5.44
C ASN A 154 -39.18 -0.27 -6.22
N PRO A 155 -39.99 -1.24 -5.82
CA PRO A 155 -41.22 -1.54 -6.56
C PRO A 155 -42.43 -0.76 -6.08
N ASN A 156 -42.22 0.30 -5.32
CA ASN A 156 -43.33 1.02 -4.72
C ASN A 156 -43.97 1.97 -5.73
N ALA A 157 -44.80 2.88 -5.24
CA ALA A 157 -45.67 3.69 -6.07
C ALA A 157 -45.04 4.99 -6.54
N ASN A 158 -43.91 5.40 -5.98
CA ASN A 158 -43.28 6.67 -6.32
C ASN A 158 -44.24 7.82 -6.08
N PRO A 159 -44.52 8.18 -4.83
CA PRO A 159 -45.59 9.17 -4.56
C PRO A 159 -45.36 10.48 -5.25
N ASN A 160 -44.10 10.87 -5.44
CA ASN A 160 -43.78 12.11 -6.14
C ASN A 160 -43.67 11.81 -7.63
N ALA A 161 -44.82 11.66 -8.27
CA ALA A 161 -44.89 11.48 -9.71
C ALA A 161 -45.85 12.51 -10.28
N ASN A 162 -45.81 12.67 -11.61
CA ASN A 162 -46.56 13.71 -12.30
C ASN A 162 -48.05 13.63 -11.99
N PRO A 163 -48.59 14.54 -11.21
CA PRO A 163 -50.00 14.46 -10.84
C PRO A 163 -50.91 15.18 -11.82
N ASN A 164 -50.43 15.47 -13.02
CA ASN A 164 -51.24 16.13 -14.02
C ASN A 164 -51.71 15.13 -15.06
N ALA A 165 -52.31 15.63 -16.13
CA ALA A 165 -52.77 14.78 -17.23
C ALA A 165 -51.60 14.22 -18.03
N VAL B 2 -16.25 18.98 13.57
CA VAL B 2 -15.55 17.73 13.27
C VAL B 2 -15.40 16.92 14.54
N GLN B 3 -16.37 16.05 14.78
CA GLN B 3 -16.50 15.35 16.05
C GLN B 3 -16.69 13.87 15.80
N LEU B 4 -16.26 13.06 16.78
CA LEU B 4 -16.27 11.61 16.66
C LEU B 4 -16.61 11.02 18.01
N VAL B 5 -17.82 10.47 18.15
CA VAL B 5 -18.36 10.05 19.44
C VAL B 5 -18.83 8.60 19.36
N GLU B 6 -18.57 7.84 20.42
CA GLU B 6 -18.98 6.44 20.50
C GLU B 6 -20.15 6.28 21.46
N SER B 7 -20.57 5.04 21.63
CA SER B 7 -21.66 4.67 22.53
C SER B 7 -21.66 3.16 22.69
N GLY B 8 -22.66 2.62 23.35
CA GLY B 8 -22.85 1.19 23.46
C GLY B 8 -22.13 0.51 24.60
N GLY B 9 -21.47 1.25 25.47
CA GLY B 9 -20.79 0.64 26.60
C GLY B 9 -21.76 0.26 27.70
N GLY B 10 -21.23 -0.41 28.71
CA GLY B 10 -22.03 -0.83 29.84
C GLY B 10 -21.36 -1.98 30.55
N VAL B 11 -22.15 -2.68 31.36
CA VAL B 11 -21.68 -3.80 32.16
C VAL B 11 -22.35 -5.07 31.67
N VAL B 12 -21.56 -6.06 31.28
CA VAL B 12 -22.07 -7.34 30.85
C VAL B 12 -21.28 -8.45 31.53
N GLN B 13 -21.92 -9.60 31.71
CA GLN B 13 -21.27 -10.73 32.34
C GLN B 13 -20.30 -11.40 31.37
N PRO B 14 -19.30 -12.12 31.89
CA PRO B 14 -18.37 -12.82 31.00
C PRO B 14 -19.10 -13.82 30.12
N GLY B 15 -18.67 -13.90 28.86
CA GLY B 15 -19.28 -14.78 27.89
C GLY B 15 -20.40 -14.16 27.10
N ARG B 16 -20.96 -13.04 27.56
CA ARG B 16 -22.02 -12.36 26.84
C ARG B 16 -21.44 -11.41 25.80
N SER B 17 -22.24 -11.12 24.78
CA SER B 17 -21.79 -10.34 23.64
C SER B 17 -22.35 -8.92 23.72
N LEU B 18 -21.49 -7.94 23.49
CA LEU B 18 -21.84 -6.54 23.55
C LEU B 18 -21.34 -5.85 22.29
N THR B 19 -22.11 -4.90 21.78
CA THR B 19 -21.80 -4.25 20.51
C THR B 19 -21.62 -2.76 20.73
N LEU B 20 -20.58 -2.20 20.12
CA LEU B 20 -20.25 -0.80 20.23
C LEU B 20 -20.51 -0.09 18.92
N SER B 21 -20.76 1.21 18.99
CA SER B 21 -21.01 2.03 17.81
C SER B 21 -20.19 3.30 17.92
N CYS B 22 -20.00 3.96 16.78
CA CYS B 22 -19.13 5.13 16.73
C CYS B 22 -19.60 6.04 15.62
N ALA B 23 -20.27 7.14 15.96
CA ALA B 23 -20.85 8.04 14.98
C ALA B 23 -19.88 9.16 14.67
N ALA B 24 -19.64 9.40 13.39
CA ALA B 24 -18.70 10.42 12.95
C ALA B 24 -19.46 11.59 12.32
N SER B 25 -19.09 12.80 12.69
CA SER B 25 -19.76 13.99 12.19
C SER B 25 -18.75 15.07 11.87
N GLY B 26 -19.11 15.95 10.93
CA GLY B 26 -18.30 17.08 10.57
C GLY B 26 -17.29 16.86 9.47
N PHE B 27 -17.17 15.63 8.97
CA PHE B 27 -16.22 15.33 7.90
C PHE B 27 -16.78 14.19 7.07
N THR B 28 -16.19 14.00 5.89
CA THR B 28 -16.58 12.91 5.02
C THR B 28 -16.05 11.60 5.60
N PHE B 29 -16.94 10.80 6.14
CA PHE B 29 -16.52 9.60 6.86
C PHE B 29 -16.10 8.48 5.93
N SER B 30 -16.64 8.45 4.72
CA SER B 30 -16.37 7.32 3.87
C SER B 30 -14.97 7.34 3.28
N ASN B 31 -14.17 8.36 3.56
CA ASN B 31 -12.83 8.48 2.99
C ASN B 31 -11.72 7.99 3.92
N TYR B 32 -12.04 7.64 5.16
CA TYR B 32 -11.02 7.36 6.17
C TYR B 32 -11.16 5.95 6.69
N GLY B 33 -10.00 5.30 6.91
CA GLY B 33 -9.97 4.01 7.57
C GLY B 33 -9.76 4.22 9.05
N MET B 34 -10.63 3.63 9.86
CA MET B 34 -10.69 3.95 11.27
C MET B 34 -10.22 2.75 12.11
N HIS B 35 -9.81 3.05 13.34
CA HIS B 35 -9.27 2.07 14.26
C HIS B 35 -10.06 2.07 15.55
N TRP B 36 -9.96 0.96 16.29
CA TRP B 36 -10.49 0.89 17.64
C TRP B 36 -9.32 0.64 18.59
N VAL B 37 -9.25 1.41 19.66
CA VAL B 37 -8.12 1.40 20.58
C VAL B 37 -8.64 1.31 22.01
N ARG B 38 -8.07 0.41 22.81
CA ARG B 38 -8.43 0.28 24.21
C ARG B 38 -7.51 1.12 25.08
N GLN B 39 -7.95 1.40 26.29
CA GLN B 39 -7.08 2.01 27.31
C GLN B 39 -7.40 1.35 28.65
N THR B 40 -6.70 0.27 28.93
CA THR B 40 -6.92 -0.41 30.20
C THR B 40 -6.22 0.35 31.31
N PRO B 41 -6.92 0.69 32.39
CA PRO B 41 -6.24 1.33 33.52
C PRO B 41 -5.13 0.44 34.06
N GLY B 42 -4.00 1.06 34.40
CA GLY B 42 -2.83 0.28 34.74
C GLY B 42 -2.04 -0.20 33.55
N LYS B 43 -2.44 0.16 32.33
CA LYS B 43 -1.71 -0.18 31.12
C LYS B 43 -1.80 1.00 30.17
N GLY B 44 -0.95 1.01 29.15
CA GLY B 44 -1.06 1.99 28.10
C GLY B 44 -2.09 1.62 27.06
N LEU B 45 -2.21 2.47 26.06
CA LEU B 45 -3.15 2.20 24.98
C LEU B 45 -2.77 0.94 24.24
N ALA B 46 -3.77 0.17 23.82
CA ALA B 46 -3.55 -1.08 23.11
C ALA B 46 -4.43 -1.10 21.88
N TRP B 47 -3.85 -1.43 20.74
CA TRP B 47 -4.58 -1.45 19.49
C TRP B 47 -5.49 -2.67 19.41
N VAL B 48 -6.62 -2.53 18.71
CA VAL B 48 -7.62 -3.59 18.68
C VAL B 48 -7.94 -4.03 17.26
N ALA B 49 -8.40 -3.12 16.40
CA ALA B 49 -8.82 -3.53 15.07
C ALA B 49 -8.73 -2.35 14.12
N ILE B 50 -8.75 -2.65 12.83
CA ILE B 50 -8.67 -1.64 11.77
C ILE B 50 -9.66 -2.00 10.68
N ILE B 51 -10.31 -1.00 10.11
CA ILE B 51 -11.23 -1.18 8.99
C ILE B 51 -10.73 -0.33 7.83
N TRP B 52 -10.66 -0.92 6.66
CA TRP B 52 -9.89 -0.37 5.55
C TRP B 52 -10.72 0.49 4.61
N TYR B 53 -11.49 1.45 5.14
CA TYR B 53 -12.09 2.49 4.33
C TYR B 53 -13.20 1.98 3.42
N ASP B 54 -13.31 0.66 3.29
CA ASP B 54 -14.33 0.01 2.48
C ASP B 54 -15.00 -1.16 3.18
N GLY B 55 -14.39 -1.70 4.22
CA GLY B 55 -14.74 -3.02 4.70
C GLY B 55 -14.06 -4.14 3.96
N SER B 56 -13.16 -3.82 3.02
CA SER B 56 -12.52 -4.86 2.25
C SER B 56 -11.48 -5.62 3.09
N LYS B 57 -10.71 -4.90 3.89
CA LYS B 57 -9.64 -5.52 4.68
C LYS B 57 -9.82 -5.16 6.15
N THR B 58 -9.65 -6.15 7.02
CA THR B 58 -9.68 -5.93 8.45
C THR B 58 -8.53 -6.69 9.08
N TYR B 59 -7.86 -6.06 10.05
CA TYR B 59 -6.82 -6.72 10.82
C TYR B 59 -7.10 -6.52 12.29
N TYR B 60 -6.82 -7.54 13.09
CA TYR B 60 -7.10 -7.50 14.52
C TYR B 60 -5.84 -7.77 15.32
N GLU B 61 -5.85 -7.32 16.57
CA GLU B 61 -4.81 -7.73 17.50
C GLU B 61 -4.89 -9.23 17.71
N ASP B 62 -3.74 -9.85 17.96
CA ASP B 62 -3.69 -11.31 18.04
C ASP B 62 -4.51 -11.86 19.19
N SER B 63 -4.88 -11.03 20.15
CA SER B 63 -5.64 -11.46 21.31
C SER B 63 -7.15 -11.35 21.14
N VAL B 64 -7.63 -10.84 20.01
CA VAL B 64 -9.06 -10.66 19.82
C VAL B 64 -9.52 -11.30 18.52
N LYS B 65 -8.65 -12.05 17.86
CA LYS B 65 -9.04 -12.68 16.60
C LYS B 65 -10.10 -13.74 16.87
N GLY B 66 -11.18 -13.69 16.10
CA GLY B 66 -12.25 -14.65 16.23
C GLY B 66 -13.32 -14.30 17.24
N ARG B 67 -13.12 -13.25 18.03
CA ARG B 67 -14.12 -12.80 18.97
C ARG B 67 -14.61 -11.38 18.71
N PHE B 68 -13.85 -10.57 17.99
CA PHE B 68 -14.21 -9.19 17.69
C PHE B 68 -14.41 -9.06 16.19
N THR B 69 -15.49 -8.41 15.79
CA THR B 69 -15.76 -8.18 14.37
C THR B 69 -16.03 -6.70 14.17
N ILE B 70 -15.14 -6.02 13.47
CA ILE B 70 -15.27 -4.59 13.20
C ILE B 70 -15.86 -4.41 11.81
N SER B 71 -16.92 -3.63 11.72
CA SER B 71 -17.54 -3.36 10.44
C SER B 71 -18.07 -1.95 10.44
N ARG B 72 -18.08 -1.33 9.26
CA ARG B 72 -18.41 0.08 9.15
C ARG B 72 -19.57 0.26 8.19
N ASP B 73 -20.23 1.41 8.32
CA ASP B 73 -21.41 1.76 7.52
C ASP B 73 -21.22 3.19 7.02
N ASN B 74 -20.69 3.34 5.81
CA ASN B 74 -20.46 4.67 5.25
C ASN B 74 -21.76 5.43 5.02
N SER B 75 -22.88 4.73 4.91
CA SER B 75 -24.14 5.42 4.65
C SER B 75 -24.61 6.23 5.84
N LYS B 76 -24.41 5.73 7.05
CA LYS B 76 -24.84 6.42 8.27
C LYS B 76 -23.69 7.03 9.04
N ASN B 77 -22.47 6.98 8.51
CA ASN B 77 -21.29 7.47 9.22
C ASN B 77 -21.21 6.83 10.61
N THR B 78 -21.01 5.52 10.61
CA THR B 78 -21.04 4.79 11.87
C THR B 78 -20.10 3.59 11.79
N LEU B 79 -19.33 3.37 12.85
CA LEU B 79 -18.51 2.18 13.04
C LEU B 79 -19.21 1.19 13.96
N TYR B 80 -18.78 -0.06 13.90
CA TYR B 80 -19.28 -1.08 14.80
C TYR B 80 -18.15 -2.01 15.17
N LEU B 81 -18.08 -2.41 16.43
CA LEU B 81 -17.13 -3.43 16.88
C LEU B 81 -17.93 -4.44 17.70
N GLN B 82 -18.43 -5.48 17.04
CA GLN B 82 -19.24 -6.48 17.70
C GLN B 82 -18.33 -7.39 18.50
N MET B 83 -18.43 -7.33 19.82
CA MET B 83 -17.56 -8.09 20.71
C MET B 83 -18.30 -9.33 21.19
N ASN B 84 -17.74 -10.50 20.88
CA ASN B 84 -18.34 -11.77 21.24
C ASN B 84 -17.48 -12.49 22.27
N SER B 85 -18.14 -13.24 23.15
CA SER B 85 -17.48 -14.04 24.16
C SER B 85 -16.51 -13.20 24.99
N LEU B 86 -17.08 -12.21 25.67
CA LEU B 86 -16.29 -11.32 26.50
C LEU B 86 -15.71 -12.03 27.71
N ARG B 87 -14.56 -11.55 28.16
CA ARG B 87 -13.89 -12.08 29.34
C ARG B 87 -13.51 -10.93 30.25
N VAL B 88 -13.06 -11.26 31.46
CA VAL B 88 -12.74 -10.23 32.45
C VAL B 88 -11.56 -9.37 32.02
N ASP B 89 -10.76 -9.84 31.07
CA ASP B 89 -9.61 -9.06 30.60
C ASP B 89 -10.09 -7.79 29.90
N ASP B 90 -11.13 -7.87 29.11
CA ASP B 90 -11.51 -6.78 28.22
C ASP B 90 -12.12 -5.61 28.92
N THR B 91 -12.05 -5.44 30.23
CA THR B 91 -12.59 -4.23 30.85
C THR B 91 -11.66 -3.06 30.56
N ALA B 92 -12.05 -2.20 29.64
CA ALA B 92 -11.21 -1.08 29.24
C ALA B 92 -12.07 -0.05 28.55
N VAL B 93 -11.51 1.14 28.39
CA VAL B 93 -12.17 2.21 27.66
C VAL B 93 -11.79 2.11 26.20
N TYR B 94 -12.77 2.12 25.31
CA TYR B 94 -12.55 1.92 23.89
C TYR B 94 -12.64 3.25 23.15
N TYR B 95 -11.62 3.56 22.36
CA TYR B 95 -11.52 4.80 21.62
C TYR B 95 -11.61 4.53 20.13
N CYS B 96 -12.25 5.42 19.39
CA CYS B 96 -12.18 5.43 17.94
C CYS B 96 -11.01 6.28 17.50
N ALA B 97 -10.41 5.92 16.37
CA ALA B 97 -9.30 6.69 15.86
C ALA B 97 -9.45 6.85 14.36
N ARG B 98 -9.05 8.00 13.83
CA ARG B 98 -9.11 8.27 12.42
C ARG B 98 -7.70 8.38 11.85
N VAL B 99 -7.43 7.68 10.76
CA VAL B 99 -6.11 7.69 10.18
C VAL B 99 -5.93 8.96 9.35
N ARG B 100 -4.82 9.65 9.56
CA ARG B 100 -4.54 10.89 8.85
C ARG B 100 -4.25 10.62 7.39
N HIS B 101 -4.60 11.60 6.54
CA HIS B 101 -4.23 11.53 5.15
C HIS B 101 -2.72 11.63 5.00
N SER B 102 -2.14 10.77 4.17
CA SER B 102 -0.70 10.77 3.94
C SER B 102 -0.44 10.75 2.45
N SER B 103 0.53 11.55 2.01
CA SER B 103 0.85 11.61 0.59
C SER B 103 1.80 10.48 0.23
N SER B 104 1.46 9.26 0.61
CA SER B 104 2.32 8.11 0.37
C SER B 104 1.46 6.87 0.43
N ARG B 105 2.08 5.71 0.58
CA ARG B 105 1.34 4.47 0.75
C ARG B 105 1.57 3.83 2.12
N HIS B 106 2.26 4.50 3.03
CA HIS B 106 2.70 3.88 4.28
C HIS B 106 1.83 4.24 5.48
N GLY B 107 0.69 4.89 5.27
CA GLY B 107 -0.21 5.17 6.37
C GLY B 107 0.21 6.40 7.14
N SER B 108 -0.52 6.66 8.22
CA SER B 108 -0.22 7.80 9.06
C SER B 108 -0.85 7.59 10.44
N ALA B 109 -0.63 8.55 11.33
CA ALA B 109 -1.03 8.41 12.71
C ALA B 109 -2.51 8.72 12.88
N PHE B 110 -2.98 8.61 14.11
CA PHE B 110 -4.40 8.78 14.45
C PHE B 110 -4.61 10.20 14.93
N ASP B 111 -5.23 11.04 14.10
CA ASP B 111 -5.40 12.42 14.51
C ASP B 111 -6.67 12.65 15.33
N LEU B 112 -7.81 12.19 14.85
CA LEU B 112 -9.08 12.40 15.53
C LEU B 112 -9.38 11.23 16.45
N TRP B 113 -9.50 11.51 17.74
CA TRP B 113 -9.81 10.50 18.72
C TRP B 113 -11.12 10.84 19.40
N GLY B 114 -11.88 9.81 19.75
CA GLY B 114 -13.13 10.01 20.44
C GLY B 114 -12.92 10.24 21.92
N GLN B 115 -14.04 10.26 22.66
CA GLN B 115 -14.00 10.50 24.09
C GLN B 115 -14.02 9.22 24.92
N GLY B 116 -14.26 8.07 24.29
CA GLY B 116 -14.16 6.82 25.01
C GLY B 116 -15.45 6.35 25.65
N THR B 117 -15.78 5.08 25.46
CA THR B 117 -16.91 4.45 26.10
C THR B 117 -16.40 3.33 27.00
N LEU B 118 -16.89 3.30 28.23
CA LEU B 118 -16.36 2.38 29.23
C LEU B 118 -17.09 1.04 29.13
N VAL B 119 -16.31 -0.03 28.98
CA VAL B 119 -16.84 -1.39 28.92
C VAL B 119 -16.36 -2.13 30.15
N THR B 120 -17.29 -2.62 30.96
CA THR B 120 -16.97 -3.37 32.16
C THR B 120 -17.48 -4.79 32.03
N VAL B 121 -16.59 -5.76 32.24
CA VAL B 121 -16.93 -7.17 32.18
C VAL B 121 -16.64 -7.77 33.54
N SER B 122 -17.70 -8.06 34.30
CA SER B 122 -17.53 -8.62 35.63
C SER B 122 -18.81 -9.32 36.04
N SER B 123 -18.69 -10.15 37.07
CA SER B 123 -19.83 -10.91 37.58
C SER B 123 -20.41 -10.26 38.84
N ILE C 2 6.94 -5.25 18.28
CA ILE C 2 7.79 -4.12 18.65
C ILE C 2 7.41 -3.63 20.03
N GLN C 3 8.28 -3.85 21.00
CA GLN C 3 8.05 -3.38 22.37
C GLN C 3 8.56 -1.95 22.49
N MET C 4 7.70 -1.07 22.98
CA MET C 4 8.01 0.36 23.04
C MET C 4 7.96 0.82 24.48
N THR C 5 9.03 1.46 24.93
CA THR C 5 9.14 1.93 26.30
C THR C 5 9.54 3.39 26.32
N GLN C 6 9.12 4.09 27.37
CA GLN C 6 9.41 5.51 27.53
C GLN C 6 10.06 5.76 28.88
N SER C 7 10.94 6.74 28.94
CA SER C 7 11.59 7.14 30.17
C SER C 7 11.79 8.65 30.15
N PRO C 8 11.69 9.31 31.29
CA PRO C 8 11.36 8.80 32.62
C PRO C 8 9.86 8.60 32.77
N SER C 9 9.42 7.73 33.68
CA SER C 9 7.99 7.45 33.78
C SER C 9 7.22 8.64 34.33
N THR C 10 7.79 9.37 35.28
CA THR C 10 7.16 10.58 35.81
C THR C 10 8.17 11.70 35.80
N LEU C 11 7.80 12.82 35.21
CA LEU C 11 8.73 13.92 34.99
C LEU C 11 8.18 15.18 35.65
N SER C 12 8.71 15.52 36.82
CA SER C 12 8.31 16.75 37.49
C SER C 12 8.95 17.94 36.79
N ALA C 13 8.15 18.96 36.50
CA ALA C 13 8.67 20.15 35.87
C ALA C 13 7.81 21.35 36.26
N SER C 14 8.38 22.53 36.12
CA SER C 14 7.71 23.78 36.47
C SER C 14 7.40 24.56 35.21
N VAL C 15 6.57 25.60 35.36
CA VAL C 15 6.15 26.39 34.21
C VAL C 15 7.33 27.17 33.67
N GLY C 16 7.56 27.06 32.37
CA GLY C 16 8.68 27.69 31.72
C GLY C 16 9.94 26.86 31.66
N ASP C 17 9.94 25.67 32.25
CA ASP C 17 11.11 24.79 32.21
C ASP C 17 11.20 24.08 30.86
N ARG C 18 12.26 23.33 30.67
CA ARG C 18 12.48 22.55 29.46
C ARG C 18 12.25 21.08 29.75
N VAL C 19 11.53 20.40 28.88
CA VAL C 19 11.12 19.01 29.10
C VAL C 19 11.56 18.17 27.92
N THR C 20 12.17 17.02 28.20
CA THR C 20 12.52 16.05 27.17
C THR C 20 12.05 14.67 27.61
N ILE C 21 11.35 13.98 26.72
CA ILE C 21 10.82 12.65 26.98
C ILE C 21 11.42 11.69 25.98
N THR C 22 11.97 10.59 26.45
CA THR C 22 12.71 9.66 25.61
C THR C 22 11.88 8.41 25.35
N CYS C 23 11.74 8.06 24.07
CA CYS C 23 11.00 6.89 23.66
C CYS C 23 11.95 5.93 22.95
N ARG C 24 12.02 4.69 23.42
CA ARG C 24 12.93 3.70 22.88
C ARG C 24 12.15 2.51 22.33
N ALA C 25 12.54 2.06 21.14
CA ALA C 25 11.87 0.96 20.46
C ALA C 25 12.75 -0.27 20.48
N SER C 26 12.15 -1.43 20.73
CA SER C 26 12.92 -2.66 20.77
C SER C 26 13.45 -3.07 19.42
N GLN C 27 12.93 -2.50 18.33
CA GLN C 27 13.43 -2.80 16.99
C GLN C 27 13.51 -1.50 16.21
N SER C 28 14.09 -1.58 15.03
CA SER C 28 14.20 -0.41 14.18
C SER C 28 12.83 -0.06 13.60
N VAL C 29 12.31 1.10 13.96
CA VAL C 29 11.04 1.59 13.43
C VAL C 29 11.25 2.70 12.41
N SER C 30 12.48 2.89 11.93
CA SER C 30 12.81 3.89 10.92
C SER C 30 12.36 5.25 11.45
N THR C 31 11.56 6.01 10.73
CA THR C 31 11.07 7.30 11.19
C THR C 31 9.59 7.28 11.48
N TRP C 32 8.96 6.11 11.53
CA TRP C 32 7.53 5.98 11.75
C TRP C 32 7.27 6.00 13.25
N LEU C 33 6.89 7.16 13.78
CA LEU C 33 6.60 7.29 15.19
C LEU C 33 5.78 8.54 15.41
N ALA C 34 4.87 8.50 16.36
CA ALA C 34 3.98 9.63 16.64
C ALA C 34 3.85 9.83 18.14
N TRP C 35 3.65 11.07 18.54
CA TRP C 35 3.56 11.43 19.95
C TRP C 35 2.17 11.94 20.26
N TYR C 36 1.64 11.59 21.42
CA TYR C 36 0.27 11.90 21.79
C TYR C 36 0.25 12.67 23.10
N GLN C 37 -0.96 13.07 23.51
CA GLN C 37 -1.13 13.80 24.75
C GLN C 37 -2.55 13.58 25.24
N GLN C 38 -2.71 12.99 26.41
CA GLN C 38 -4.03 12.64 26.93
C GLN C 38 -4.23 13.26 28.30
N LYS C 39 -4.87 14.42 28.36
CA LYS C 39 -5.23 14.97 29.64
C LYS C 39 -6.28 14.07 30.30
N PRO C 40 -6.36 14.07 31.63
CA PRO C 40 -7.29 13.15 32.29
C PRO C 40 -8.72 13.38 31.85
N GLY C 41 -9.42 12.27 31.58
CA GLY C 41 -10.81 12.31 31.20
C GLY C 41 -11.10 12.62 29.75
N GLN C 42 -10.09 12.82 28.92
CA GLN C 42 -10.28 13.16 27.52
C GLN C 42 -9.60 12.11 26.65
N GLY C 43 -9.69 12.32 25.35
CA GLY C 43 -9.07 11.42 24.39
C GLY C 43 -7.77 12.00 23.88
N PRO C 44 -6.80 11.13 23.62
CA PRO C 44 -5.48 11.62 23.22
C PRO C 44 -5.53 12.40 21.93
N LYS C 45 -4.67 13.42 21.84
CA LYS C 45 -4.62 14.32 20.71
C LYS C 45 -3.24 14.20 20.07
N LEU C 46 -3.21 14.02 18.76
CA LEU C 46 -1.94 13.89 18.07
C LEU C 46 -1.16 15.20 18.11
N LEU C 47 0.15 15.10 18.37
CA LEU C 47 1.03 16.26 18.39
C LEU C 47 2.09 16.21 17.31
N ILE C 48 2.81 15.10 17.21
CA ILE C 48 3.91 14.97 16.26
C ILE C 48 3.70 13.69 15.47
N TYR C 49 3.84 13.76 14.15
CA TYR C 49 3.75 12.58 13.31
C TYR C 49 5.01 12.46 12.48
N GLU C 50 5.40 11.22 12.19
CA GLU C 50 6.68 10.90 11.54
C GLU C 50 7.86 11.37 12.36
N ALA C 51 7.66 11.53 13.67
CA ALA C 51 8.70 11.81 14.65
C ALA C 51 9.32 13.19 14.50
N SER C 52 8.97 13.91 13.45
CA SER C 52 9.49 15.28 13.36
C SER C 52 8.42 16.31 13.05
N SER C 53 7.46 15.99 12.20
CA SER C 53 6.49 16.97 11.73
C SER C 53 5.44 17.24 12.80
N LEU C 54 4.94 18.47 12.81
CA LEU C 54 3.92 18.90 13.76
C LEU C 54 2.54 18.85 13.12
N GLU C 55 1.58 18.31 13.86
CA GLU C 55 0.19 18.31 13.41
C GLU C 55 -0.35 19.74 13.41
N SER C 56 -1.27 20.01 12.49
CA SER C 56 -1.87 21.33 12.38
C SER C 56 -2.61 21.69 13.66
N GLY C 57 -2.37 22.90 14.16
CA GLY C 57 -2.93 23.35 15.41
C GLY C 57 -2.06 23.13 16.62
N VAL C 58 -1.02 22.32 16.49
CA VAL C 58 -0.10 22.08 17.62
C VAL C 58 0.77 23.32 17.81
N PRO C 59 0.95 23.80 19.05
CA PRO C 59 1.81 24.97 19.26
C PRO C 59 3.25 24.69 18.85
N SER C 60 3.95 25.75 18.46
CA SER C 60 5.32 25.61 17.99
C SER C 60 6.30 25.18 19.07
N ARG C 61 5.87 25.19 20.34
CA ARG C 61 6.76 24.77 21.42
C ARG C 61 7.19 23.32 21.26
N PHE C 62 6.25 22.45 20.90
CA PHE C 62 6.55 21.04 20.79
C PHE C 62 7.48 20.78 19.61
N SER C 63 8.44 19.89 19.82
CA SER C 63 9.32 19.46 18.75
C SER C 63 9.81 18.05 19.06
N GLY C 64 10.11 17.30 18.02
CA GLY C 64 10.60 15.94 18.20
C GLY C 64 11.69 15.64 17.21
N SER C 65 12.49 14.62 17.54
CA SER C 65 13.61 14.27 16.69
C SER C 65 14.00 12.83 16.96
N GLY C 66 14.79 12.28 16.05
CA GLY C 66 15.36 10.96 16.21
C GLY C 66 15.04 10.05 15.05
N SER C 67 15.70 8.89 15.06
CA SER C 67 15.42 7.84 14.08
C SER C 67 15.98 6.54 14.61
N GLY C 68 15.61 5.45 13.95
CA GLY C 68 16.07 4.14 14.38
C GLY C 68 15.30 3.63 15.57
N THR C 69 15.92 3.66 16.74
CA THR C 69 15.29 3.16 17.95
C THR C 69 15.26 4.18 19.08
N GLU C 70 15.76 5.39 18.86
CA GLU C 70 15.85 6.39 19.92
C GLU C 70 15.17 7.66 19.46
N PHE C 71 14.11 8.05 20.16
CA PHE C 71 13.35 9.25 19.82
C PHE C 71 13.15 10.09 21.06
N THR C 72 13.10 11.41 20.88
CA THR C 72 12.88 12.32 22.00
C THR C 72 11.89 13.39 21.60
N LEU C 73 11.10 13.83 22.57
CA LEU C 73 10.12 14.90 22.40
C LEU C 73 10.50 16.02 23.35
N THR C 74 10.72 17.21 22.80
CA THR C 74 11.24 18.34 23.57
C THR C 74 10.20 19.45 23.60
N ILE C 75 9.84 19.89 24.80
CA ILE C 75 8.97 21.03 24.99
C ILE C 75 9.86 22.21 25.36
N SER C 76 9.99 23.18 24.47
CA SER C 76 10.93 24.27 24.68
C SER C 76 10.56 25.09 25.91
N SER C 77 9.27 25.36 26.09
CA SER C 77 8.80 26.16 27.23
C SER C 77 7.51 25.54 27.73
N LEU C 78 7.55 24.94 28.91
CA LEU C 78 6.37 24.28 29.45
C LEU C 78 5.33 25.30 29.89
N GLN C 79 4.12 25.12 29.45
CA GLN C 79 3.01 26.00 29.79
C GLN C 79 2.10 25.32 30.81
N PRO C 80 1.23 26.07 31.49
CA PRO C 80 0.25 25.42 32.37
C PRO C 80 -0.71 24.52 31.62
N ASP C 81 -0.86 24.72 30.32
CA ASP C 81 -1.70 23.84 29.51
C ASP C 81 -1.07 22.46 29.36
N ASP C 82 0.24 22.38 29.24
CA ASP C 82 0.90 21.18 28.76
C ASP C 82 1.16 20.14 29.83
N PHE C 83 0.41 20.12 30.92
CA PHE C 83 0.59 19.12 31.97
C PHE C 83 -0.35 17.95 31.71
N ALA C 84 0.15 16.91 31.05
CA ALA C 84 -0.68 15.77 30.69
C ALA C 84 0.21 14.56 30.47
N THR C 85 -0.41 13.42 30.18
CA THR C 85 0.32 12.19 29.93
C THR C 85 0.64 12.07 28.45
N TYR C 86 1.91 11.84 28.13
CA TYR C 86 2.37 11.78 26.75
C TYR C 86 2.67 10.34 26.34
N TYR C 87 2.14 9.92 25.21
CA TYR C 87 2.26 8.55 24.72
C TYR C 87 3.04 8.53 23.42
N CYS C 88 3.74 7.41 23.19
CA CYS C 88 4.59 7.24 22.02
C CYS C 88 4.08 6.07 21.22
N GLN C 89 3.84 6.27 19.93
CA GLN C 89 3.31 5.21 19.08
C GLN C 89 4.26 4.93 17.94
N GLN C 90 4.36 3.66 17.53
CA GLN C 90 5.12 3.29 16.36
C GLN C 90 4.23 2.57 15.37
N TYR C 91 4.38 2.89 14.09
CA TYR C 91 3.67 2.18 13.02
C TYR C 91 4.68 1.87 11.92
N ASN C 92 5.41 0.77 12.09
CA ASN C 92 6.43 0.40 11.13
C ASN C 92 5.79 -0.10 9.84
N SER C 93 6.62 -0.53 8.90
CA SER C 93 6.10 -0.98 7.62
C SER C 93 5.24 -2.23 7.79
N TYR C 94 5.84 -3.32 8.26
CA TYR C 94 5.12 -4.59 8.39
C TYR C 94 4.71 -4.89 9.82
N SER C 95 4.82 -3.92 10.71
CA SER C 95 4.45 -4.10 12.10
C SER C 95 3.15 -3.34 12.40
N PHE C 96 2.41 -3.84 13.36
CA PHE C 96 1.16 -3.22 13.73
C PHE C 96 1.42 -2.07 14.69
N TRP C 97 0.37 -1.32 14.98
CA TRP C 97 0.49 -0.15 15.84
C TRP C 97 0.58 -0.58 17.30
N THR C 98 1.58 -0.05 18.00
CA THR C 98 1.77 -0.30 19.43
C THR C 98 2.08 1.00 20.13
N PHE C 99 1.72 1.09 21.40
CA PHE C 99 1.83 2.32 22.16
C PHE C 99 2.73 2.12 23.38
N GLY C 100 3.36 3.20 23.80
CA GLY C 100 4.19 3.18 24.99
C GLY C 100 3.35 3.26 26.25
N GLN C 101 4.04 3.15 27.38
CA GLN C 101 3.32 3.16 28.66
C GLN C 101 2.83 4.55 29.02
N GLY C 102 3.53 5.59 28.58
CA GLY C 102 3.11 6.94 28.86
C GLY C 102 3.79 7.57 30.07
N THR C 103 4.41 8.72 29.88
CA THR C 103 5.01 9.47 30.97
C THR C 103 4.10 10.61 31.36
N LYS C 104 3.95 10.81 32.66
CA LYS C 104 3.03 11.82 33.19
C LYS C 104 3.84 13.03 33.64
N VAL C 105 3.49 14.20 33.12
CA VAL C 105 4.15 15.44 33.48
C VAL C 105 3.35 16.11 34.58
N GLU C 106 3.98 16.35 35.72
CA GLU C 106 3.30 16.90 36.88
C GLU C 106 3.95 18.22 37.30
N ILE C 107 3.16 19.06 37.98
CA ILE C 107 3.68 20.32 38.48
C ILE C 107 4.66 20.07 39.61
N LYS C 108 5.72 20.86 39.67
CA LYS C 108 6.78 20.65 40.63
C LYS C 108 6.46 21.26 41.98
N VAL D 2 26.00 -4.22 30.87
CA VAL D 2 27.07 -5.13 30.48
C VAL D 2 26.87 -6.47 31.16
N GLN D 3 26.17 -7.39 30.49
CA GLN D 3 25.89 -8.69 31.04
C GLN D 3 26.05 -9.75 29.96
N LEU D 4 26.66 -10.87 30.33
CA LEU D 4 26.93 -11.99 29.42
C LEU D 4 26.61 -13.28 30.16
N VAL D 5 25.56 -13.97 29.73
CA VAL D 5 25.02 -15.12 30.45
C VAL D 5 25.11 -16.36 29.57
N GLU D 6 25.63 -17.44 30.12
CA GLU D 6 25.65 -18.73 29.44
C GLU D 6 24.46 -19.58 29.89
N SER D 7 24.24 -20.68 29.17
CA SER D 7 23.13 -21.58 29.44
C SER D 7 23.36 -22.87 28.66
N GLY D 8 22.44 -23.81 28.81
CA GLY D 8 22.47 -25.04 28.04
C GLY D 8 23.30 -26.16 28.61
N GLY D 9 23.76 -26.06 29.86
CA GLY D 9 24.54 -27.11 30.47
C GLY D 9 23.70 -28.30 30.89
N GLY D 10 24.38 -29.34 31.35
CA GLY D 10 23.69 -30.54 31.78
C GLY D 10 24.63 -31.73 31.78
N VAL D 11 24.02 -32.92 31.82
CA VAL D 11 24.74 -34.18 31.89
C VAL D 11 24.35 -35.03 30.69
N VAL D 12 25.35 -35.52 29.95
CA VAL D 12 25.13 -36.35 28.78
C VAL D 12 26.06 -37.55 28.83
N GLN D 13 25.69 -38.59 28.10
CA GLN D 13 26.51 -39.78 27.95
C GLN D 13 27.61 -39.54 26.92
N PRO D 14 28.75 -40.21 27.04
CA PRO D 14 29.78 -40.11 26.01
C PRO D 14 29.25 -40.52 24.65
N GLY D 15 29.70 -39.81 23.62
CA GLY D 15 29.26 -40.06 22.26
C GLY D 15 28.04 -39.28 21.84
N ARG D 16 27.39 -38.57 22.75
CA ARG D 16 26.22 -37.78 22.41
C ARG D 16 26.64 -36.39 21.93
N SER D 17 25.65 -35.56 21.61
CA SER D 17 25.89 -34.20 21.14
C SER D 17 25.13 -33.23 22.02
N LEU D 18 25.83 -32.21 22.51
CA LEU D 18 25.25 -31.19 23.37
C LEU D 18 25.63 -29.82 22.85
N THR D 19 24.66 -28.91 22.82
CA THR D 19 24.89 -27.56 22.35
C THR D 19 24.68 -26.57 23.50
N LEU D 20 25.44 -25.48 23.46
CA LEU D 20 25.41 -24.45 24.50
C LEU D 20 24.95 -23.14 23.91
N SER D 21 24.53 -22.23 24.79
CA SER D 21 24.08 -20.91 24.40
C SER D 21 24.73 -19.87 25.30
N CYS D 22 24.77 -18.64 24.81
CA CYS D 22 25.45 -17.56 25.51
C CYS D 22 24.85 -16.24 25.06
N ALA D 23 24.10 -15.59 25.93
CA ALA D 23 23.40 -14.35 25.60
C ALA D 23 24.17 -13.15 26.11
N ALA D 24 24.22 -12.10 25.30
CA ALA D 24 24.89 -10.87 25.67
C ALA D 24 23.87 -9.74 25.79
N SER D 25 24.01 -8.94 26.85
CA SER D 25 23.11 -7.82 27.07
C SER D 25 23.86 -6.70 27.76
N GLY D 26 23.35 -5.48 27.60
CA GLY D 26 23.98 -4.30 28.15
C GLY D 26 25.00 -3.64 27.25
N PHE D 27 25.36 -4.29 26.14
CA PHE D 27 26.30 -3.72 25.19
C PHE D 27 25.97 -4.26 23.82
N THR D 28 26.46 -3.57 22.79
CA THR D 28 26.18 -4.01 21.44
C THR D 28 27.01 -5.26 21.15
N PHE D 29 26.31 -6.38 20.92
CA PHE D 29 26.99 -7.65 20.72
C PHE D 29 27.57 -7.78 19.33
N SER D 30 27.00 -7.09 18.36
CA SER D 30 27.47 -7.24 17.00
C SER D 30 28.84 -6.64 16.78
N ASN D 31 29.40 -5.94 17.77
CA ASN D 31 30.67 -5.23 17.59
C ASN D 31 31.83 -5.87 18.33
N TYR D 32 31.70 -7.14 18.75
CA TYR D 32 32.75 -7.78 19.52
C TYR D 32 32.93 -9.23 19.07
N GLY D 33 34.20 -9.65 18.93
CA GLY D 33 34.50 -11.05 18.80
C GLY D 33 34.48 -11.74 20.14
N MET D 34 34.28 -13.06 20.13
CA MET D 34 34.04 -13.77 21.38
C MET D 34 34.90 -15.03 21.43
N HIS D 35 35.13 -15.50 22.66
CA HIS D 35 35.90 -16.70 22.93
C HIS D 35 35.09 -17.62 23.84
N TRP D 36 35.41 -18.91 23.79
CA TRP D 36 34.91 -19.87 24.75
C TRP D 36 36.10 -20.48 25.48
N VAL D 37 36.07 -20.44 26.80
CA VAL D 37 37.17 -20.92 27.62
C VAL D 37 36.63 -21.92 28.64
N ARG D 38 37.29 -23.06 28.75
CA ARG D 38 36.88 -24.11 29.67
C ARG D 38 37.69 -24.02 30.96
N GLN D 39 37.12 -24.57 32.03
CA GLN D 39 37.77 -24.63 33.35
C GLN D 39 37.57 -26.02 33.94
N THR D 40 38.59 -26.87 33.80
CA THR D 40 38.56 -28.20 34.37
C THR D 40 39.09 -28.15 35.80
N PRO D 41 38.31 -28.56 36.79
CA PRO D 41 38.83 -28.65 38.16
C PRO D 41 40.20 -29.32 38.21
N GLY D 42 41.12 -28.69 38.94
CA GLY D 42 42.50 -29.13 39.00
C GLY D 42 43.39 -28.58 37.91
N LYS D 43 42.84 -27.86 36.93
CA LYS D 43 43.61 -27.27 35.86
C LYS D 43 43.22 -25.82 35.69
N GLY D 44 44.06 -25.09 34.96
CA GLY D 44 43.82 -23.68 34.69
C GLY D 44 42.92 -23.46 33.49
N LEU D 45 42.78 -22.19 33.12
CA LEU D 45 41.95 -21.84 31.97
C LEU D 45 42.55 -22.43 30.70
N ALA D 46 41.67 -22.84 29.78
CA ALA D 46 42.09 -23.41 28.51
C ALA D 46 41.20 -22.85 27.41
N TRP D 47 41.81 -22.32 26.36
CA TRP D 47 41.07 -21.77 25.24
C TRP D 47 40.44 -22.88 24.41
N VAL D 48 39.29 -22.57 23.80
CA VAL D 48 38.57 -23.56 23.00
C VAL D 48 38.35 -23.06 21.59
N ALA D 49 37.64 -21.94 21.42
CA ALA D 49 37.30 -21.45 20.09
C ALA D 49 37.14 -19.94 20.12
N ILE D 50 37.25 -19.33 18.95
CA ILE D 50 37.13 -17.89 18.79
C ILE D 50 36.29 -17.60 17.55
N ILE D 51 35.40 -16.60 17.66
CA ILE D 51 34.55 -16.20 16.55
C ILE D 51 34.91 -14.77 16.17
N TRP D 52 35.01 -14.52 14.86
CA TRP D 52 35.56 -13.27 14.35
C TRP D 52 34.50 -12.23 14.06
N TYR D 53 33.62 -11.97 15.02
CA TYR D 53 32.71 -10.82 14.96
C TYR D 53 31.67 -10.92 13.85
N ASP D 54 31.84 -11.87 12.93
CA ASP D 54 30.90 -12.13 11.85
C ASP D 54 30.61 -13.60 11.61
N GLY D 55 31.34 -14.51 12.25
CA GLY D 55 31.35 -15.89 11.82
C GLY D 55 32.22 -16.16 10.62
N SER D 56 32.90 -15.13 10.11
CA SER D 56 33.70 -15.29 8.89
C SER D 56 34.92 -16.15 9.13
N LYS D 57 35.53 -16.04 10.31
CA LYS D 57 36.73 -16.81 10.63
C LYS D 57 36.58 -17.46 11.98
N THR D 58 36.97 -18.72 12.07
CA THR D 58 36.94 -19.47 13.31
C THR D 58 38.27 -20.19 13.51
N TYR D 59 38.66 -20.36 14.76
CA TYR D 59 39.85 -21.13 15.09
C TYR D 59 39.57 -21.95 16.33
N TYR D 60 40.09 -23.17 16.36
CA TYR D 60 39.78 -24.11 17.44
C TYR D 60 41.07 -24.63 18.07
N GLU D 61 40.95 -25.10 19.30
CA GLU D 61 42.04 -25.81 19.95
C GLU D 61 42.28 -27.14 19.24
N ASP D 62 43.54 -27.56 19.20
CA ASP D 62 43.89 -28.79 18.50
C ASP D 62 43.18 -30.01 19.06
N SER D 63 42.73 -29.95 20.32
CA SER D 63 42.08 -31.08 20.95
C SER D 63 40.61 -31.22 20.59
N VAL D 64 40.00 -30.20 20.00
CA VAL D 64 38.57 -30.24 19.74
C VAL D 64 38.28 -29.91 18.28
N LYS D 65 39.32 -29.87 17.45
CA LYS D 65 39.12 -29.62 16.03
C LYS D 65 38.38 -30.78 15.39
N GLY D 66 37.36 -30.47 14.59
CA GLY D 66 36.57 -31.47 13.93
C GLY D 66 35.38 -31.97 14.72
N ARG D 67 35.26 -31.60 16.00
CA ARG D 67 34.13 -31.99 16.82
C ARG D 67 33.38 -30.82 17.42
N PHE D 68 33.95 -29.62 17.43
CA PHE D 68 33.35 -28.45 18.03
C PHE D 68 33.01 -27.44 16.94
N THR D 69 31.82 -26.83 17.04
CA THR D 69 31.40 -25.78 16.14
C THR D 69 31.02 -24.56 16.94
N ILE D 70 31.56 -23.40 16.57
CA ILE D 70 31.24 -22.13 17.21
C ILE D 70 30.61 -21.22 16.18
N SER D 71 29.46 -20.64 16.52
CA SER D 71 28.75 -19.74 15.62
C SER D 71 27.92 -18.78 16.43
N ARG D 72 27.69 -17.60 15.87
CA ARG D 72 27.02 -16.51 16.58
C ARG D 72 25.85 -16.01 15.76
N ASP D 73 24.87 -15.45 16.45
CA ASP D 73 23.67 -14.88 15.84
C ASP D 73 23.58 -13.43 16.29
N ASN D 74 24.05 -12.52 15.43
CA ASN D 74 24.09 -11.10 15.80
C ASN D 74 22.71 -10.49 15.91
N SER D 75 21.68 -11.13 15.34
CA SER D 75 20.34 -10.57 15.43
C SER D 75 19.73 -10.78 16.80
N LYS D 76 20.14 -11.83 17.53
CA LYS D 76 19.61 -12.12 18.85
C LYS D 76 20.65 -11.94 19.95
N ASN D 77 21.88 -11.55 19.60
CA ASN D 77 22.96 -11.36 20.57
C ASN D 77 23.25 -12.64 21.35
N THR D 78 23.40 -13.74 20.62
CA THR D 78 23.66 -15.04 21.22
C THR D 78 24.90 -15.68 20.61
N LEU D 79 25.53 -16.56 21.39
CA LEU D 79 26.62 -17.40 20.93
C LEU D 79 26.20 -18.86 21.01
N TYR D 80 26.73 -19.67 20.10
CA TYR D 80 26.42 -21.08 20.05
C TYR D 80 27.71 -21.86 19.91
N LEU D 81 28.03 -22.69 20.90
CA LEU D 81 29.13 -23.64 20.84
C LEU D 81 28.52 -25.03 20.93
N GLN D 82 28.39 -25.70 19.79
CA GLN D 82 27.83 -27.04 19.75
C GLN D 82 28.95 -28.07 19.90
N MET D 83 28.77 -29.00 20.80
CA MET D 83 29.75 -30.05 21.07
C MET D 83 29.23 -31.36 20.52
N ASN D 84 30.01 -32.00 19.66
CA ASN D 84 29.66 -33.28 19.07
C ASN D 84 30.66 -34.34 19.52
N SER D 85 30.14 -35.52 19.83
CA SER D 85 30.96 -36.64 20.31
C SER D 85 31.74 -36.24 21.57
N LEU D 86 30.99 -35.91 22.62
CA LEU D 86 31.59 -35.49 23.87
C LEU D 86 32.33 -36.65 24.51
N ARG D 87 33.45 -36.34 25.17
CA ARG D 87 34.26 -37.32 25.87
C ARG D 87 34.36 -36.95 27.34
N VAL D 88 34.93 -37.85 28.13
CA VAL D 88 35.04 -37.62 29.57
C VAL D 88 35.97 -36.45 29.86
N ASP D 89 36.98 -36.23 29.02
CA ASP D 89 37.94 -35.16 29.28
C ASP D 89 37.37 -33.77 29.06
N ASP D 90 36.18 -33.65 28.48
CA ASP D 90 35.56 -32.36 28.26
C ASP D 90 34.75 -31.88 29.46
N THR D 91 34.77 -32.62 30.56
CA THR D 91 34.05 -32.22 31.77
C THR D 91 34.70 -30.98 32.36
N ALA D 92 34.05 -29.83 32.20
CA ALA D 92 34.58 -28.57 32.68
C ALA D 92 33.46 -27.54 32.67
N VAL D 93 33.78 -26.34 33.14
CA VAL D 93 32.87 -25.21 33.10
C VAL D 93 33.28 -24.32 31.94
N TYR D 94 32.32 -23.99 31.08
CA TYR D 94 32.60 -23.24 29.85
C TYR D 94 32.20 -21.78 30.06
N TYR D 95 33.16 -20.88 29.86
CA TYR D 95 32.97 -19.44 30.03
C TYR D 95 32.97 -18.76 28.67
N CYS D 96 32.16 -17.74 28.52
CA CYS D 96 32.25 -16.85 27.36
C CYS D 96 33.18 -15.71 27.69
N ALA D 97 34.02 -15.34 26.72
CA ALA D 97 34.96 -14.26 26.91
C ALA D 97 34.79 -13.24 25.78
N ARG D 98 34.87 -11.97 26.14
CA ARG D 98 34.75 -10.88 25.18
C ARG D 98 36.10 -10.21 24.99
N VAL D 99 36.49 -10.00 23.73
CA VAL D 99 37.75 -9.33 23.43
C VAL D 99 37.53 -7.83 23.53
N ARG D 100 38.34 -7.17 24.37
CA ARG D 100 38.17 -5.75 24.59
C ARG D 100 38.68 -4.95 23.39
N HIS D 101 38.14 -3.75 23.23
CA HIS D 101 38.56 -2.88 22.14
C HIS D 101 40.03 -2.50 22.29
N SER D 102 40.76 -2.58 21.18
CA SER D 102 42.17 -2.20 21.16
C SER D 102 42.44 -1.33 19.95
N SER D 103 43.29 -0.33 20.12
CA SER D 103 43.62 0.56 19.02
C SER D 103 44.84 0.06 18.24
N SER D 104 44.79 -1.19 17.82
CA SER D 104 45.88 -1.78 17.04
C SER D 104 45.29 -2.92 16.21
N ARG D 105 46.15 -3.67 15.54
CA ARG D 105 45.74 -4.80 14.73
C ARG D 105 46.11 -6.14 15.38
N HIS D 106 46.37 -6.15 16.68
CA HIS D 106 46.83 -7.34 17.36
C HIS D 106 45.87 -7.87 18.42
N GLY D 107 44.74 -7.20 18.63
CA GLY D 107 43.80 -7.67 19.62
C GLY D 107 44.23 -7.32 21.03
N SER D 108 43.44 -7.80 21.98
CA SER D 108 43.70 -7.51 23.38
C SER D 108 43.13 -8.65 24.23
N ALA D 109 43.24 -8.49 25.54
CA ALA D 109 42.85 -9.52 26.47
C ALA D 109 41.33 -9.68 26.50
N PHE D 110 40.86 -10.62 27.33
CA PHE D 110 39.43 -10.86 27.49
C PHE D 110 38.90 -9.96 28.59
N ASP D 111 37.92 -9.11 28.25
CA ASP D 111 37.41 -8.12 29.20
C ASP D 111 36.30 -8.69 30.06
N LEU D 112 35.20 -9.13 29.45
CA LEU D 112 34.01 -9.56 30.16
C LEU D 112 33.90 -11.08 30.11
N TRP D 113 33.62 -11.69 31.25
CA TRP D 113 33.44 -13.12 31.35
C TRP D 113 32.08 -13.45 31.92
N GLY D 114 31.45 -14.48 31.39
CA GLY D 114 30.22 -14.98 31.97
C GLY D 114 30.47 -15.85 33.18
N GLN D 115 29.38 -16.20 33.86
CA GLN D 115 29.49 -17.05 35.04
C GLN D 115 29.79 -18.50 34.68
N GLY D 116 29.50 -18.91 33.46
CA GLY D 116 29.82 -20.26 33.03
C GLY D 116 28.76 -21.26 33.39
N THR D 117 28.70 -22.33 32.60
CA THR D 117 27.78 -23.45 32.83
C THR D 117 28.57 -24.74 32.89
N LEU D 118 28.19 -25.63 33.80
CA LEU D 118 28.89 -26.89 33.98
C LEU D 118 28.37 -27.92 32.99
N VAL D 119 29.28 -28.51 32.22
CA VAL D 119 28.98 -29.58 31.29
C VAL D 119 29.84 -30.77 31.69
N THR D 120 29.21 -31.87 32.08
CA THR D 120 29.90 -33.07 32.53
C THR D 120 29.53 -34.25 31.65
N VAL D 121 30.49 -35.13 31.43
CA VAL D 121 30.29 -36.33 30.62
C VAL D 121 30.74 -37.52 31.45
N SER D 122 29.83 -38.46 31.68
CA SER D 122 30.13 -39.62 32.50
C SER D 122 29.16 -40.75 32.14
N SER D 123 29.50 -41.95 32.58
CA SER D 123 28.67 -43.12 32.33
C SER D 123 27.92 -43.53 33.60
N ILE E 2 52.47 -22.56 23.71
CA ILE E 2 53.45 -21.97 24.62
C ILE E 2 53.14 -22.36 26.05
N GLN E 3 54.00 -23.19 26.63
CA GLN E 3 53.81 -23.60 28.02
C GLN E 3 54.03 -22.42 28.95
N MET E 4 53.10 -22.22 29.89
CA MET E 4 53.10 -21.06 30.76
C MET E 4 53.01 -21.51 32.21
N THR E 5 53.87 -20.97 33.06
CA THR E 5 53.94 -21.36 34.45
C THR E 5 53.85 -20.13 35.35
N GLN E 6 53.26 -20.33 36.53
CA GLN E 6 53.14 -19.27 37.53
C GLN E 6 53.76 -19.73 38.84
N SER E 7 54.51 -18.84 39.48
CA SER E 7 55.12 -19.13 40.76
C SER E 7 55.02 -17.92 41.67
N PRO E 8 54.83 -18.12 42.98
CA PRO E 8 54.63 -19.39 43.70
C PRO E 8 53.22 -19.95 43.52
N SER E 9 53.03 -21.24 43.74
CA SER E 9 51.70 -21.83 43.59
C SER E 9 50.71 -21.24 44.58
N THR E 10 51.13 -21.07 45.84
CA THR E 10 50.27 -20.48 46.86
C THR E 10 51.13 -19.64 47.78
N LEU E 11 50.68 -18.41 48.04
CA LEU E 11 51.39 -17.50 48.93
C LEU E 11 50.42 -17.01 50.00
N SER E 12 50.92 -16.91 51.23
CA SER E 12 50.11 -16.45 52.36
C SER E 12 50.49 -15.02 52.70
N ALA E 13 49.49 -14.17 52.87
CA ALA E 13 49.71 -12.77 53.18
C ALA E 13 48.54 -12.25 54.00
N SER E 14 48.79 -11.14 54.70
CA SER E 14 47.81 -10.51 55.56
C SER E 14 47.28 -9.23 54.92
N VAL E 15 46.32 -8.61 55.59
CA VAL E 15 45.73 -7.37 55.09
C VAL E 15 46.74 -6.25 55.20
N GLY E 16 46.92 -5.50 54.11
CA GLY E 16 47.89 -4.43 54.07
C GLY E 16 49.30 -4.84 53.73
N ASP E 17 49.54 -6.14 53.50
CA ASP E 17 50.86 -6.62 53.16
C ASP E 17 51.15 -6.35 51.67
N ARG E 18 52.35 -6.73 51.25
CA ARG E 18 52.77 -6.59 49.87
C ARG E 18 52.80 -7.96 49.20
N VAL E 19 52.11 -8.08 48.08
CA VAL E 19 51.93 -9.35 47.38
C VAL E 19 52.61 -9.26 46.03
N THR E 20 53.51 -10.21 45.75
CA THR E 20 54.24 -10.27 44.49
C THR E 20 53.97 -11.63 43.85
N ILE E 21 53.45 -11.61 42.63
CA ILE E 21 53.17 -12.81 41.86
C ILE E 21 54.02 -12.79 40.61
N THR E 22 54.73 -13.88 40.36
CA THR E 22 55.69 -13.95 39.28
C THR E 22 55.21 -14.94 38.22
N CYS E 23 55.19 -14.49 36.96
CA CYS E 23 54.73 -15.29 35.84
C CYS E 23 55.86 -15.45 34.83
N ARG E 24 56.10 -16.69 34.40
CA ARG E 24 57.12 -17.00 33.41
C ARG E 24 56.48 -17.59 32.17
N ALA E 25 57.09 -17.32 31.02
CA ALA E 25 56.67 -17.89 29.75
C ALA E 25 57.82 -18.68 29.14
N SER E 26 57.48 -19.80 28.49
CA SER E 26 58.51 -20.64 27.90
C SER E 26 59.24 -19.93 26.77
N GLN E 27 58.54 -19.10 26.00
CA GLN E 27 59.13 -18.36 24.90
C GLN E 27 58.73 -16.90 25.01
N SER E 28 59.55 -16.04 24.40
CA SER E 28 59.33 -14.60 24.48
C SER E 28 58.00 -14.22 23.86
N VAL E 29 57.24 -13.38 24.57
CA VAL E 29 55.96 -12.91 24.09
C VAL E 29 55.92 -11.38 24.02
N SER E 30 57.09 -10.75 23.93
CA SER E 30 57.23 -9.29 23.92
C SER E 30 56.57 -8.77 25.19
N THR E 31 55.57 -7.89 25.10
CA THR E 31 54.84 -7.45 26.29
C THR E 31 53.37 -7.83 26.22
N TRP E 32 52.99 -8.73 25.31
CA TRP E 32 51.59 -9.10 25.13
C TRP E 32 51.24 -10.18 26.14
N LEU E 33 50.90 -9.74 27.35
CA LEU E 33 50.49 -10.62 28.42
C LEU E 33 49.51 -9.89 29.32
N ALA E 34 48.58 -10.63 29.91
CA ALA E 34 47.54 -10.05 30.74
C ALA E 34 47.41 -10.84 32.03
N TRP E 35 46.66 -10.28 32.96
CA TRP E 35 46.42 -10.90 34.26
C TRP E 35 44.94 -10.94 34.55
N TYR E 36 44.50 -11.98 35.26
CA TYR E 36 43.11 -12.17 35.61
C TYR E 36 42.99 -12.54 37.08
N GLN E 37 41.83 -12.23 37.65
CA GLN E 37 41.53 -12.58 39.04
C GLN E 37 40.17 -13.24 39.08
N GLN E 38 40.08 -14.40 39.73
CA GLN E 38 38.87 -15.21 39.74
C GLN E 38 38.47 -15.52 41.18
N LYS E 39 37.31 -15.01 41.59
CA LYS E 39 36.76 -15.39 42.88
C LYS E 39 36.24 -16.82 42.81
N PRO E 40 36.27 -17.54 43.93
CA PRO E 40 35.69 -18.90 43.94
C PRO E 40 34.19 -18.85 43.64
N GLY E 41 33.78 -19.66 42.68
CA GLY E 41 32.39 -19.72 42.27
C GLY E 41 31.95 -18.64 41.30
N GLN E 42 32.85 -17.75 40.89
CA GLN E 42 32.53 -16.68 39.95
C GLN E 42 33.41 -16.80 38.73
N GLY E 43 33.29 -15.82 37.83
CA GLY E 43 34.10 -15.77 36.64
C GLY E 43 35.28 -14.83 36.80
N PRO E 44 36.39 -15.15 36.14
CA PRO E 44 37.57 -14.29 36.24
C PRO E 44 37.31 -12.89 35.69
N LYS E 45 38.02 -11.92 36.23
CA LYS E 45 37.89 -10.53 35.83
C LYS E 45 39.25 -9.98 35.41
N LEU E 46 39.25 -9.20 34.33
CA LEU E 46 40.50 -8.62 33.83
C LEU E 46 40.98 -7.52 34.76
N LEU E 47 42.27 -7.55 35.09
CA LEU E 47 42.90 -6.50 35.87
C LEU E 47 43.95 -5.74 35.07
N ILE E 48 44.92 -6.45 34.49
CA ILE E 48 46.03 -5.83 33.78
C ILE E 48 46.06 -6.37 32.35
N TYR E 49 46.19 -5.47 31.38
CA TYR E 49 46.36 -5.83 29.98
C TYR E 49 47.65 -5.23 29.46
N GLU E 50 48.26 -5.93 28.49
CA GLU E 50 49.58 -5.60 27.96
C GLU E 50 50.67 -5.67 29.03
N ALA E 51 50.35 -6.23 30.19
CA ALA E 51 51.27 -6.44 31.31
C ALA E 51 51.74 -5.15 31.96
N SER E 52 51.32 -4.01 31.46
CA SER E 52 51.74 -2.74 32.05
C SER E 52 50.59 -1.81 32.37
N SER E 53 49.55 -1.79 31.55
CA SER E 53 48.45 -0.86 31.73
C SER E 53 47.34 -1.47 32.56
N LEU E 54 46.55 -0.62 33.20
CA LEU E 54 45.50 -1.04 34.11
C LEU E 54 44.13 -0.83 33.47
N GLU E 55 43.27 -1.83 33.57
CA GLU E 55 41.93 -1.74 33.02
C GLU E 55 41.07 -0.82 33.88
N SER E 56 40.21 -0.04 33.21
CA SER E 56 39.42 0.98 33.89
C SER E 56 38.44 0.36 34.89
N GLY E 57 38.42 0.92 36.10
CA GLY E 57 37.59 0.44 37.17
C GLY E 57 38.31 -0.43 38.19
N VAL E 58 39.45 -0.99 37.81
CA VAL E 58 40.26 -1.75 38.77
C VAL E 58 40.95 -0.79 39.72
N PRO E 59 40.99 -1.07 41.02
CA PRO E 59 41.71 -0.19 41.95
C PRO E 59 43.18 -0.08 41.60
N SER E 60 43.76 1.07 41.92
CA SER E 60 45.14 1.37 41.57
C SER E 60 46.15 0.51 42.34
N ARG E 61 45.71 -0.22 43.36
CA ARG E 61 46.63 -1.05 44.13
C ARG E 61 47.34 -2.07 43.27
N PHE E 62 46.68 -2.58 42.23
CA PHE E 62 47.29 -3.56 41.35
C PHE E 62 48.28 -2.90 40.41
N SER E 63 49.38 -3.59 40.13
CA SER E 63 50.37 -3.10 39.19
C SER E 63 51.19 -4.27 38.67
N GLY E 64 51.85 -4.04 37.54
CA GLY E 64 52.67 -5.08 36.95
C GLY E 64 53.60 -4.49 35.91
N SER E 65 54.66 -5.26 35.62
CA SER E 65 55.64 -4.83 34.63
C SER E 65 56.43 -6.04 34.17
N GLY E 66 57.13 -5.88 33.05
CA GLY E 66 57.97 -6.94 32.53
C GLY E 66 57.94 -7.05 31.02
N SER E 67 58.88 -7.80 30.46
CA SER E 67 58.94 -7.99 29.02
C SER E 67 59.71 -9.28 28.74
N GLY E 68 59.49 -9.82 27.55
CA GLY E 68 60.16 -11.04 27.15
C GLY E 68 59.53 -12.28 27.75
N THR E 69 60.21 -12.87 28.74
CA THR E 69 59.71 -14.08 29.40
C THR E 69 59.45 -13.89 30.88
N GLU E 70 59.77 -12.76 31.46
CA GLU E 70 59.57 -12.52 32.88
C GLU E 70 58.53 -11.43 33.08
N PHE E 71 57.46 -11.76 33.80
CA PHE E 71 56.39 -10.83 34.10
C PHE E 71 55.98 -11.01 35.55
N THR E 72 55.68 -9.88 36.22
CA THR E 72 55.36 -9.90 37.64
C THR E 72 54.13 -9.05 37.90
N LEU E 73 53.44 -9.36 38.99
CA LEU E 73 52.34 -8.57 39.50
C LEU E 73 52.68 -8.06 40.89
N THR E 74 52.34 -6.81 41.16
CA THR E 74 52.63 -6.18 42.44
C THR E 74 51.35 -5.57 43.01
N ILE E 75 51.07 -5.89 44.28
CA ILE E 75 49.97 -5.30 45.02
C ILE E 75 50.56 -4.46 46.14
N SER E 76 50.29 -3.16 46.10
CA SER E 76 50.87 -2.26 47.10
C SER E 76 50.36 -2.57 48.50
N SER E 77 49.06 -2.82 48.64
CA SER E 77 48.47 -3.09 49.95
C SER E 77 47.35 -4.09 49.77
N LEU E 78 47.57 -5.32 50.24
CA LEU E 78 46.55 -6.35 50.13
C LEU E 78 45.33 -6.00 50.96
N GLN E 79 44.15 -6.25 50.40
CA GLN E 79 42.87 -5.95 51.03
C GLN E 79 42.10 -7.24 51.26
N PRO E 80 41.11 -7.23 52.16
CA PRO E 80 40.29 -8.44 52.35
C PRO E 80 39.55 -8.88 51.11
N ASP E 81 39.28 -7.98 50.17
CA ASP E 81 38.60 -8.31 48.93
C ASP E 81 39.54 -8.75 47.83
N ASP E 82 40.84 -8.84 48.09
CA ASP E 82 41.83 -9.24 47.10
C ASP E 82 42.26 -10.68 47.23
N PHE E 83 41.57 -11.47 48.05
CA PHE E 83 41.92 -12.87 48.25
C PHE E 83 41.20 -13.71 47.19
N ALA E 84 41.93 -14.06 46.14
CA ALA E 84 41.38 -14.88 45.06
C ALA E 84 42.54 -15.46 44.26
N THR E 85 42.21 -16.32 43.31
CA THR E 85 43.21 -16.93 42.44
C THR E 85 43.51 -16.02 41.26
N TYR E 86 44.80 -15.90 40.92
CA TYR E 86 45.25 -15.02 39.86
C TYR E 86 45.86 -15.83 38.72
N TYR E 87 45.59 -15.39 37.50
CA TYR E 87 46.08 -16.05 36.30
C TYR E 87 46.83 -15.05 35.44
N CYS E 88 47.82 -15.53 34.67
CA CYS E 88 48.49 -14.73 33.67
C CYS E 88 48.31 -15.37 32.31
N GLN E 89 47.85 -14.59 31.34
CA GLN E 89 47.50 -15.06 30.01
C GLN E 89 48.40 -14.41 28.97
N GLN E 90 48.68 -15.14 27.90
CA GLN E 90 49.52 -14.65 26.82
C GLN E 90 48.75 -14.70 25.50
N TYR E 91 49.02 -13.71 24.64
CA TYR E 91 48.52 -13.71 23.26
C TYR E 91 49.63 -13.12 22.39
N ASN E 92 50.47 -14.00 21.83
CA ASN E 92 51.63 -13.58 21.07
C ASN E 92 51.23 -13.29 19.63
N SER E 93 52.22 -13.12 18.76
CA SER E 93 51.95 -12.80 17.36
C SER E 93 51.24 -13.95 16.66
N TYR E 94 51.79 -15.16 16.74
CA TYR E 94 51.24 -16.32 16.05
C TYR E 94 50.92 -17.46 17.00
N SER E 95 50.90 -17.21 18.31
CA SER E 95 50.64 -18.24 19.30
C SER E 95 49.22 -18.08 19.85
N PHE E 96 48.54 -19.21 20.04
CA PHE E 96 47.20 -19.18 20.58
C PHE E 96 47.22 -18.79 22.05
N TRP E 97 46.05 -18.44 22.57
CA TRP E 97 45.92 -18.04 23.96
C TRP E 97 46.09 -19.25 24.87
N THR E 98 46.96 -19.10 25.88
CA THR E 98 47.17 -20.12 26.91
C THR E 98 47.18 -19.45 28.27
N PHE E 99 46.93 -20.24 29.30
CA PHE E 99 46.86 -19.73 30.66
C PHE E 99 47.76 -20.55 31.58
N GLY E 100 48.16 -19.93 32.67
CA GLY E 100 48.92 -20.63 33.70
C GLY E 100 48.02 -21.41 34.62
N GLN E 101 48.66 -22.17 35.52
CA GLN E 101 47.91 -22.97 36.48
C GLN E 101 47.27 -22.11 37.58
N GLY E 102 47.80 -20.92 37.83
CA GLY E 102 47.17 -20.01 38.74
C GLY E 102 47.77 -20.07 40.13
N THR E 103 47.78 -18.92 40.80
CA THR E 103 48.27 -18.80 42.18
C THR E 103 47.11 -18.34 43.05
N LYS E 104 46.96 -18.98 44.21
CA LYS E 104 45.88 -18.68 45.13
C LYS E 104 46.40 -17.88 46.31
N VAL E 105 45.73 -16.77 46.61
CA VAL E 105 46.10 -15.92 47.73
C VAL E 105 45.28 -16.35 48.94
N GLU E 106 45.96 -16.72 50.03
CA GLU E 106 45.32 -17.18 51.24
C GLU E 106 45.60 -16.22 52.38
N ILE E 107 44.70 -16.21 53.36
CA ILE E 107 44.86 -15.36 54.54
C ILE E 107 45.88 -15.98 55.46
N LYS E 108 46.90 -15.21 55.82
CA LYS E 108 47.95 -15.68 56.71
C LYS E 108 47.46 -15.73 58.16
N VAL F 2 25.75 21.93 -3.02
CA VAL F 2 26.37 21.16 -1.96
C VAL F 2 26.57 22.03 -0.73
N GLN F 3 25.56 22.10 0.12
CA GLN F 3 25.58 22.97 1.29
C GLN F 3 25.20 22.17 2.53
N LEU F 4 25.89 22.45 3.63
CA LEU F 4 25.66 21.78 4.90
C LEU F 4 25.51 22.83 5.98
N VAL F 5 24.34 22.88 6.60
CA VAL F 5 24.06 23.84 7.67
C VAL F 5 23.48 23.11 8.86
N GLU F 6 23.81 23.57 10.06
CA GLU F 6 23.32 23.00 11.30
C GLU F 6 22.48 24.03 12.04
N SER F 7 21.89 23.59 13.15
CA SER F 7 20.99 24.43 13.94
C SER F 7 20.79 23.76 15.29
N GLY F 8 20.03 24.43 16.15
CA GLY F 8 19.70 23.88 17.45
C GLY F 8 20.62 24.27 18.59
N GLY F 9 21.46 25.28 18.40
CA GLY F 9 22.35 25.72 19.45
C GLY F 9 21.64 26.54 20.51
N GLY F 10 22.41 26.98 21.48
CA GLY F 10 21.89 27.80 22.56
C GLY F 10 22.73 27.62 23.81
N VAL F 11 22.25 28.22 24.90
CA VAL F 11 22.90 28.16 26.19
C VAL F 11 21.95 27.48 27.16
N VAL F 12 22.42 26.39 27.77
CA VAL F 12 21.60 25.62 28.70
C VAL F 12 22.40 25.32 29.95
N GLN F 13 21.71 25.28 31.09
CA GLN F 13 22.34 24.98 32.35
C GLN F 13 22.74 23.51 32.41
N PRO F 14 23.73 23.17 33.24
CA PRO F 14 24.21 21.79 33.29
C PRO F 14 23.12 20.81 33.70
N GLY F 15 23.20 19.61 33.15
CA GLY F 15 22.27 18.56 33.48
C GLY F 15 21.05 18.47 32.59
N ARG F 16 20.86 19.43 31.70
CA ARG F 16 19.70 19.43 30.83
C ARG F 16 20.00 18.73 29.51
N SER F 17 18.94 18.46 28.76
CA SER F 17 19.03 17.76 27.49
C SER F 17 18.82 18.75 26.36
N LEU F 18 19.70 18.73 25.36
CA LEU F 18 19.61 19.61 24.22
C LEU F 18 19.81 18.78 22.95
N THR F 19 19.04 19.08 21.91
CA THR F 19 19.12 18.35 20.65
C THR F 19 19.61 19.28 19.55
N LEU F 20 20.68 18.87 18.87
CA LEU F 20 21.19 19.60 17.73
C LEU F 20 20.60 19.03 16.45
N SER F 21 20.84 19.71 15.34
CA SER F 21 20.35 19.26 14.05
C SER F 21 21.36 19.63 12.99
N CYS F 22 21.15 19.10 11.79
CA CYS F 22 22.05 19.34 10.66
C CYS F 22 21.26 19.17 9.38
N ALA F 23 21.22 20.19 8.54
CA ALA F 23 20.46 20.16 7.30
C ALA F 23 21.41 19.96 6.14
N ALA F 24 21.07 19.04 5.25
CA ALA F 24 21.89 18.71 4.10
C ALA F 24 21.16 19.06 2.81
N SER F 25 21.89 19.67 1.88
CA SER F 25 21.31 20.04 0.60
C SER F 25 22.41 20.12 -0.44
N GLY F 26 22.03 19.89 -1.70
CA GLY F 26 22.95 19.94 -2.81
C GLY F 26 23.60 18.62 -3.17
N PHE F 27 23.38 17.58 -2.37
CA PHE F 27 23.96 16.27 -2.64
C PHE F 27 23.02 15.21 -2.08
N THR F 28 23.23 13.98 -2.53
CA THR F 28 22.42 12.85 -2.05
C THR F 28 22.89 12.52 -0.65
N PHE F 29 22.13 12.96 0.34
CA PHE F 29 22.55 12.78 1.74
C PHE F 29 22.43 11.34 2.18
N SER F 30 21.53 10.57 1.57
CA SER F 30 21.33 9.18 1.98
C SER F 30 22.43 8.25 1.50
N ASN F 31 23.51 8.77 0.93
CA ASN F 31 24.61 7.95 0.44
C ASN F 31 25.89 8.10 1.24
N TYR F 32 25.93 9.01 2.21
CA TYR F 32 27.16 9.35 2.89
C TYR F 32 27.00 9.16 4.39
N GLY F 33 28.07 8.69 5.02
CA GLY F 33 28.11 8.63 6.47
C GLY F 33 28.77 9.88 7.02
N MET F 34 28.18 10.44 8.06
CA MET F 34 28.57 11.76 8.55
C MET F 34 29.17 11.67 9.94
N HIS F 35 29.69 12.81 10.40
CA HIS F 35 30.35 12.93 11.69
C HIS F 35 29.85 14.19 12.39
N TRP F 36 30.16 14.27 13.68
CA TRP F 36 30.00 15.50 14.44
C TRP F 36 31.32 15.80 15.12
N VAL F 37 31.79 17.03 15.01
CA VAL F 37 33.11 17.40 15.49
C VAL F 37 33.03 18.67 16.32
N ARG F 38 33.70 18.68 17.47
CA ARG F 38 33.78 19.85 18.31
C ARG F 38 35.03 20.67 17.98
N GLN F 39 34.98 21.95 18.34
CA GLN F 39 36.14 22.83 18.27
C GLN F 39 36.12 23.69 19.53
N THR F 40 36.75 23.20 20.57
CA THR F 40 36.79 23.95 21.82
C THR F 40 37.90 24.99 21.76
N PRO F 41 37.60 26.27 21.95
CA PRO F 41 38.67 27.28 21.95
C PRO F 41 39.74 26.94 22.97
N GLY F 42 40.99 27.14 22.57
CA GLY F 42 42.12 26.74 23.38
C GLY F 42 42.61 25.34 23.13
N LYS F 43 41.84 24.53 22.40
CA LYS F 43 42.22 23.17 22.03
C LYS F 43 41.91 22.95 20.56
N GLY F 44 42.38 21.83 20.03
CA GLY F 44 42.11 21.48 18.66
C GLY F 44 40.76 20.84 18.51
N LEU F 45 40.51 20.34 17.30
CA LEU F 45 39.28 19.62 17.04
C LEU F 45 39.26 18.31 17.83
N ALA F 46 38.08 17.68 17.86
CA ALA F 46 37.93 16.40 18.51
C ALA F 46 36.70 15.72 17.96
N TRP F 47 36.84 14.47 17.58
CA TRP F 47 35.71 13.72 17.03
C TRP F 47 34.71 13.41 18.14
N VAL F 48 33.44 13.29 17.75
CA VAL F 48 32.37 13.07 18.73
C VAL F 48 31.52 11.86 18.38
N ALA F 49 31.04 11.77 17.15
CA ALA F 49 30.19 10.65 16.79
C ALA F 49 30.26 10.42 15.29
N ILE F 50 29.84 9.23 14.87
CA ILE F 50 29.80 8.85 13.46
C ILE F 50 28.54 8.05 13.21
N ILE F 51 27.91 8.27 12.07
CA ILE F 51 26.70 7.54 11.68
C ILE F 51 26.98 6.85 10.35
N TRP F 52 26.59 5.59 10.26
CA TRP F 52 27.07 4.70 9.20
C TRP F 52 26.11 4.63 8.03
N TYR F 53 25.66 5.77 7.50
CA TYR F 53 24.94 5.84 6.23
C TYR F 53 23.56 5.19 6.31
N ASP F 54 23.31 4.45 7.38
CA ASP F 54 22.03 3.77 7.52
C ASP F 54 21.46 3.84 8.92
N GLY F 55 22.23 4.29 9.91
CA GLY F 55 21.84 4.13 11.28
C GLY F 55 22.17 2.78 11.87
N SER F 56 22.81 1.89 11.10
CA SER F 56 23.09 0.57 11.63
C SER F 56 24.22 0.61 12.65
N LYS F 57 25.26 1.40 12.40
CA LYS F 57 26.41 1.44 13.29
C LYS F 57 26.69 2.87 13.70
N THR F 58 27.02 3.05 14.97
CA THR F 58 27.43 4.35 15.49
C THR F 58 28.62 4.14 16.41
N TYR F 59 29.46 5.16 16.53
CA TYR F 59 30.58 5.10 17.45
C TYR F 59 30.79 6.48 18.06
N TYR F 60 31.25 6.51 19.30
CA TYR F 60 31.37 7.76 20.03
C TYR F 60 32.76 7.90 20.64
N GLU F 61 33.12 9.14 20.96
CA GLU F 61 34.30 9.39 21.77
C GLU F 61 34.11 8.79 23.15
N ASP F 62 35.22 8.41 23.78
CA ASP F 62 35.15 7.71 25.06
C ASP F 62 34.53 8.57 26.15
N SER F 63 34.53 9.89 26.00
CA SER F 63 34.03 10.78 27.04
C SER F 63 32.57 11.16 26.87
N VAL F 64 31.91 10.72 25.80
CA VAL F 64 30.51 11.03 25.57
C VAL F 64 29.65 9.79 25.39
N LYS F 65 30.21 8.61 25.65
CA LYS F 65 29.41 7.40 25.53
C LYS F 65 28.31 7.37 26.57
N GLY F 66 27.09 7.09 26.13
CA GLY F 66 25.96 7.01 27.03
C GLY F 66 25.27 8.33 27.32
N ARG F 67 25.83 9.44 26.87
CA ARG F 67 25.18 10.74 27.01
C ARG F 67 24.78 11.37 25.70
N PHE F 68 25.56 11.16 24.64
CA PHE F 68 25.29 11.71 23.32
C PHE F 68 24.78 10.59 22.43
N THR F 69 23.64 10.80 21.79
CA THR F 69 23.15 9.86 20.81
C THR F 69 23.05 10.56 19.46
N ILE F 70 23.40 9.84 18.41
CA ILE F 70 23.44 10.39 17.06
C ILE F 70 22.51 9.57 16.19
N SER F 71 21.66 10.25 15.43
CA SER F 71 20.74 9.56 14.54
C SER F 71 20.41 10.48 13.38
N ARG F 72 20.01 9.88 12.26
CA ARG F 72 19.79 10.62 11.03
C ARG F 72 18.47 10.22 10.40
N ASP F 73 17.83 11.17 9.75
CA ASP F 73 16.60 10.96 8.99
C ASP F 73 16.96 11.09 7.52
N ASN F 74 17.04 9.95 6.82
CA ASN F 74 17.40 9.98 5.41
C ASN F 74 16.31 10.63 4.56
N SER F 75 15.06 10.60 5.00
CA SER F 75 13.99 11.19 4.21
C SER F 75 14.01 12.70 4.23
N LYS F 76 14.38 13.31 5.36
CA LYS F 76 14.43 14.75 5.49
C LYS F 76 15.82 15.33 5.34
N ASN F 77 16.83 14.48 5.09
CA ASN F 77 18.22 14.91 4.95
C ASN F 77 18.69 15.66 6.18
N THR F 78 18.61 15.00 7.33
CA THR F 78 18.95 15.62 8.60
C THR F 78 19.81 14.70 9.45
N LEU F 79 20.61 15.31 10.32
CA LEU F 79 21.34 14.63 11.38
C LEU F 79 20.89 15.18 12.72
N TYR F 80 20.92 14.32 13.75
CA TYR F 80 20.58 14.75 15.09
C TYR F 80 21.59 14.20 16.06
N LEU F 81 22.14 15.06 16.90
CA LEU F 81 23.01 14.64 18.01
C LEU F 81 22.29 15.04 19.30
N GLN F 82 21.46 14.15 19.81
CA GLN F 82 20.68 14.44 21.00
C GLN F 82 21.57 14.30 22.22
N MET F 83 21.83 15.42 22.90
CA MET F 83 22.79 15.47 23.99
C MET F 83 22.06 15.48 25.33
N ASN F 84 22.44 14.56 26.21
CA ASN F 84 21.82 14.43 27.53
C ASN F 84 22.87 14.64 28.61
N SER F 85 22.45 15.23 29.72
CA SER F 85 23.30 15.40 30.91
C SER F 85 24.60 16.13 30.58
N LEU F 86 24.45 17.38 30.15
CA LEU F 86 25.60 18.17 29.73
C LEU F 86 26.44 18.58 30.92
N ARG F 87 27.72 18.86 30.66
CA ARG F 87 28.66 19.39 31.63
C ARG F 87 29.24 20.68 31.10
N VAL F 88 30.05 21.34 31.93
CA VAL F 88 30.72 22.55 31.49
C VAL F 88 31.79 22.24 30.45
N ASP F 89 32.30 21.01 30.42
CA ASP F 89 33.33 20.62 29.46
C ASP F 89 32.80 20.50 28.05
N ASP F 90 31.49 20.55 27.85
CA ASP F 90 30.90 20.45 26.53
C ASP F 90 30.75 21.79 25.84
N THR F 91 31.29 22.86 26.42
CA THR F 91 31.26 24.17 25.77
C THR F 91 32.15 24.13 24.53
N ALA F 92 31.53 24.11 23.36
CA ALA F 92 32.29 23.97 22.13
C ALA F 92 31.39 24.34 20.96
N VAL F 93 31.99 24.37 19.77
CA VAL F 93 31.27 24.59 18.53
C VAL F 93 31.16 23.26 17.80
N TYR F 94 29.95 22.85 17.47
CA TYR F 94 29.70 21.54 16.88
C TYR F 94 29.57 21.67 15.37
N TYR F 95 30.38 20.92 14.64
CA TYR F 95 30.36 20.91 13.19
C TYR F 95 29.77 19.61 12.68
N CYS F 96 29.26 19.62 11.46
CA CYS F 96 28.98 18.40 10.72
C CYS F 96 30.11 18.13 9.75
N ALA F 97 30.39 16.85 9.52
CA ALA F 97 31.43 16.46 8.60
C ALA F 97 30.93 15.35 7.71
N ARG F 98 31.22 15.44 6.42
CA ARG F 98 30.83 14.42 5.46
C ARG F 98 32.04 13.62 5.06
N VAL F 99 31.93 12.29 5.13
CA VAL F 99 33.06 11.43 4.79
C VAL F 99 33.14 11.30 3.28
N ARG F 100 34.30 11.61 2.73
CA ARG F 100 34.47 11.63 1.28
C ARG F 100 34.40 10.22 0.70
N HIS F 101 33.88 10.13 -0.51
CA HIS F 101 33.85 8.85 -1.22
C HIS F 101 35.26 8.35 -1.46
N SER F 102 35.47 7.06 -1.23
CA SER F 102 36.79 6.47 -1.40
C SER F 102 36.64 5.09 -2.02
N SER F 103 37.56 4.74 -2.91
CA SER F 103 37.51 3.46 -3.60
C SER F 103 38.34 2.41 -2.84
N SER F 104 37.93 2.15 -1.61
CA SER F 104 38.60 1.18 -0.76
C SER F 104 37.62 0.70 0.30
N ARG F 105 38.15 0.01 1.31
CA ARG F 105 37.36 -0.41 2.46
C ARG F 105 37.85 0.27 3.74
N HIS F 106 38.42 1.47 3.63
CA HIS F 106 39.05 2.13 4.75
C HIS F 106 38.54 3.54 5.00
N GLY F 107 37.69 4.07 4.14
CA GLY F 107 37.14 5.39 4.36
C GLY F 107 38.06 6.48 3.89
N SER F 108 37.67 7.71 4.19
CA SER F 108 38.38 8.88 3.72
C SER F 108 38.25 10.00 4.75
N ALA F 109 38.90 11.13 4.46
CA ALA F 109 38.83 12.27 5.34
C ALA F 109 37.49 12.98 5.21
N PHE F 110 37.26 13.95 6.09
CA PHE F 110 36.04 14.74 6.08
C PHE F 110 36.15 15.81 5.01
N ASP F 111 35.34 15.73 3.96
CA ASP F 111 35.52 16.65 2.84
C ASP F 111 34.67 17.91 2.96
N LEU F 112 33.43 17.78 3.41
CA LEU F 112 32.51 18.91 3.51
C LEU F 112 32.19 19.17 4.98
N TRP F 113 32.46 20.38 5.43
CA TRP F 113 32.21 20.76 6.80
C TRP F 113 31.11 21.81 6.86
N GLY F 114 30.28 21.74 7.88
CA GLY F 114 29.27 22.75 8.10
C GLY F 114 29.87 24.00 8.70
N GLN F 115 28.99 24.92 9.09
CA GLN F 115 29.44 26.19 9.67
C GLN F 115 29.58 26.14 11.18
N GLY F 116 28.73 25.39 11.85
CA GLY F 116 28.87 25.22 13.28
C GLY F 116 27.88 25.98 14.13
N THR F 117 27.38 25.34 15.18
CA THR F 117 26.47 25.96 16.14
C THR F 117 27.13 25.95 17.51
N LEU F 118 27.08 27.08 18.19
CA LEU F 118 27.72 27.23 19.49
C LEU F 118 26.79 26.69 20.57
N VAL F 119 27.29 25.75 21.36
CA VAL F 119 26.57 25.20 22.50
C VAL F 119 27.37 25.52 23.75
N THR F 120 26.77 26.25 24.66
CA THR F 120 27.43 26.70 25.88
C THR F 120 26.67 26.18 27.09
N VAL F 121 27.39 25.63 28.05
CA VAL F 121 26.81 25.11 29.27
C VAL F 121 27.37 25.92 30.43
N SER F 122 26.50 26.59 31.17
CA SER F 122 26.94 27.42 32.27
C SER F 122 25.80 27.57 33.27
N SER F 123 26.16 28.00 34.48
CA SER F 123 25.18 28.20 35.54
C SER F 123 24.75 29.65 35.62
N ILE G 2 46.53 7.64 19.47
CA ILE G 2 47.31 8.34 18.46
C ILE G 2 47.24 9.83 18.69
N GLN G 3 48.28 10.40 19.31
CA GLN G 3 48.34 11.81 19.60
C GLN G 3 49.22 12.51 18.57
N MET G 4 48.75 13.63 18.05
CA MET G 4 49.44 14.37 17.00
C MET G 4 49.91 15.71 17.53
N THR G 5 51.10 16.11 17.10
CA THR G 5 51.66 17.42 17.42
C THR G 5 52.07 18.11 16.13
N GLN G 6 51.72 19.39 16.00
CA GLN G 6 52.03 20.19 14.84
C GLN G 6 53.02 21.27 15.22
N SER G 7 54.12 21.37 14.47
CA SER G 7 55.14 22.38 14.72
C SER G 7 55.54 23.03 13.41
N PRO G 8 55.84 24.34 13.42
CA PRO G 8 55.80 25.27 14.56
C PRO G 8 54.39 25.72 14.86
N SER G 9 54.11 26.13 16.10
CA SER G 9 52.77 26.58 16.45
C SER G 9 52.39 27.83 15.66
N THR G 10 53.32 28.77 15.52
CA THR G 10 53.09 29.98 14.75
C THR G 10 54.18 30.10 13.69
N LEU G 11 53.77 30.27 12.44
CA LEU G 11 54.69 30.41 11.32
C LEU G 11 54.39 31.74 10.62
N SER G 12 55.23 32.74 10.87
CA SER G 12 55.09 34.03 10.22
C SER G 12 55.85 34.04 8.91
N ALA G 13 55.17 34.42 7.84
CA ALA G 13 55.79 34.48 6.52
C ALA G 13 55.07 35.52 5.68
N SER G 14 55.77 35.99 4.65
CA SER G 14 55.25 37.03 3.77
C SER G 14 54.63 36.40 2.53
N VAL G 15 54.02 37.27 1.70
CA VAL G 15 53.38 36.81 0.47
C VAL G 15 54.45 36.34 -0.51
N GLY G 16 54.24 35.16 -1.07
CA GLY G 16 55.17 34.58 -2.01
C GLY G 16 56.28 33.76 -1.39
N ASP G 17 56.28 33.58 -0.07
CA ASP G 17 57.31 32.82 0.61
C ASP G 17 57.00 31.32 0.50
N ARG G 18 57.84 30.51 1.13
CA ARG G 18 57.68 29.06 1.15
C ARG G 18 57.26 28.62 2.55
N VAL G 19 56.20 27.82 2.63
CA VAL G 19 55.61 27.41 3.90
C VAL G 19 55.73 25.91 4.03
N THR G 20 56.31 25.45 5.14
CA THR G 20 56.39 24.03 5.46
C THR G 20 55.83 23.81 6.85
N ILE G 21 54.96 22.81 7.00
CA ILE G 21 54.32 22.49 8.27
C ILE G 21 54.59 21.03 8.57
N THR G 22 55.03 20.74 9.79
CA THR G 22 55.43 19.39 10.19
C THR G 22 54.40 18.82 11.16
N CYS G 23 53.91 17.62 10.84
CA CYS G 23 52.98 16.88 11.70
C CYS G 23 53.60 15.55 12.06
N ARG G 24 53.62 15.24 13.35
CA ARG G 24 54.23 14.01 13.86
C ARG G 24 53.20 13.20 14.63
N ALA G 25 53.29 11.89 14.52
CA ALA G 25 52.37 10.98 15.19
C ALA G 25 53.12 10.14 16.20
N SER G 26 52.49 9.89 17.35
CA SER G 26 53.11 9.06 18.37
C SER G 26 53.23 7.61 17.91
N GLN G 27 52.27 7.14 17.12
CA GLN G 27 52.30 5.80 16.56
C GLN G 27 52.08 5.89 15.07
N SER G 28 52.68 4.95 14.34
CA SER G 28 52.68 5.02 12.88
C SER G 28 51.26 4.97 12.33
N VAL G 29 50.93 5.90 11.44
CA VAL G 29 49.62 5.96 10.84
C VAL G 29 49.66 5.60 9.36
N SER G 30 50.72 4.89 8.93
CA SER G 30 50.89 4.45 7.55
C SER G 30 50.82 5.68 6.65
N THR G 31 49.96 5.73 5.65
CA THR G 31 49.80 6.91 4.82
C THR G 31 48.43 7.55 5.00
N TRP G 32 47.70 7.18 6.04
CA TRP G 32 46.36 7.70 6.28
C TRP G 32 46.47 8.99 7.09
N LEU G 33 46.28 10.12 6.43
CA LEU G 33 46.44 11.41 7.06
C LEU G 33 45.79 12.47 6.18
N ALA G 34 45.35 13.57 6.80
CA ALA G 34 44.69 14.63 6.08
C ALA G 34 45.13 15.98 6.62
N TRP G 35 45.08 16.99 5.77
CA TRP G 35 45.42 18.35 6.15
C TRP G 35 44.23 19.26 5.91
N TYR G 36 43.97 20.16 6.84
CA TYR G 36 42.80 21.01 6.76
C TYR G 36 43.22 22.48 6.78
N GLN G 37 42.27 23.35 6.40
CA GLN G 37 42.45 24.79 6.48
C GLN G 37 41.18 25.40 7.02
N GLN G 38 41.30 26.17 8.09
CA GLN G 38 40.15 26.83 8.71
C GLN G 38 40.43 28.33 8.84
N LYS G 39 39.82 29.12 7.97
CA LYS G 39 39.86 30.56 8.13
C LYS G 39 39.00 30.96 9.33
N PRO G 40 39.36 32.03 10.02
CA PRO G 40 38.64 32.39 11.25
C PRO G 40 37.15 32.60 11.00
N GLY G 41 36.33 32.10 11.92
CA GLY G 41 34.90 32.25 11.82
C GLY G 41 34.22 31.35 10.81
N GLN G 42 34.93 30.40 10.22
CA GLN G 42 34.37 29.52 9.20
C GLN G 42 34.60 28.07 9.60
N GLY G 43 34.23 27.17 8.71
CA GLY G 43 34.46 25.75 8.91
C GLY G 43 35.65 25.27 8.11
N PRO G 44 36.40 24.32 8.66
CA PRO G 44 37.61 23.85 7.98
C PRO G 44 37.30 23.19 6.65
N LYS G 45 38.25 23.27 5.74
CA LYS G 45 38.12 22.72 4.39
C LYS G 45 39.25 21.75 4.12
N LEU G 46 38.94 20.63 3.47
CA LEU G 46 39.94 19.64 3.15
C LEU G 46 40.91 20.17 2.11
N LEU G 47 42.19 19.90 2.31
CA LEU G 47 43.22 20.21 1.32
C LEU G 47 43.92 18.97 0.80
N ILE G 48 44.43 18.12 1.69
CA ILE G 48 45.18 16.93 1.31
C ILE G 48 44.58 15.73 2.01
N TYR G 49 44.41 14.64 1.26
CA TYR G 49 44.00 13.36 1.82
C TYR G 49 45.03 12.30 1.44
N GLU G 50 45.16 11.28 2.27
CA GLU G 50 46.17 10.24 2.13
C GLU G 50 47.59 10.82 2.17
N ALA G 51 47.72 12.06 2.62
CA ALA G 51 49.02 12.72 2.83
C ALA G 51 49.75 13.01 1.53
N SER G 52 49.21 12.56 0.41
CA SER G 52 49.85 12.87 -0.87
C SER G 52 48.91 13.44 -1.90
N SER G 53 47.68 12.94 -1.99
CA SER G 53 46.75 13.39 -3.01
C SER G 53 46.05 14.66 -2.55
N LEU G 54 45.67 15.48 -3.51
CA LEU G 54 45.01 16.75 -3.24
C LEU G 54 43.51 16.64 -3.51
N GLU G 55 42.74 17.40 -2.73
CA GLU G 55 41.31 17.46 -2.95
C GLU G 55 41.00 18.16 -4.27
N SER G 56 39.98 17.68 -4.97
CA SER G 56 39.59 18.30 -6.23
C SER G 56 39.08 19.72 -5.99
N GLY G 57 39.54 20.65 -6.81
CA GLY G 57 39.13 22.04 -6.73
C GLY G 57 40.11 22.94 -6.00
N VAL G 58 41.00 22.39 -5.18
CA VAL G 58 41.99 23.21 -4.51
C VAL G 58 43.09 23.55 -5.50
N PRO G 59 43.82 24.65 -5.31
CA PRO G 59 44.92 24.96 -6.22
C PRO G 59 46.03 23.92 -6.11
N SER G 60 46.76 23.75 -7.21
CA SER G 60 47.92 22.87 -7.20
C SER G 60 49.07 23.42 -6.37
N ARG G 61 48.89 24.60 -5.78
CA ARG G 61 49.93 25.20 -4.94
C ARG G 61 50.22 24.34 -3.72
N PHE G 62 49.17 23.81 -3.08
CA PHE G 62 49.36 22.98 -1.90
C PHE G 62 49.99 21.65 -2.29
N SER G 63 50.85 21.15 -1.41
CA SER G 63 51.50 19.86 -1.65
C SER G 63 51.93 19.27 -0.32
N GLY G 64 52.10 17.96 -0.31
CA GLY G 64 52.54 17.27 0.88
C GLY G 64 52.91 15.84 0.59
N SER G 65 53.71 15.27 1.48
CA SER G 65 54.19 13.90 1.30
C SER G 65 54.71 13.39 2.64
N GLY G 66 54.98 12.09 2.69
CA GLY G 66 55.50 11.47 3.89
C GLY G 66 54.80 10.17 4.21
N SER G 67 55.37 9.40 5.13
CA SER G 67 54.75 8.14 5.54
C SER G 67 55.19 7.85 6.97
N GLY G 68 54.42 6.99 7.62
CA GLY G 68 54.75 6.61 8.98
C GLY G 68 54.40 7.66 10.00
N THR G 69 55.41 8.30 10.59
CA THR G 69 55.20 9.25 11.67
C THR G 69 55.65 10.66 11.33
N GLU G 70 56.22 10.89 10.15
CA GLU G 70 56.71 12.20 9.77
C GLU G 70 55.97 12.67 8.52
N PHE G 71 55.31 13.80 8.61
CA PHE G 71 54.53 14.34 7.51
C PHE G 71 54.84 15.82 7.33
N THR G 72 54.74 16.29 6.09
CA THR G 72 55.00 17.68 5.77
C THR G 72 53.94 18.20 4.82
N LEU G 73 53.62 19.49 4.96
CA LEU G 73 52.73 20.20 4.05
C LEU G 73 53.47 21.40 3.51
N THR G 74 53.54 21.51 2.19
CA THR G 74 54.38 22.51 1.53
C THR G 74 53.52 23.43 0.68
N ILE G 75 53.67 24.73 0.87
CA ILE G 75 53.05 25.75 0.04
C ILE G 75 54.15 26.41 -0.77
N SER G 76 54.06 26.32 -2.09
CA SER G 76 55.12 26.82 -2.95
C SER G 76 55.27 28.34 -2.85
N SER G 77 54.15 29.06 -2.85
CA SER G 77 54.19 30.52 -2.83
C SER G 77 52.99 31.02 -2.05
N LEU G 78 53.25 31.59 -0.88
CA LEU G 78 52.16 32.03 0.00
C LEU G 78 51.31 33.09 -0.69
N GLN G 79 50.00 32.92 -0.62
CA GLN G 79 49.02 33.81 -1.23
C GLN G 79 48.22 34.55 -0.16
N PRO G 80 47.61 35.69 -0.52
CA PRO G 80 46.89 36.49 0.49
C PRO G 80 45.75 35.75 1.18
N ASP G 81 45.20 34.70 0.57
CA ASP G 81 44.10 33.95 1.17
C ASP G 81 44.57 32.66 1.85
N ASP G 82 45.88 32.45 1.96
CA ASP G 82 46.41 31.26 2.60
C ASP G 82 46.64 31.45 4.10
N PHE G 83 46.34 32.63 4.64
CA PHE G 83 46.56 32.91 6.05
C PHE G 83 45.39 32.37 6.85
N ALA G 84 45.56 31.19 7.42
CA ALA G 84 44.53 30.55 8.23
C ALA G 84 45.20 29.53 9.13
N THR G 85 44.37 28.80 9.88
CA THR G 85 44.88 27.77 10.77
C THR G 85 44.80 26.42 10.07
N TYR G 86 45.90 25.67 10.10
CA TYR G 86 46.01 24.38 9.42
C TYR G 86 46.06 23.26 10.45
N TYR G 87 45.22 22.25 10.27
CA TYR G 87 45.10 21.15 11.22
C TYR G 87 45.52 19.85 10.56
N CYS G 88 46.08 18.95 11.35
CA CYS G 88 46.55 17.66 10.89
C CYS G 88 45.66 16.58 11.48
N GLN G 89 45.11 15.72 10.63
CA GLN G 89 44.20 14.68 11.05
C GLN G 89 44.73 13.32 10.65
N GLN G 90 44.58 12.33 11.52
CA GLN G 90 44.91 10.95 11.18
C GLN G 90 43.67 10.09 11.30
N TYR G 91 43.56 9.10 10.42
CA TYR G 91 42.53 8.07 10.55
C TYR G 91 43.21 6.74 10.21
N ASN G 92 43.83 6.14 11.21
CA ASN G 92 44.49 4.86 11.03
C ASN G 92 43.44 3.75 10.96
N SER G 93 43.87 2.55 10.57
CA SER G 93 42.93 1.45 10.34
C SER G 93 42.05 1.21 11.56
N TYR G 94 42.64 0.82 12.68
CA TYR G 94 41.88 0.48 13.87
C TYR G 94 41.78 1.62 14.87
N SER G 95 42.29 2.80 14.53
CA SER G 95 42.30 3.94 15.42
C SER G 95 41.25 4.95 15.00
N PHE G 96 40.75 5.70 15.98
CA PHE G 96 39.72 6.68 15.73
C PHE G 96 40.34 7.96 15.18
N TRP G 97 39.48 8.87 14.73
CA TRP G 97 39.93 10.13 14.17
C TRP G 97 40.34 11.09 15.27
N THR G 98 41.55 11.64 15.15
CA THR G 98 42.05 12.65 16.08
C THR G 98 42.68 13.79 15.30
N PHE G 99 42.73 14.96 15.91
CA PHE G 99 43.26 16.14 15.26
C PHE G 99 44.35 16.76 16.11
N GLY G 100 45.27 17.47 15.46
CA GLY G 100 46.30 18.19 16.15
C GLY G 100 45.81 19.53 16.67
N GLN G 101 46.70 20.21 17.38
CA GLN G 101 46.36 21.51 17.95
C GLN G 101 46.26 22.60 16.88
N GLY G 102 46.91 22.41 15.74
CA GLY G 102 46.79 23.35 14.64
C GLY G 102 47.80 24.48 14.69
N THR G 103 48.31 24.89 13.53
CA THR G 103 49.23 26.00 13.42
C THR G 103 48.58 27.11 12.62
N LYS G 104 48.92 28.35 12.97
CA LYS G 104 48.36 29.52 12.32
C LYS G 104 49.42 30.22 11.49
N VAL G 105 49.01 30.74 10.34
CA VAL G 105 49.90 31.47 9.44
C VAL G 105 49.56 32.95 9.55
N GLU G 106 50.56 33.75 9.90
CA GLU G 106 50.39 35.17 10.16
C GLU G 106 51.19 35.99 9.17
N ILE G 107 50.65 37.16 8.81
CA ILE G 107 51.35 38.07 7.90
C ILE G 107 52.64 38.55 8.56
N LYS G 108 53.72 38.51 7.80
CA LYS G 108 55.02 38.95 8.31
C LYS G 108 55.16 40.45 8.17
N VAL H 2 14.66 -13.07 -25.70
CA VAL H 2 14.83 -11.78 -25.05
C VAL H 2 15.60 -10.85 -25.97
N GLN H 3 15.42 -9.54 -25.77
CA GLN H 3 16.06 -8.57 -26.64
C GLN H 3 16.11 -7.23 -25.92
N LEU H 4 17.01 -6.37 -26.37
CA LEU H 4 17.24 -5.08 -25.73
C LEU H 4 17.76 -4.13 -26.80
N VAL H 5 16.91 -3.21 -27.24
CA VAL H 5 17.21 -2.35 -28.38
C VAL H 5 17.08 -0.90 -27.95
N GLU H 6 18.06 -0.08 -28.31
CA GLU H 6 18.05 1.34 -28.01
C GLU H 6 17.59 2.15 -29.21
N SER H 7 17.51 3.46 -29.02
CA SER H 7 17.08 4.39 -30.06
C SER H 7 17.40 5.79 -29.59
N GLY H 8 17.01 6.78 -30.39
CA GLY H 8 17.19 8.17 -30.02
C GLY H 8 18.52 8.78 -30.40
N GLY H 9 19.35 8.09 -31.17
CA GLY H 9 20.62 8.63 -31.57
C GLY H 9 20.48 9.68 -32.66
N GLY H 10 21.62 10.21 -33.07
CA GLY H 10 21.65 11.21 -34.11
C GLY H 10 22.83 12.15 -33.91
N VAL H 11 22.77 13.29 -34.58
CA VAL H 11 23.82 14.30 -34.51
C VAL H 11 23.20 15.59 -33.99
N VAL H 12 23.81 16.16 -32.96
CA VAL H 12 23.35 17.43 -32.39
C VAL H 12 24.55 18.34 -32.18
N GLN H 13 24.26 19.62 -32.14
CA GLN H 13 25.33 20.59 -31.96
C GLN H 13 25.78 20.61 -30.49
N PRO H 14 27.03 21.00 -30.23
CA PRO H 14 27.50 21.06 -28.84
C PRO H 14 26.64 21.98 -28.01
N GLY H 15 26.34 21.55 -26.79
CA GLY H 15 25.48 22.28 -25.91
C GLY H 15 24.00 21.94 -26.00
N ARG H 16 23.60 21.18 -27.02
CA ARG H 16 22.20 20.80 -27.15
C ARG H 16 21.89 19.62 -26.25
N SER H 17 20.59 19.31 -26.12
CA SER H 17 20.13 18.25 -25.24
C SER H 17 19.51 17.13 -26.08
N LEU H 18 19.89 15.89 -25.77
CA LEU H 18 19.45 14.72 -26.50
C LEU H 18 18.92 13.69 -25.51
N THR H 19 17.84 13.01 -25.87
CA THR H 19 17.24 12.00 -25.01
C THR H 19 17.34 10.65 -25.71
N LEU H 20 17.93 9.67 -25.03
CA LEU H 20 18.04 8.32 -25.53
C LEU H 20 17.00 7.42 -24.87
N SER H 21 16.64 6.35 -25.56
CA SER H 21 15.67 5.40 -25.05
C SER H 21 16.22 4.00 -25.20
N CYS H 22 15.62 3.05 -24.48
CA CYS H 22 16.11 1.67 -24.49
C CYS H 22 14.96 0.76 -24.11
N ALA H 23 14.35 0.13 -25.10
CA ALA H 23 13.18 -0.72 -24.87
C ALA H 23 13.62 -2.15 -24.64
N ALA H 24 13.09 -2.77 -23.58
CA ALA H 24 13.43 -4.13 -23.23
C ALA H 24 12.22 -5.03 -23.40
N SER H 25 12.45 -6.21 -23.98
CA SER H 25 11.36 -7.15 -24.25
C SER H 25 11.87 -8.56 -24.04
N GLY H 26 10.92 -9.47 -23.83
CA GLY H 26 11.23 -10.87 -23.64
C GLY H 26 11.52 -11.29 -22.22
N PHE H 27 11.56 -10.36 -21.28
CA PHE H 27 11.82 -10.69 -19.89
C PHE H 27 11.16 -9.64 -19.01
N THR H 28 11.10 -9.94 -17.72
CA THR H 28 10.51 -9.00 -16.77
C THR H 28 11.48 -7.84 -16.56
N PHE H 29 11.21 -6.71 -17.20
CA PHE H 29 12.16 -5.60 -17.18
C PHE H 29 12.21 -4.94 -15.82
N SER H 30 11.14 -5.00 -15.06
CA SER H 30 11.10 -4.35 -13.76
C SER H 30 11.87 -5.10 -12.71
N ASN H 31 12.69 -6.06 -13.09
CA ASN H 31 13.42 -6.89 -12.14
C ASN H 31 14.91 -6.65 -12.13
N TYR H 32 15.46 -5.94 -13.11
CA TYR H 32 16.90 -5.86 -13.30
C TYR H 32 17.36 -4.41 -13.28
N GLY H 33 18.51 -4.17 -12.64
CA GLY H 33 19.13 -2.87 -12.69
C GLY H 33 20.00 -2.78 -13.91
N MET H 34 19.86 -1.69 -14.66
CA MET H 34 20.45 -1.58 -15.98
C MET H 34 21.48 -0.46 -16.03
N HIS H 35 22.39 -0.57 -16.99
CA HIS H 35 23.52 0.33 -17.13
C HIS H 35 23.56 0.92 -18.53
N TRP H 36 24.26 2.04 -18.68
CA TRP H 36 24.57 2.60 -19.98
C TRP H 36 26.08 2.62 -20.14
N VAL H 37 26.57 2.14 -21.28
CA VAL H 37 28.01 2.01 -21.50
C VAL H 37 28.37 2.67 -22.84
N ARG H 38 29.42 3.48 -22.84
CA ARG H 38 29.89 4.15 -24.05
C ARG H 38 30.92 3.30 -24.76
N GLN H 39 31.17 3.62 -26.03
CA GLN H 39 32.26 3.01 -26.79
C GLN H 39 32.85 4.08 -27.72
N THR H 40 33.86 4.78 -27.25
CA THR H 40 34.55 5.74 -28.07
C THR H 40 35.59 5.03 -28.93
N PRO H 41 35.52 5.15 -30.25
CA PRO H 41 36.52 4.47 -31.09
C PRO H 41 37.93 4.90 -30.72
N GLY H 42 38.85 3.94 -30.72
CA GLY H 42 40.19 4.17 -30.23
C GLY H 42 40.35 4.02 -28.74
N LYS H 43 39.27 3.75 -28.02
CA LYS H 43 39.31 3.53 -26.57
C LYS H 43 38.34 2.41 -26.24
N GLY H 44 38.63 1.70 -25.15
CA GLY H 44 37.76 0.63 -24.73
C GLY H 44 36.44 1.17 -24.20
N LEU H 45 35.58 0.24 -23.80
CA LEU H 45 34.29 0.62 -23.25
C LEU H 45 34.48 1.43 -21.98
N ALA H 46 33.52 2.31 -21.71
CA ALA H 46 33.54 3.10 -20.50
C ALA H 46 32.14 3.16 -19.93
N TRP H 47 32.03 3.08 -18.61
CA TRP H 47 30.75 3.08 -17.96
C TRP H 47 30.22 4.51 -17.83
N VAL H 48 28.90 4.64 -17.76
CA VAL H 48 28.26 5.97 -17.79
C VAL H 48 27.33 6.20 -16.61
N ALA H 49 26.42 5.29 -16.35
CA ALA H 49 25.44 5.47 -15.29
C ALA H 49 24.97 4.10 -14.81
N ILE H 50 24.03 4.10 -13.87
CA ILE H 50 23.40 2.88 -13.38
C ILE H 50 22.04 3.23 -12.80
N ILE H 51 21.06 2.36 -13.00
CA ILE H 51 19.73 2.53 -12.45
C ILE H 51 19.42 1.32 -11.58
N TRP H 52 18.87 1.56 -10.40
CA TRP H 52 18.82 0.56 -9.34
C TRP H 52 17.48 -0.17 -9.30
N TYR H 53 16.99 -0.68 -10.42
CA TYR H 53 15.83 -1.57 -10.46
C TYR H 53 14.56 -0.88 -10.00
N ASP H 54 14.70 0.32 -9.45
CA ASP H 54 13.55 1.06 -8.98
C ASP H 54 13.59 2.53 -9.30
N GLY H 55 14.70 3.06 -9.80
CA GLY H 55 14.89 4.48 -9.90
C GLY H 55 15.32 5.12 -8.61
N SER H 56 15.49 4.35 -7.54
CA SER H 56 15.81 4.95 -6.24
C SER H 56 17.25 5.42 -6.19
N LYS H 57 18.19 4.65 -6.72
CA LYS H 57 19.61 4.95 -6.62
C LYS H 57 20.22 5.04 -8.00
N THR H 58 20.99 6.10 -8.24
CA THR H 58 21.75 6.26 -9.46
C THR H 58 23.17 6.66 -9.12
N TYR H 59 24.11 6.20 -9.93
CA TYR H 59 25.51 6.59 -9.79
C TYR H 59 26.07 6.88 -11.17
N TYR H 60 26.76 8.00 -11.33
CA TYR H 60 27.23 8.43 -12.64
C TYR H 60 28.75 8.43 -12.70
N GLU H 61 29.26 8.43 -13.92
CA GLU H 61 30.68 8.62 -14.12
C GLU H 61 31.09 10.01 -13.66
N ASP H 62 32.35 10.14 -13.21
CA ASP H 62 32.81 11.42 -12.68
C ASP H 62 32.80 12.53 -13.70
N SER H 63 32.84 12.21 -15.00
CA SER H 63 32.87 13.24 -16.03
C SER H 63 31.50 13.64 -16.54
N VAL H 64 30.44 12.95 -16.15
CA VAL H 64 29.10 13.24 -16.63
C VAL H 64 28.14 13.53 -15.49
N LYS H 65 28.64 13.77 -14.29
CA LYS H 65 27.74 14.06 -13.18
C LYS H 65 27.11 15.43 -13.38
N GLY H 66 25.79 15.46 -13.38
CA GLY H 66 25.05 16.70 -13.55
C GLY H 66 24.69 17.05 -14.97
N ARG H 67 25.28 16.39 -15.95
CA ARG H 67 24.90 16.58 -17.35
C ARG H 67 24.11 15.41 -17.90
N PHE H 68 24.14 14.26 -17.24
CA PHE H 68 23.43 13.07 -17.68
C PHE H 68 22.41 12.71 -16.63
N THR H 69 21.22 12.34 -17.05
CA THR H 69 20.18 11.89 -16.14
C THR H 69 19.64 10.56 -16.63
N ILE H 70 19.86 9.50 -15.87
CA ILE H 70 19.37 8.17 -16.21
C ILE H 70 18.11 7.92 -15.40
N SER H 71 17.04 7.50 -16.08
CA SER H 71 15.79 7.23 -15.41
C SER H 71 15.08 6.12 -16.17
N ARG H 72 14.30 5.34 -15.44
CA ARG H 72 13.67 4.16 -16.02
C ARG H 72 12.18 4.18 -15.78
N ASP H 73 11.44 3.57 -16.70
CA ASP H 73 10.00 3.43 -16.61
C ASP H 73 9.71 1.94 -16.64
N ASN H 74 9.22 1.40 -15.53
CA ASN H 74 8.92 -0.02 -15.48
C ASN H 74 7.64 -0.38 -16.23
N SER H 75 6.71 0.56 -16.39
CA SER H 75 5.43 0.22 -17.01
C SER H 75 5.55 -0.01 -18.51
N LYS H 76 6.35 0.80 -19.20
CA LYS H 76 6.52 0.66 -20.65
C LYS H 76 7.81 -0.06 -21.03
N ASN H 77 8.55 -0.58 -20.05
CA ASN H 77 9.79 -1.31 -20.32
C ASN H 77 10.76 -0.48 -21.16
N THR H 78 11.20 0.64 -20.59
CA THR H 78 12.14 1.52 -21.27
C THR H 78 13.19 2.03 -20.29
N LEU H 79 14.28 2.53 -20.85
CA LEU H 79 15.28 3.32 -20.14
C LEU H 79 15.43 4.66 -20.82
N TYR H 80 15.86 5.66 -20.06
CA TYR H 80 16.08 6.99 -20.62
C TYR H 80 17.38 7.53 -20.06
N LEU H 81 18.18 8.16 -20.90
CA LEU H 81 19.40 8.83 -20.46
C LEU H 81 19.40 10.24 -21.05
N GLN H 82 18.86 11.21 -20.32
CA GLN H 82 18.81 12.58 -20.79
C GLN H 82 20.21 13.17 -20.74
N MET H 83 20.74 13.59 -21.88
CA MET H 83 22.09 14.13 -21.97
C MET H 83 22.02 15.62 -22.23
N ASN H 84 22.51 16.41 -21.27
CA ASN H 84 22.51 17.87 -21.37
C ASN H 84 23.94 18.40 -21.46
N SER H 85 24.07 19.57 -22.05
CA SER H 85 25.37 20.23 -22.21
C SER H 85 26.38 19.30 -22.88
N LEU H 86 25.97 18.76 -24.03
CA LEU H 86 26.81 17.84 -24.77
C LEU H 86 28.08 18.53 -25.25
N ARG H 87 29.17 17.76 -25.32
CA ARG H 87 30.45 18.26 -25.77
C ARG H 87 30.95 17.39 -26.91
N VAL H 88 32.04 17.84 -27.54
CA VAL H 88 32.63 17.08 -28.65
C VAL H 88 33.20 15.75 -28.16
N ASP H 89 33.53 15.64 -26.89
CA ASP H 89 34.09 14.40 -26.38
C ASP H 89 33.09 13.26 -26.37
N ASP H 90 31.79 13.58 -26.26
CA ASP H 90 30.78 12.56 -26.05
C ASP H 90 30.39 11.82 -27.31
N THR H 91 31.19 11.88 -28.38
CA THR H 91 30.90 11.12 -29.59
C THR H 91 31.26 9.66 -29.36
N ALA H 92 30.25 8.83 -29.11
CA ALA H 92 30.49 7.42 -28.86
C ALA H 92 29.20 6.66 -29.02
N VAL H 93 29.32 5.36 -29.20
CA VAL H 93 28.18 4.47 -29.29
C VAL H 93 27.75 4.08 -27.89
N TYR H 94 26.46 4.20 -27.60
CA TYR H 94 25.93 3.95 -26.27
C TYR H 94 25.23 2.60 -26.24
N TYR H 95 25.54 1.78 -25.24
CA TYR H 95 24.98 0.45 -25.09
C TYR H 95 24.13 0.38 -23.83
N CYS H 96 23.11 -0.46 -23.85
CA CYS H 96 22.42 -0.82 -22.62
C CYS H 96 22.99 -2.12 -22.07
N ALA H 97 23.01 -2.25 -20.76
CA ALA H 97 23.53 -3.46 -20.14
C ALA H 97 22.62 -3.87 -19.01
N ARG H 98 22.46 -5.16 -18.83
CA ARG H 98 21.63 -5.70 -17.76
C ARG H 98 22.51 -6.44 -16.76
N VAL H 99 22.28 -6.20 -15.49
CA VAL H 99 23.09 -6.84 -14.45
C VAL H 99 22.58 -8.25 -14.22
N ARG H 100 23.47 -9.22 -14.32
CA ARG H 100 23.09 -10.62 -14.15
C ARG H 100 22.56 -10.87 -12.74
N HIS H 101 21.60 -11.78 -12.64
CA HIS H 101 21.14 -12.22 -11.33
C HIS H 101 22.29 -12.86 -10.57
N SER H 102 22.44 -12.49 -9.30
CA SER H 102 23.55 -12.95 -8.50
C SER H 102 23.05 -13.38 -7.13
N SER H 103 23.54 -14.50 -6.63
CA SER H 103 23.11 -15.02 -5.34
C SER H 103 23.97 -14.47 -4.21
N SER H 104 24.08 -13.15 -4.14
CA SER H 104 24.88 -12.50 -3.11
C SER H 104 24.43 -11.04 -3.03
N ARG H 105 25.20 -10.24 -2.31
CA ARG H 105 24.94 -8.82 -2.19
C ARG H 105 25.91 -7.98 -3.02
N HIS H 106 26.53 -8.57 -4.04
CA HIS H 106 27.63 -7.92 -4.74
C HIS H 106 27.38 -7.74 -6.23
N GLY H 107 26.18 -7.95 -6.71
CA GLY H 107 25.92 -7.70 -8.12
C GLY H 107 26.61 -8.73 -9.00
N SER H 108 26.61 -8.44 -10.29
CA SER H 108 27.21 -9.35 -11.26
C SER H 108 27.52 -8.57 -12.53
N ALA H 109 27.96 -9.29 -13.55
CA ALA H 109 28.43 -8.66 -14.76
C ALA H 109 27.27 -8.29 -15.67
N PHE H 110 27.59 -7.62 -16.78
CA PHE H 110 26.60 -7.18 -17.74
C PHE H 110 26.43 -8.26 -18.80
N ASP H 111 25.33 -9.00 -18.74
CA ASP H 111 25.21 -10.11 -19.68
C ASP H 111 24.49 -9.71 -20.96
N LEU H 112 23.31 -9.12 -20.87
CA LEU H 112 22.52 -8.79 -22.05
C LEU H 112 22.85 -7.38 -22.50
N TRP H 113 23.46 -7.25 -23.67
CA TRP H 113 23.84 -5.96 -24.21
C TRP H 113 23.01 -5.63 -25.44
N GLY H 114 22.68 -4.36 -25.61
CA GLY H 114 21.95 -3.91 -26.78
C GLY H 114 22.84 -3.77 -27.99
N GLN H 115 22.22 -3.45 -29.12
CA GLN H 115 22.97 -3.29 -30.34
C GLN H 115 23.66 -1.94 -30.45
N GLY H 116 23.32 -0.98 -29.59
CA GLY H 116 24.02 0.28 -29.55
C GLY H 116 23.49 1.31 -30.53
N THR H 117 23.44 2.56 -30.10
CA THR H 117 23.06 3.67 -30.94
C THR H 117 24.20 4.67 -31.01
N LEU H 118 24.36 5.31 -32.16
CA LEU H 118 25.47 6.22 -32.40
C LEU H 118 25.03 7.65 -32.12
N VAL H 119 25.76 8.32 -31.24
CA VAL H 119 25.51 9.72 -30.90
C VAL H 119 26.73 10.52 -31.31
N THR H 120 26.52 11.50 -32.20
CA THR H 120 27.61 12.30 -32.75
C THR H 120 27.40 13.76 -32.34
N VAL H 121 28.43 14.37 -31.78
CA VAL H 121 28.41 15.79 -31.44
C VAL H 121 29.54 16.47 -32.19
N SER H 122 29.19 17.39 -33.08
CA SER H 122 30.18 18.08 -33.89
C SER H 122 29.57 19.37 -34.40
N SER H 123 30.43 20.24 -34.93
CA SER H 123 29.99 21.50 -35.49
C SER H 123 30.20 21.56 -36.99
N ILE I 2 40.44 1.50 -10.45
CA ILE I 2 41.41 0.55 -11.01
C ILE I 2 41.57 0.77 -12.50
N GLN I 3 42.79 0.67 -12.98
CA GLN I 3 43.10 0.74 -14.39
C GLN I 3 43.47 -0.66 -14.88
N MET I 4 42.70 -1.19 -15.81
CA MET I 4 42.89 -2.54 -16.31
C MET I 4 43.62 -2.48 -17.65
N THR I 5 44.78 -3.12 -17.71
CA THR I 5 45.58 -3.20 -18.94
C THR I 5 45.65 -4.64 -19.38
N GLN I 6 45.37 -4.89 -20.65
CA GLN I 6 45.38 -6.23 -21.21
C GLN I 6 46.59 -6.40 -22.12
N SER I 7 47.28 -7.53 -21.96
CA SER I 7 48.42 -7.85 -22.81
C SER I 7 48.31 -9.28 -23.30
N PRO I 8 48.69 -9.55 -24.55
CA PRO I 8 49.21 -8.63 -25.55
C PRO I 8 48.09 -7.83 -26.20
N SER I 9 48.42 -6.69 -26.83
CA SER I 9 47.39 -5.86 -27.45
C SER I 9 46.72 -6.58 -28.61
N THR I 10 47.50 -7.28 -29.44
CA THR I 10 46.96 -8.03 -30.56
C THR I 10 47.77 -9.30 -30.75
N LEU I 11 47.08 -10.44 -30.81
CA LEU I 11 47.73 -11.73 -30.96
C LEU I 11 47.16 -12.44 -32.18
N SER I 12 48.04 -13.02 -32.99
CA SER I 12 47.63 -13.76 -34.18
C SER I 12 47.59 -15.24 -33.88
N ALA I 13 46.58 -15.92 -34.42
CA ALA I 13 46.40 -17.34 -34.17
C ALA I 13 45.59 -17.94 -35.30
N SER I 14 45.68 -19.26 -35.43
CA SER I 14 44.97 -20.01 -36.46
C SER I 14 43.88 -20.86 -35.81
N VAL I 15 43.14 -21.58 -36.66
CA VAL I 15 42.04 -22.41 -36.15
C VAL I 15 42.62 -23.58 -35.37
N GLY I 16 42.09 -23.80 -34.17
CA GLY I 16 42.53 -24.89 -33.33
C GLY I 16 43.74 -24.59 -32.47
N ASP I 17 44.32 -23.40 -32.61
CA ASP I 17 45.48 -23.03 -31.81
C ASP I 17 45.03 -22.51 -30.45
N ARG I 18 45.90 -22.67 -29.47
CA ARG I 18 45.64 -22.27 -28.09
C ARG I 18 45.95 -20.79 -27.92
N VAL I 19 45.02 -20.05 -27.33
CA VAL I 19 45.12 -18.61 -27.16
C VAL I 19 44.99 -18.28 -25.69
N THR I 20 45.90 -17.45 -25.19
CA THR I 20 45.84 -16.97 -23.81
C THR I 20 45.92 -15.46 -23.81
N ILE I 21 45.00 -14.83 -23.10
CA ILE I 21 44.92 -13.38 -22.97
C ILE I 21 45.10 -13.04 -21.50
N THR I 22 45.99 -12.10 -21.20
CA THR I 22 46.33 -11.75 -19.83
C THR I 22 45.76 -10.39 -19.49
N CYS I 23 45.03 -10.31 -18.38
CA CYS I 23 44.46 -9.07 -17.87
C CYS I 23 45.06 -8.78 -16.51
N ARG I 24 45.45 -7.53 -16.29
CA ARG I 24 46.07 -7.12 -15.04
C ARG I 24 45.32 -5.92 -14.47
N ALA I 25 45.31 -5.81 -13.14
CA ALA I 25 44.63 -4.73 -12.47
C ALA I 25 45.62 -3.95 -11.61
N SER I 26 45.45 -2.63 -11.56
CA SER I 26 46.34 -1.80 -10.77
C SER I 26 46.09 -1.93 -9.27
N GLN I 27 44.92 -2.39 -8.86
CA GLN I 27 44.62 -2.66 -7.47
C GLN I 27 43.92 -4.01 -7.37
N SER I 28 44.00 -4.61 -6.20
CA SER I 28 43.38 -5.92 -6.01
C SER I 28 41.88 -5.83 -6.21
N VAL I 29 41.34 -6.75 -7.00
CA VAL I 29 39.90 -6.80 -7.28
C VAL I 29 39.30 -8.14 -6.86
N SER I 30 40.01 -8.88 -6.01
CA SER I 30 39.57 -10.19 -5.50
C SER I 30 39.31 -11.08 -6.72
N THR I 31 38.17 -11.76 -6.80
CA THR I 31 37.81 -12.53 -7.98
C THR I 31 36.75 -11.83 -8.82
N TRP I 32 36.45 -10.57 -8.52
CA TRP I 32 35.40 -9.83 -9.20
C TRP I 32 35.92 -9.32 -10.53
N LEU I 33 35.67 -10.09 -11.58
CA LEU I 33 36.16 -9.76 -12.91
C LEU I 33 35.37 -10.55 -13.93
N ALA I 34 35.14 -9.95 -15.08
CA ALA I 34 34.34 -10.58 -16.13
C ALA I 34 35.00 -10.36 -17.47
N TRP I 35 34.71 -11.24 -18.41
CA TRP I 35 35.27 -11.15 -19.75
C TRP I 35 34.15 -11.01 -20.76
N TYR I 36 34.44 -10.31 -21.86
CA TYR I 36 33.43 -10.04 -22.87
C TYR I 36 33.99 -10.34 -24.24
N GLN I 37 33.10 -10.67 -25.17
CA GLN I 37 33.46 -10.90 -26.57
C GLN I 37 32.61 -9.99 -27.43
N GLN I 38 33.26 -9.19 -28.26
CA GLN I 38 32.56 -8.23 -29.11
C GLN I 38 32.99 -8.44 -30.55
N LYS I 39 32.16 -9.10 -31.34
CA LYS I 39 32.40 -9.16 -32.77
C LYS I 39 32.15 -7.78 -33.38
N PRO I 40 32.79 -7.47 -34.50
CA PRO I 40 32.64 -6.13 -35.08
C PRO I 40 31.19 -5.82 -35.43
N GLY I 41 30.77 -4.60 -35.10
CA GLY I 41 29.43 -4.15 -35.43
C GLY I 41 28.33 -4.69 -34.56
N GLN I 42 28.65 -5.32 -33.43
CA GLN I 42 27.62 -5.87 -32.57
C GLN I 42 27.79 -5.38 -31.14
N GLY I 43 27.00 -5.92 -30.22
CA GLY I 43 27.16 -5.62 -28.81
C GLY I 43 27.86 -6.75 -28.11
N PRO I 44 28.79 -6.43 -27.21
CA PRO I 44 29.58 -7.47 -26.56
C PRO I 44 28.73 -8.44 -25.78
N LYS I 45 29.19 -9.69 -25.72
CA LYS I 45 28.48 -10.77 -25.06
C LYS I 45 29.30 -11.29 -23.89
N LEU I 46 28.65 -11.50 -22.76
CA LEU I 46 29.34 -12.00 -21.58
C LEU I 46 29.80 -13.43 -21.80
N LEU I 47 31.02 -13.73 -21.37
CA LEU I 47 31.58 -15.08 -21.45
C LEU I 47 31.83 -15.67 -20.07
N ILE I 48 32.58 -14.98 -19.23
CA ILE I 48 33.00 -15.49 -17.93
C ILE I 48 32.66 -14.45 -16.88
N TYR I 49 32.03 -14.88 -15.79
CA TYR I 49 31.76 -14.00 -14.66
C TYR I 49 32.44 -14.56 -13.43
N GLU I 50 32.90 -13.65 -12.56
CA GLU I 50 33.67 -13.99 -11.37
C GLU I 50 35.00 -14.65 -11.72
N ALA I 51 35.46 -14.48 -12.95
CA ALA I 51 36.78 -14.89 -13.39
C ALA I 51 36.96 -16.40 -13.46
N SER I 52 35.99 -17.15 -12.98
CA SER I 52 36.09 -18.60 -13.09
C SER I 52 34.85 -19.26 -13.68
N SER I 53 33.66 -18.78 -13.34
CA SER I 53 32.44 -19.42 -13.78
C SER I 53 32.17 -19.10 -15.24
N LEU I 54 31.39 -19.96 -15.88
CA LEU I 54 31.03 -19.80 -17.29
C LEU I 54 29.56 -19.43 -17.39
N GLU I 55 29.26 -18.40 -18.16
CA GLU I 55 27.88 -18.00 -18.40
C GLU I 55 27.15 -19.06 -19.20
N SER I 56 25.88 -19.26 -18.90
CA SER I 56 25.09 -20.28 -19.59
C SER I 56 24.98 -19.95 -21.07
N GLY I 57 25.22 -20.96 -21.90
CA GLY I 57 25.17 -20.81 -23.34
C GLY I 57 26.51 -20.66 -24.01
N VAL I 58 27.58 -20.42 -23.25
CA VAL I 58 28.92 -20.30 -23.81
C VAL I 58 29.46 -21.70 -24.09
N PRO I 59 30.25 -21.90 -25.14
CA PRO I 59 30.89 -23.20 -25.34
C PRO I 59 31.92 -23.48 -24.26
N SER I 60 32.20 -24.76 -24.06
CA SER I 60 33.16 -25.18 -23.05
C SER I 60 34.59 -24.81 -23.39
N ARG I 61 34.85 -24.32 -24.62
CA ARG I 61 36.20 -23.94 -24.98
C ARG I 61 36.72 -22.82 -24.09
N PHE I 62 35.89 -21.82 -23.81
CA PHE I 62 36.33 -20.67 -23.04
C PHE I 62 36.52 -21.05 -21.57
N SER I 63 37.61 -20.57 -20.99
CA SER I 63 37.91 -20.82 -19.58
C SER I 63 38.72 -19.66 -19.06
N GLY I 64 38.69 -19.49 -17.74
CA GLY I 64 39.41 -18.40 -17.11
C GLY I 64 39.77 -18.74 -15.69
N SER I 65 40.84 -18.12 -15.20
CA SER I 65 41.32 -18.39 -13.85
C SER I 65 42.16 -17.23 -13.37
N GLY I 66 42.32 -17.16 -12.05
CA GLY I 66 43.15 -16.12 -11.46
C GLY I 66 42.46 -15.40 -10.32
N SER I 67 43.23 -14.68 -9.52
CA SER I 67 42.68 -13.94 -8.40
C SER I 67 43.64 -12.83 -8.03
N GLY I 68 43.08 -11.73 -7.55
CA GLY I 68 43.89 -10.59 -7.14
C GLY I 68 44.13 -9.62 -8.29
N THR I 69 45.36 -9.60 -8.80
CA THR I 69 45.75 -8.67 -9.84
C THR I 69 46.15 -9.33 -11.15
N GLU I 70 46.19 -10.66 -11.21
CA GLU I 70 46.61 -11.37 -12.41
C GLU I 70 45.49 -12.28 -12.86
N PHE I 71 44.98 -12.05 -14.07
CA PHE I 71 43.89 -12.85 -14.62
C PHE I 71 44.24 -13.28 -16.04
N THR I 72 43.78 -14.46 -16.41
CA THR I 72 44.01 -14.98 -17.75
C THR I 72 42.76 -15.61 -18.30
N LEU I 73 42.60 -15.54 -19.62
CA LEU I 73 41.56 -16.27 -20.33
C LEU I 73 42.23 -17.25 -21.28
N THR I 74 41.73 -18.47 -21.32
CA THR I 74 42.33 -19.53 -22.13
C THR I 74 41.27 -20.15 -23.02
N ILE I 75 41.54 -20.18 -24.32
CA ILE I 75 40.71 -20.89 -25.28
C ILE I 75 41.46 -22.15 -25.71
N SER I 76 40.90 -23.31 -25.37
CA SER I 76 41.60 -24.56 -25.63
C SER I 76 41.78 -24.82 -27.11
N SER I 77 40.75 -24.55 -27.91
CA SER I 77 40.78 -24.81 -29.34
C SER I 77 40.10 -23.66 -30.06
N LEU I 78 40.87 -22.85 -30.78
CA LEU I 78 40.31 -21.72 -31.50
C LEU I 78 39.40 -22.21 -32.63
N GLN I 79 38.32 -21.47 -32.85
CA GLN I 79 37.32 -21.79 -33.86
C GLN I 79 37.14 -20.61 -34.79
N PRO I 80 36.60 -20.83 -35.99
CA PRO I 80 36.41 -19.70 -36.92
C PRO I 80 35.48 -18.63 -36.40
N ASP I 81 34.62 -18.93 -35.42
CA ASP I 81 33.72 -17.93 -34.85
C ASP I 81 34.27 -17.30 -33.58
N ASP I 82 35.52 -17.61 -33.21
CA ASP I 82 36.13 -17.07 -32.01
C ASP I 82 37.03 -15.89 -32.29
N PHE I 83 37.03 -15.36 -33.51
CA PHE I 83 37.88 -14.24 -33.87
C PHE I 83 37.11 -12.94 -33.60
N ALA I 84 37.32 -12.38 -32.42
CA ALA I 84 36.65 -11.15 -32.04
C ALA I 84 37.46 -10.48 -30.94
N THR I 85 37.06 -9.28 -30.57
CA THR I 85 37.75 -8.52 -29.55
C THR I 85 37.28 -8.94 -28.17
N TYR I 86 38.22 -9.14 -27.24
CA TYR I 86 37.92 -9.58 -25.88
C TYR I 86 38.26 -8.48 -24.88
N TYR I 87 37.34 -8.21 -23.97
CA TYR I 87 37.49 -7.13 -23.00
C TYR I 87 37.52 -7.70 -21.59
N CYS I 88 38.19 -6.99 -20.70
CA CYS I 88 38.34 -7.39 -19.30
C CYS I 88 37.69 -6.35 -18.42
N GLN I 89 36.60 -6.71 -17.76
CA GLN I 89 35.89 -5.79 -16.88
C GLN I 89 36.07 -6.20 -15.44
N GLN I 90 36.10 -5.21 -14.54
CA GLN I 90 36.16 -5.46 -13.12
C GLN I 90 35.00 -4.77 -12.42
N TYR I 91 34.53 -5.37 -11.31
CA TYR I 91 33.54 -4.73 -10.46
C TYR I 91 33.93 -5.02 -9.01
N ASN I 92 34.79 -4.18 -8.45
CA ASN I 92 35.25 -4.41 -7.10
C ASN I 92 34.15 -4.09 -6.10
N SER I 93 34.45 -4.26 -4.81
CA SER I 93 33.45 -4.04 -3.78
C SER I 93 33.05 -2.59 -3.68
N TYR I 94 34.03 -1.68 -3.62
CA TYR I 94 33.75 -0.26 -3.46
C TYR I 94 34.21 0.57 -4.64
N SER I 95 34.51 -0.07 -5.78
CA SER I 95 34.97 0.64 -6.95
C SER I 95 34.02 0.41 -8.12
N PHE I 96 33.92 1.42 -8.96
CA PHE I 96 32.98 1.35 -10.06
C PHE I 96 33.50 0.43 -11.15
N TRP I 97 32.65 0.19 -12.15
CA TRP I 97 33.01 -0.70 -13.25
C TRP I 97 33.93 0.00 -14.22
N THR I 98 35.05 -0.64 -14.55
CA THR I 98 35.99 -0.12 -15.54
C THR I 98 36.38 -1.23 -16.49
N PHE I 99 36.59 -0.87 -17.76
CA PHE I 99 36.86 -1.85 -18.80
C PHE I 99 38.28 -1.69 -19.32
N GLY I 100 38.80 -2.77 -19.89
CA GLY I 100 40.14 -2.77 -20.44
C GLY I 100 40.17 -2.28 -21.87
N GLN I 101 41.39 -2.27 -22.44
CA GLN I 101 41.58 -1.77 -23.79
C GLN I 101 41.01 -2.69 -24.83
N GLY I 102 41.09 -4.00 -24.62
CA GLY I 102 40.53 -4.96 -25.55
C GLY I 102 41.54 -5.49 -26.55
N THR I 103 41.76 -6.80 -26.54
CA THR I 103 42.67 -7.45 -27.46
C THR I 103 41.90 -8.06 -28.61
N LYS I 104 42.43 -7.91 -29.82
CA LYS I 104 41.79 -8.43 -31.02
C LYS I 104 42.53 -9.67 -31.49
N VAL I 105 41.80 -10.76 -31.70
CA VAL I 105 42.36 -12.00 -32.20
C VAL I 105 42.13 -12.05 -33.70
N GLU I 106 43.21 -12.11 -34.47
CA GLU I 106 43.15 -12.05 -35.92
C GLU I 106 43.59 -13.38 -36.53
N ILE I 107 43.22 -13.58 -37.78
CA ILE I 107 43.52 -14.82 -38.49
C ILE I 107 44.95 -14.78 -39.00
N LYS I 108 45.70 -15.85 -38.75
CA LYS I 108 47.06 -15.97 -39.26
C LYS I 108 47.02 -16.41 -40.72
N VAL J 2 -8.30 -23.09 9.66
CA VAL J 2 -7.56 -22.89 8.43
C VAL J 2 -7.41 -24.22 7.72
N GLN J 3 -7.43 -24.18 6.39
CA GLN J 3 -7.35 -25.39 5.59
C GLN J 3 -6.87 -25.01 4.19
N LEU J 4 -6.18 -25.94 3.55
CA LEU J 4 -5.60 -25.67 2.23
C LEU J 4 -5.61 -26.98 1.45
N VAL J 5 -6.54 -27.12 0.53
CA VAL J 5 -6.77 -28.37 -0.19
C VAL J 5 -6.64 -28.12 -1.68
N GLU J 6 -5.86 -28.96 -2.35
CA GLU J 6 -5.69 -28.86 -3.79
C GLU J 6 -6.54 -29.91 -4.51
N SER J 7 -6.38 -29.98 -5.82
CA SER J 7 -7.15 -30.88 -6.68
C SER J 7 -6.46 -30.91 -8.04
N GLY J 8 -7.11 -31.55 -9.02
CA GLY J 8 -6.64 -31.50 -10.38
C GLY J 8 -5.55 -32.48 -10.75
N GLY J 9 -5.28 -33.48 -9.91
CA GLY J 9 -4.27 -34.45 -10.24
C GLY J 9 -4.76 -35.49 -11.22
N GLY J 10 -3.86 -36.36 -11.63
CA GLY J 10 -4.20 -37.41 -12.55
C GLY J 10 -2.99 -37.82 -13.38
N VAL J 11 -3.27 -38.53 -14.46
CA VAL J 11 -2.25 -39.09 -15.33
C VAL J 11 -2.42 -38.51 -16.72
N VAL J 12 -1.35 -37.93 -17.26
CA VAL J 12 -1.36 -37.41 -18.62
C VAL J 12 -0.09 -37.84 -19.33
N GLN J 13 -0.15 -37.87 -20.65
CA GLN J 13 0.97 -38.29 -21.46
C GLN J 13 1.98 -37.16 -21.62
N PRO J 14 3.23 -37.47 -21.93
CA PRO J 14 4.22 -36.42 -22.14
C PRO J 14 3.83 -35.53 -23.30
N GLY J 15 4.11 -34.23 -23.16
CA GLY J 15 3.77 -33.26 -24.16
C GLY J 15 2.42 -32.60 -23.97
N ARG J 16 1.56 -33.17 -23.15
CA ARG J 16 0.25 -32.59 -22.90
C ARG J 16 0.32 -31.56 -21.78
N SER J 17 -0.80 -30.89 -21.54
CA SER J 17 -0.87 -29.84 -20.55
C SER J 17 -1.86 -30.21 -19.46
N LEU J 18 -1.57 -29.81 -18.23
CA LEU J 18 -2.40 -30.08 -17.08
C LEU J 18 -2.44 -28.85 -16.19
N THR J 19 -3.60 -28.58 -15.58
CA THR J 19 -3.77 -27.43 -14.71
C THR J 19 -4.22 -27.88 -13.33
N LEU J 20 -3.50 -27.44 -12.31
CA LEU J 20 -3.80 -27.77 -10.92
C LEU J 20 -4.50 -26.60 -10.25
N SER J 21 -5.27 -26.91 -9.21
CA SER J 21 -6.01 -25.90 -8.45
C SER J 21 -5.72 -26.09 -6.98
N CYS J 22 -5.95 -25.03 -6.20
CA CYS J 22 -5.60 -25.03 -4.78
C CYS J 22 -6.55 -24.10 -4.04
N ALA J 23 -7.58 -24.66 -3.42
CA ALA J 23 -8.60 -23.87 -2.77
C ALA J 23 -8.23 -23.64 -1.30
N ALA J 24 -8.27 -22.40 -0.87
CA ALA J 24 -7.89 -22.02 0.48
C ALA J 24 -9.13 -21.67 1.28
N SER J 25 -9.25 -22.25 2.47
CA SER J 25 -10.42 -22.05 3.30
C SER J 25 -10.00 -21.79 4.73
N GLY J 26 -10.80 -21.00 5.44
CA GLY J 26 -10.58 -20.73 6.84
C GLY J 26 -9.65 -19.57 7.14
N PHE J 27 -9.16 -18.87 6.13
CA PHE J 27 -8.30 -17.72 6.36
C PHE J 27 -8.41 -16.79 5.17
N THR J 28 -7.94 -15.56 5.35
CA THR J 28 -7.99 -14.56 4.29
C THR J 28 -6.89 -14.90 3.27
N PHE J 29 -7.31 -15.23 2.06
CA PHE J 29 -6.36 -15.71 1.06
C PHE J 29 -5.70 -14.58 0.32
N SER J 30 -6.35 -13.45 0.21
CA SER J 30 -5.80 -12.36 -0.58
C SER J 30 -4.69 -11.63 0.13
N ASN J 31 -4.26 -12.07 1.31
CA ASN J 31 -3.18 -11.40 2.04
C ASN J 31 -1.88 -12.17 2.03
N TYR J 32 -1.85 -13.40 1.52
CA TYR J 32 -0.71 -14.28 1.65
C TYR J 32 -0.15 -14.60 0.27
N GLY J 33 1.18 -14.54 0.14
CA GLY J 33 1.83 -15.02 -1.08
C GLY J 33 2.09 -16.50 -0.95
N MET J 34 1.70 -17.25 -1.97
CA MET J 34 1.66 -18.70 -1.89
C MET J 34 2.72 -19.31 -2.79
N HIS J 35 3.03 -20.58 -2.55
CA HIS J 35 4.06 -21.30 -3.26
C HIS J 35 3.52 -22.61 -3.78
N TRP J 36 4.29 -23.26 -4.64
CA TRP J 36 4.01 -24.63 -5.06
C TRP J 36 5.29 -25.43 -4.91
N VAL J 37 5.19 -26.62 -4.32
CA VAL J 37 6.36 -27.43 -4.00
C VAL J 37 6.12 -28.85 -4.47
N ARG J 38 7.09 -29.42 -5.17
CA ARG J 38 7.03 -30.81 -5.59
C ARG J 38 7.55 -31.73 -4.51
N GLN J 39 7.32 -33.03 -4.68
CA GLN J 39 7.99 -34.02 -3.85
C GLN J 39 8.13 -35.30 -4.67
N THR J 40 9.25 -35.45 -5.33
CA THR J 40 9.47 -36.65 -6.13
C THR J 40 9.93 -37.78 -5.21
N PRO J 41 9.30 -38.96 -5.27
CA PRO J 41 9.75 -40.06 -4.42
C PRO J 41 11.21 -40.39 -4.69
N GLY J 42 11.94 -40.69 -3.62
CA GLY J 42 13.36 -40.87 -3.74
C GLY J 42 14.16 -39.59 -3.77
N LYS J 43 13.51 -38.44 -3.70
CA LYS J 43 14.17 -37.15 -3.62
C LYS J 43 13.44 -36.28 -2.63
N GLY J 44 14.08 -35.19 -2.24
CA GLY J 44 13.49 -34.27 -1.29
C GLY J 44 12.58 -33.28 -1.96
N LEU J 45 12.00 -32.42 -1.14
CA LEU J 45 11.14 -31.39 -1.67
C LEU J 45 11.94 -30.44 -2.54
N ALA J 46 11.27 -29.83 -3.52
CA ALA J 46 11.90 -28.87 -4.41
C ALA J 46 10.92 -27.75 -4.70
N TRP J 47 11.39 -26.52 -4.62
CA TRP J 47 10.52 -25.38 -4.86
C TRP J 47 10.24 -25.22 -6.35
N VAL J 48 9.07 -24.67 -6.67
CA VAL J 48 8.59 -24.62 -8.05
C VAL J 48 8.26 -23.21 -8.49
N ALA J 49 7.41 -22.51 -7.74
CA ALA J 49 7.02 -21.17 -8.15
C ALA J 49 6.50 -20.41 -6.95
N ILE J 50 6.43 -19.08 -7.09
CA ILE J 50 5.90 -18.22 -6.05
C ILE J 50 4.94 -17.23 -6.70
N ILE J 51 3.98 -16.74 -5.92
CA ILE J 51 3.05 -15.73 -6.39
C ILE J 51 3.01 -14.63 -5.35
N TRP J 52 3.10 -13.39 -5.81
CA TRP J 52 3.39 -12.26 -4.92
C TRP J 52 2.14 -11.58 -4.42
N TYR J 53 1.16 -12.33 -3.91
CA TYR J 53 0.06 -11.74 -3.13
C TYR J 53 -0.88 -10.90 -3.99
N ASP J 54 -0.48 -10.63 -5.23
CA ASP J 54 -1.27 -9.87 -6.19
C ASP J 54 -1.34 -10.50 -7.56
N GLY J 55 -0.40 -11.37 -7.91
CA GLY J 55 -0.16 -11.72 -9.28
C GLY J 55 0.76 -10.76 -10.00
N SER J 56 1.28 -9.75 -9.30
CA SER J 56 2.14 -8.76 -9.94
C SER J 56 3.51 -9.35 -10.24
N LYS J 57 4.09 -10.09 -9.29
CA LYS J 57 5.43 -10.62 -9.45
C LYS J 57 5.41 -12.13 -9.29
N THR J 58 6.31 -12.80 -9.99
CA THR J 58 6.34 -14.24 -10.00
C THR J 58 7.78 -14.71 -10.20
N TYR J 59 8.08 -15.89 -9.67
CA TYR J 59 9.41 -16.47 -9.82
C TYR J 59 9.26 -17.97 -9.97
N TYR J 60 10.16 -18.59 -10.72
CA TYR J 60 10.07 -20.01 -11.00
C TYR J 60 11.43 -20.68 -10.79
N GLU J 61 11.40 -22.00 -10.61
CA GLU J 61 12.62 -22.76 -10.59
C GLU J 61 13.27 -22.69 -11.97
N ASP J 62 14.59 -22.81 -12.01
CA ASP J 62 15.31 -22.64 -13.27
C ASP J 62 14.94 -23.67 -14.31
N SER J 63 14.42 -24.82 -13.92
CA SER J 63 14.09 -25.89 -14.84
C SER J 63 12.63 -25.90 -15.30
N VAL J 64 11.83 -24.93 -14.87
CA VAL J 64 10.43 -24.92 -15.24
C VAL J 64 10.02 -23.58 -15.81
N LYS J 65 11.00 -22.75 -16.15
CA LYS J 65 10.69 -21.47 -16.75
C LYS J 65 10.13 -21.66 -18.15
N GLY J 66 8.97 -21.08 -18.41
CA GLY J 66 8.34 -21.17 -19.71
C GLY J 66 7.45 -22.37 -19.92
N ARG J 67 7.42 -23.31 -18.98
CA ARG J 67 6.52 -24.45 -19.05
C ARG J 67 5.46 -24.44 -17.97
N PHE J 68 5.73 -23.80 -16.84
CA PHE J 68 4.79 -23.72 -15.74
C PHE J 68 4.37 -22.27 -15.57
N THR J 69 3.07 -22.02 -15.45
CA THR J 69 2.56 -20.68 -15.23
C THR J 69 1.64 -20.71 -14.02
N ILE J 70 1.98 -19.94 -13.00
CA ILE J 70 1.21 -19.89 -11.76
C ILE J 70 0.45 -18.57 -11.72
N SER J 71 -0.83 -18.64 -11.38
CA SER J 71 -1.63 -17.44 -11.25
C SER J 71 -2.72 -17.71 -10.24
N ARG J 72 -3.16 -16.66 -9.55
CA ARG J 72 -4.07 -16.80 -8.44
C ARG J 72 -5.33 -15.97 -8.69
N ASP J 73 -6.43 -16.42 -8.10
CA ASP J 73 -7.73 -15.77 -8.22
C ASP J 73 -8.21 -15.44 -6.81
N ASN J 74 -7.94 -14.21 -6.36
CA ASN J 74 -8.25 -13.83 -4.99
C ASN J 74 -9.74 -13.80 -4.70
N SER J 75 -10.57 -13.66 -5.72
CA SER J 75 -12.01 -13.57 -5.49
C SER J 75 -12.61 -14.91 -5.09
N LYS J 76 -11.99 -16.01 -5.53
CA LYS J 76 -12.50 -17.35 -5.23
C LYS J 76 -11.56 -18.15 -4.34
N ASN J 77 -10.45 -17.55 -3.89
CA ASN J 77 -9.49 -18.22 -3.03
C ASN J 77 -8.96 -19.51 -3.67
N THR J 78 -8.25 -19.32 -4.79
CA THR J 78 -7.67 -20.44 -5.52
C THR J 78 -6.28 -20.09 -6.01
N LEU J 79 -5.51 -21.13 -6.33
CA LEU J 79 -4.27 -21.03 -7.09
C LEU J 79 -4.39 -21.86 -8.36
N TYR J 80 -3.57 -21.54 -9.34
CA TYR J 80 -3.57 -22.29 -10.59
C TYR J 80 -2.14 -22.39 -11.10
N LEU J 81 -1.57 -23.60 -11.08
CA LEU J 81 -0.26 -23.83 -11.66
C LEU J 81 -0.48 -24.57 -12.96
N GLN J 82 -0.62 -23.82 -14.05
CA GLN J 82 -0.91 -24.40 -15.35
C GLN J 82 0.39 -24.98 -15.91
N MET J 83 0.45 -26.30 -16.00
CA MET J 83 1.66 -26.99 -16.44
C MET J 83 1.54 -27.32 -17.92
N ASN J 84 2.51 -26.86 -18.71
CA ASN J 84 2.55 -27.13 -20.14
C ASN J 84 3.82 -27.88 -20.48
N SER J 85 3.73 -28.69 -21.54
CA SER J 85 4.88 -29.46 -22.03
C SER J 85 5.45 -30.35 -20.93
N LEU J 86 4.59 -31.18 -20.34
CA LEU J 86 5.01 -32.05 -19.26
C LEU J 86 5.99 -33.11 -19.76
N ARG J 87 6.86 -33.55 -18.89
CA ARG J 87 7.87 -34.55 -19.19
C ARG J 87 7.82 -35.66 -18.15
N VAL J 88 8.55 -36.75 -18.42
CA VAL J 88 8.63 -37.84 -17.46
C VAL J 88 9.30 -37.40 -16.17
N ASP J 89 10.07 -36.32 -16.21
CA ASP J 89 10.67 -35.77 -15.00
C ASP J 89 9.60 -35.28 -14.04
N ASP J 90 8.54 -34.67 -14.56
CA ASP J 90 7.57 -33.99 -13.70
C ASP J 90 6.69 -34.93 -12.91
N THR J 91 6.97 -36.23 -12.81
CA THR J 91 6.20 -37.12 -11.94
C THR J 91 6.51 -36.79 -10.49
N ALA J 92 5.55 -36.19 -9.79
CA ALA J 92 5.79 -35.80 -8.41
C ALA J 92 4.46 -35.50 -7.74
N VAL J 93 4.52 -35.22 -6.45
CA VAL J 93 3.36 -34.77 -5.68
C VAL J 93 3.53 -33.28 -5.44
N TYR J 94 2.50 -32.49 -5.72
CA TYR J 94 2.58 -31.04 -5.67
C TYR J 94 1.82 -30.51 -4.47
N TYR J 95 2.50 -29.72 -3.64
CA TYR J 95 1.92 -29.15 -2.44
C TYR J 95 1.75 -27.65 -2.60
N CYS J 96 0.81 -27.08 -1.86
CA CYS J 96 0.70 -25.64 -1.72
C CYS J 96 1.36 -25.21 -0.43
N ALA J 97 1.80 -23.96 -0.39
CA ALA J 97 2.43 -23.45 0.81
C ALA J 97 2.02 -22.02 1.03
N ARG J 98 1.76 -21.66 2.28
CA ARG J 98 1.42 -20.29 2.64
C ARG J 98 2.62 -19.66 3.32
N VAL J 99 2.98 -18.46 2.90
CA VAL J 99 4.12 -17.78 3.48
C VAL J 99 3.71 -17.15 4.80
N ARG J 100 4.42 -17.49 5.87
CA ARG J 100 4.09 -17.00 7.19
C ARG J 100 4.29 -15.49 7.27
N HIS J 101 3.44 -14.84 8.06
CA HIS J 101 3.59 -13.40 8.26
C HIS J 101 4.89 -13.11 9.00
N SER J 102 5.62 -12.11 8.51
CA SER J 102 6.88 -11.71 9.12
C SER J 102 6.92 -10.21 9.29
N SER J 103 7.38 -9.76 10.44
CA SER J 103 7.49 -8.33 10.73
C SER J 103 8.80 -7.76 10.23
N SER J 104 9.07 -7.98 8.94
CA SER J 104 10.32 -7.57 8.32
C SER J 104 10.06 -7.47 6.83
N ARG J 105 11.13 -7.44 6.04
CA ARG J 105 10.99 -7.46 4.59
C ARG J 105 11.64 -8.68 3.96
N HIS J 106 12.07 -9.66 4.75
CA HIS J 106 12.78 -10.82 4.23
C HIS J 106 11.92 -12.08 4.16
N GLY J 107 10.61 -11.94 4.30
CA GLY J 107 9.74 -13.09 4.17
C GLY J 107 9.83 -14.01 5.37
N SER J 108 9.27 -15.20 5.20
CA SER J 108 9.33 -16.21 6.23
C SER J 108 9.09 -17.58 5.61
N ALA J 109 8.98 -18.59 6.46
CA ALA J 109 8.89 -19.96 5.98
C ALA J 109 7.45 -20.30 5.60
N PHE J 110 7.25 -21.51 5.10
CA PHE J 110 5.93 -21.97 4.69
C PHE J 110 5.25 -22.61 5.89
N ASP J 111 4.17 -22.01 6.36
CA ASP J 111 3.56 -22.49 7.60
C ASP J 111 2.36 -23.39 7.40
N LEU J 112 1.64 -23.27 6.29
CA LEU J 112 0.44 -24.05 6.05
C LEU J 112 0.62 -24.82 4.76
N TRP J 113 0.61 -26.14 4.83
CA TRP J 113 0.83 -26.99 3.68
C TRP J 113 -0.41 -27.81 3.40
N GLY J 114 -0.64 -28.11 2.13
CA GLY J 114 -1.74 -28.95 1.73
C GLY J 114 -1.39 -30.42 1.76
N GLN J 115 -2.34 -31.24 1.35
CA GLN J 115 -2.16 -32.68 1.33
C GLN J 115 -1.57 -33.19 0.02
N GLY J 116 -1.48 -32.35 -1.00
CA GLY J 116 -0.79 -32.72 -2.22
C GLY J 116 -1.65 -33.53 -3.17
N THR J 117 -1.39 -33.33 -4.46
CA THR J 117 -2.04 -34.08 -5.53
C THR J 117 -0.98 -34.78 -6.36
N LEU J 118 -1.20 -36.05 -6.69
CA LEU J 118 -0.22 -36.82 -7.43
C LEU J 118 -0.40 -36.56 -8.92
N VAL J 119 0.68 -36.14 -9.58
CA VAL J 119 0.68 -35.91 -11.01
C VAL J 119 1.64 -36.90 -11.64
N THR J 120 1.13 -37.73 -12.56
CA THR J 120 1.93 -38.76 -13.20
C THR J 120 2.00 -38.49 -14.68
N VAL J 121 3.22 -38.48 -15.23
CA VAL J 121 3.45 -38.28 -16.65
C VAL J 121 4.13 -39.52 -17.17
N SER J 122 3.45 -40.28 -18.02
CA SER J 122 3.99 -41.52 -18.54
C SER J 122 3.21 -41.91 -19.79
N SER J 123 3.74 -42.87 -20.52
CA SER J 123 3.09 -43.38 -21.71
C SER J 123 3.01 -44.90 -21.70
N ILE K 2 22.62 -22.69 -3.46
CA ILE K 2 22.82 -23.16 -2.10
C ILE K 2 22.31 -24.56 -1.95
N GLN K 3 23.23 -25.52 -1.81
CA GLN K 3 22.85 -26.92 -1.65
C GLN K 3 22.93 -27.29 -0.18
N MET K 4 21.84 -27.85 0.34
CA MET K 4 21.72 -28.16 1.76
C MET K 4 21.68 -29.66 1.94
N THR K 5 22.55 -30.18 2.80
CA THR K 5 22.64 -31.61 3.09
C THR K 5 22.47 -31.83 4.59
N GLN K 6 21.83 -32.93 4.95
CA GLN K 6 21.58 -33.27 6.34
C GLN K 6 22.24 -34.61 6.68
N SER K 7 22.72 -34.71 7.92
CA SER K 7 23.33 -35.91 8.41
C SER K 7 22.88 -36.15 9.84
N PRO K 8 22.67 -37.39 10.24
CA PRO K 8 22.72 -38.62 9.46
C PRO K 8 21.45 -38.78 8.65
N SER K 9 21.48 -39.58 7.58
CA SER K 9 20.29 -39.74 6.76
C SER K 9 19.20 -40.48 7.50
N THR K 10 19.55 -41.48 8.30
CA THR K 10 18.58 -42.23 9.07
C THR K 10 19.16 -42.56 10.44
N LEU K 11 18.43 -42.17 11.48
CA LEU K 11 18.86 -42.43 12.85
C LEU K 11 17.74 -43.09 13.63
N SER K 12 18.08 -44.06 14.47
CA SER K 12 17.11 -44.75 15.30
C SER K 12 17.24 -44.26 16.73
N ALA K 13 16.10 -43.91 17.33
CA ALA K 13 16.06 -43.44 18.70
C ALA K 13 14.86 -44.06 19.41
N SER K 14 14.98 -44.21 20.73
CA SER K 14 13.93 -44.78 21.53
C SER K 14 13.11 -43.68 22.20
N VAL K 15 12.00 -44.09 22.82
CA VAL K 15 11.11 -43.13 23.46
C VAL K 15 11.82 -42.46 24.62
N GLY K 16 11.80 -41.13 24.65
CA GLY K 16 12.45 -40.39 25.70
C GLY K 16 13.92 -40.10 25.49
N ASP K 17 14.49 -40.54 24.37
CA ASP K 17 15.89 -40.33 24.08
C ASP K 17 16.08 -38.92 23.51
N ARG K 18 17.34 -38.51 23.38
CA ARG K 18 17.72 -37.20 22.86
C ARG K 18 18.21 -37.32 21.43
N VAL K 19 17.68 -36.49 20.54
CA VAL K 19 17.93 -36.62 19.12
C VAL K 19 18.47 -35.30 18.58
N THR K 20 19.53 -35.38 17.77
CA THR K 20 20.10 -34.20 17.13
C THR K 20 20.23 -34.47 15.65
N ILE K 21 19.74 -33.54 14.83
CA ILE K 21 19.80 -33.63 13.38
C ILE K 21 20.55 -32.41 12.87
N THR K 22 21.57 -32.62 12.06
CA THR K 22 22.47 -31.56 11.62
C THR K 22 22.21 -31.23 10.16
N CYS K 23 21.99 -29.95 9.88
CA CYS K 23 21.80 -29.46 8.52
C CYS K 23 22.95 -28.53 8.16
N ARG K 24 23.61 -28.80 7.05
CA ARG K 24 24.81 -28.08 6.65
C ARG K 24 24.57 -27.38 5.33
N ALA K 25 24.87 -26.09 5.28
CA ALA K 25 24.67 -25.29 4.09
C ALA K 25 25.97 -25.14 3.32
N SER K 26 25.89 -25.21 1.99
CA SER K 26 27.08 -25.04 1.18
C SER K 26 27.66 -23.65 1.30
N GLN K 27 26.80 -22.63 1.35
CA GLN K 27 27.24 -21.25 1.55
C GLN K 27 26.47 -20.66 2.71
N SER K 28 27.01 -19.60 3.28
CA SER K 28 26.39 -18.97 4.43
C SER K 28 24.98 -18.51 4.08
N VAL K 29 24.02 -18.89 4.92
CA VAL K 29 22.63 -18.50 4.77
C VAL K 29 22.19 -17.60 5.92
N SER K 30 23.14 -16.99 6.62
CA SER K 30 22.87 -16.11 7.76
C SER K 30 22.05 -16.90 8.78
N THR K 31 20.90 -16.42 9.22
CA THR K 31 20.07 -17.16 10.16
C THR K 31 18.72 -17.53 9.57
N TRP K 32 18.54 -17.38 8.26
CA TRP K 32 17.27 -17.70 7.61
C TRP K 32 17.24 -19.19 7.35
N LEU K 33 16.46 -19.93 8.13
CA LEU K 33 16.40 -21.37 7.99
C LEU K 33 15.19 -21.89 8.74
N ALA K 34 14.60 -22.95 8.22
CA ALA K 34 13.38 -23.51 8.79
C ALA K 34 13.48 -25.02 8.80
N TRP K 35 12.88 -25.64 9.81
CA TRP K 35 12.85 -27.09 9.93
C TRP K 35 11.41 -27.57 9.82
N TYR K 36 11.19 -28.63 9.06
CA TYR K 36 9.85 -29.15 8.82
C TYR K 36 9.73 -30.55 9.38
N GLN K 37 8.51 -31.09 9.30
CA GLN K 37 8.25 -32.46 9.73
C GLN K 37 7.13 -33.03 8.88
N GLN K 38 7.39 -34.13 8.20
CA GLN K 38 6.41 -34.74 7.29
C GLN K 38 6.19 -36.19 7.71
N LYS K 39 5.11 -36.44 8.44
CA LYS K 39 4.71 -37.81 8.67
C LYS K 39 4.27 -38.45 7.36
N PRO K 40 4.44 -39.76 7.21
CA PRO K 40 4.20 -40.39 5.91
C PRO K 40 2.77 -40.17 5.43
N GLY K 41 2.63 -39.72 4.18
CA GLY K 41 1.34 -39.53 3.56
C GLY K 41 0.64 -38.23 3.90
N GLN K 42 1.27 -37.33 4.64
CA GLN K 42 0.66 -36.07 5.02
C GLN K 42 1.50 -34.92 4.45
N GLY K 43 1.14 -33.70 4.83
CA GLY K 43 1.87 -32.54 4.39
C GLY K 43 2.77 -32.02 5.48
N PRO K 44 3.96 -31.58 5.11
CA PRO K 44 4.93 -31.14 6.11
C PRO K 44 4.42 -29.94 6.89
N LYS K 45 4.75 -29.89 8.17
CA LYS K 45 4.31 -28.85 9.07
C LYS K 45 5.52 -28.09 9.58
N LEU K 46 5.40 -26.77 9.71
CA LEU K 46 6.50 -25.98 10.23
C LEU K 46 6.75 -26.31 11.69
N LEU K 47 8.03 -26.40 12.06
CA LEU K 47 8.43 -26.55 13.45
C LEU K 47 9.21 -25.35 13.95
N ILE K 48 10.27 -24.96 13.25
CA ILE K 48 11.16 -23.90 13.68
C ILE K 48 11.39 -22.97 12.51
N TYR K 49 11.26 -21.66 12.73
CA TYR K 49 11.55 -20.67 11.71
C TYR K 49 12.55 -19.67 12.26
N GLU K 50 13.34 -19.10 11.35
CA GLU K 50 14.49 -18.26 11.68
C GLU K 50 15.55 -19.02 12.46
N ALA K 51 15.51 -20.35 12.39
CA ALA K 51 16.55 -21.24 12.88
C ALA K 51 16.59 -21.35 14.40
N SER K 52 15.85 -20.51 15.10
CA SER K 52 15.79 -20.64 16.54
C SER K 52 14.38 -20.59 17.10
N SER K 53 13.50 -19.76 16.53
CA SER K 53 12.18 -19.54 17.09
C SER K 53 11.26 -20.71 16.76
N LEU K 54 10.27 -20.92 17.63
CA LEU K 54 9.30 -22.00 17.44
C LEU K 54 8.03 -21.46 16.80
N GLU K 55 7.45 -22.27 15.92
CA GLU K 55 6.13 -21.94 15.37
C GLU K 55 5.07 -22.20 16.43
N SER K 56 4.06 -21.33 16.47
CA SER K 56 3.02 -21.41 17.50
C SER K 56 2.32 -22.77 17.43
N GLY K 57 2.12 -23.37 18.60
CA GLY K 57 1.50 -24.67 18.71
C GLY K 57 2.47 -25.83 18.79
N VAL K 58 3.71 -25.62 18.39
CA VAL K 58 4.72 -26.68 18.50
C VAL K 58 5.12 -26.83 19.97
N PRO K 59 5.19 -28.05 20.50
CA PRO K 59 5.61 -28.22 21.89
C PRO K 59 7.02 -27.69 22.11
N SER K 60 7.27 -27.21 23.33
CA SER K 60 8.57 -26.66 23.69
C SER K 60 9.65 -27.73 23.68
N ARG K 61 9.27 -28.97 23.39
CA ARG K 61 10.23 -30.06 23.29
C ARG K 61 11.24 -29.80 22.18
N PHE K 62 10.78 -29.34 21.03
CA PHE K 62 11.66 -29.08 19.90
C PHE K 62 12.53 -27.86 20.17
N SER K 63 13.75 -27.88 19.65
CA SER K 63 14.66 -26.76 19.78
C SER K 63 15.64 -26.77 18.60
N GLY K 64 16.06 -25.59 18.20
CA GLY K 64 16.99 -25.47 17.10
C GLY K 64 17.95 -24.33 17.32
N SER K 65 19.18 -24.50 16.88
CA SER K 65 20.22 -23.51 17.13
C SER K 65 21.25 -23.58 16.01
N GLY K 66 21.98 -22.48 15.85
CA GLY K 66 23.03 -22.42 14.86
C GLY K 66 22.94 -21.22 13.96
N SER K 67 24.04 -20.87 13.30
CA SER K 67 24.06 -19.78 12.36
C SER K 67 25.24 -19.94 11.42
N GLY K 68 25.18 -19.26 10.29
CA GLY K 68 26.20 -19.40 9.28
C GLY K 68 25.95 -20.59 8.38
N THR K 69 26.71 -21.67 8.57
CA THR K 69 26.53 -22.87 7.77
C THR K 69 26.27 -24.12 8.59
N GLU K 70 26.20 -24.02 9.91
CA GLU K 70 25.96 -25.16 10.77
C GLU K 70 24.63 -24.96 11.50
N PHE K 71 23.72 -25.92 11.34
CA PHE K 71 22.42 -25.84 11.99
C PHE K 71 22.08 -27.20 12.59
N THR K 72 21.32 -27.19 13.68
CA THR K 72 20.89 -28.42 14.33
C THR K 72 19.49 -28.27 14.87
N LEU K 73 18.79 -29.40 14.96
CA LEU K 73 17.48 -29.49 15.56
C LEU K 73 17.53 -30.58 16.61
N THR K 74 17.20 -30.23 17.85
CA THR K 74 17.34 -31.13 18.99
C THR K 74 15.98 -31.39 19.60
N ILE K 75 15.62 -32.66 19.70
CA ILE K 75 14.40 -33.07 20.38
C ILE K 75 14.82 -33.53 21.77
N SER K 76 14.36 -32.82 22.80
CA SER K 76 14.85 -33.07 24.14
C SER K 76 14.44 -34.45 24.65
N SER K 77 13.21 -34.86 24.38
CA SER K 77 12.71 -36.14 24.89
C SER K 77 11.74 -36.70 23.85
N LEU K 78 12.25 -37.57 22.98
CA LEU K 78 11.47 -38.06 21.85
C LEU K 78 10.22 -38.79 22.33
N GLN K 79 9.09 -38.46 21.71
CA GLN K 79 7.77 -38.96 22.05
C GLN K 79 7.27 -39.92 20.99
N PRO K 80 6.27 -40.74 21.29
CA PRO K 80 5.75 -41.67 20.28
C PRO K 80 5.14 -40.97 19.08
N ASP K 81 4.83 -39.70 19.17
CA ASP K 81 4.26 -38.96 18.05
C ASP K 81 5.32 -38.33 17.14
N ASP K 82 6.56 -38.19 17.62
CA ASP K 82 7.58 -37.43 16.93
C ASP K 82 8.48 -38.31 16.05
N PHE K 83 7.95 -39.39 15.49
CA PHE K 83 8.71 -40.26 14.61
C PHE K 83 8.30 -39.97 13.16
N ALA K 84 9.07 -39.12 12.49
CA ALA K 84 8.75 -38.72 11.14
C ALA K 84 9.99 -38.14 10.48
N THR K 85 9.86 -37.74 9.23
CA THR K 85 10.98 -37.22 8.45
C THR K 85 11.05 -35.70 8.58
N TYR K 86 12.23 -35.18 8.89
CA TYR K 86 12.44 -33.75 9.12
C TYR K 86 13.27 -33.15 7.99
N TYR K 87 12.81 -32.04 7.43
CA TYR K 87 13.43 -31.40 6.29
C TYR K 87 13.99 -30.04 6.69
N CYS K 88 15.07 -29.64 6.04
CA CYS K 88 15.76 -28.39 6.34
C CYS K 88 15.65 -27.45 5.15
N GLN K 89 15.15 -26.24 5.38
CA GLN K 89 14.94 -25.29 4.30
C GLN K 89 15.73 -24.02 4.58
N GLN K 90 16.28 -23.43 3.53
CA GLN K 90 16.98 -22.15 3.63
C GLN K 90 16.34 -21.14 2.70
N TYR K 91 16.20 -19.92 3.17
CA TYR K 91 15.70 -18.84 2.34
C TYR K 91 16.59 -17.63 2.57
N ASN K 92 17.72 -17.59 1.88
CA ASN K 92 18.61 -16.46 2.02
C ASN K 92 18.00 -15.24 1.34
N SER K 93 18.66 -14.09 1.50
CA SER K 93 18.09 -12.86 1.00
C SER K 93 18.00 -12.86 -0.52
N TYR K 94 19.09 -13.18 -1.20
CA TYR K 94 19.11 -13.20 -2.66
C TYR K 94 19.13 -14.60 -3.23
N SER K 95 18.83 -15.60 -2.42
CA SER K 95 18.79 -16.98 -2.87
C SER K 95 17.36 -17.50 -2.81
N PHE K 96 17.13 -18.58 -3.52
CA PHE K 96 15.81 -19.16 -3.57
C PHE K 96 15.68 -20.26 -2.53
N TRP K 97 14.47 -20.78 -2.37
CA TRP K 97 14.16 -21.76 -1.35
C TRP K 97 14.58 -23.16 -1.81
N THR K 98 15.46 -23.80 -1.05
CA THR K 98 15.90 -25.16 -1.34
C THR K 98 15.82 -26.01 -0.09
N PHE K 99 15.45 -27.26 -0.26
CA PHE K 99 15.19 -28.17 0.86
C PHE K 99 16.24 -29.27 0.91
N GLY K 100 16.61 -29.66 2.12
CA GLY K 100 17.52 -30.77 2.28
C GLY K 100 16.83 -32.09 1.99
N GLN K 101 17.64 -33.14 1.93
CA GLN K 101 17.10 -34.45 1.61
C GLN K 101 16.19 -34.97 2.71
N GLY K 102 16.50 -34.67 3.96
CA GLY K 102 15.64 -35.07 5.05
C GLY K 102 16.07 -36.33 5.74
N THR K 103 15.99 -36.34 7.07
CA THR K 103 16.37 -37.50 7.86
C THR K 103 15.13 -38.14 8.47
N LYS K 104 15.12 -39.46 8.53
CA LYS K 104 13.99 -40.22 9.03
C LYS K 104 14.33 -40.71 10.43
N VAL K 105 13.48 -40.39 11.40
CA VAL K 105 13.68 -40.84 12.76
C VAL K 105 12.86 -42.10 12.98
N GLU K 106 13.54 -43.21 13.22
CA GLU K 106 12.91 -44.52 13.35
C GLU K 106 12.94 -44.98 14.80
N ILE K 107 11.92 -45.74 15.19
CA ILE K 107 11.85 -46.29 16.54
C ILE K 107 12.88 -47.40 16.67
N LYS K 108 13.60 -47.42 17.78
CA LYS K 108 14.67 -48.40 17.97
C LYS K 108 14.13 -49.81 18.09
N VAL L 2 -17.14 19.22 -29.84
CA VAL L 2 -16.95 19.34 -28.41
C VAL L 2 -16.61 20.76 -28.05
N GLN L 3 -17.30 21.30 -27.05
CA GLN L 3 -17.11 22.68 -26.65
C GLN L 3 -17.39 22.79 -25.16
N LEU L 4 -16.59 23.60 -24.47
CA LEU L 4 -16.73 23.79 -23.03
C LEU L 4 -16.44 25.24 -22.74
N VAL L 5 -17.43 25.98 -22.26
CA VAL L 5 -17.28 27.41 -22.00
C VAL L 5 -17.81 27.73 -20.62
N GLU L 6 -17.15 28.66 -19.93
CA GLU L 6 -17.56 29.07 -18.60
C GLU L 6 -18.40 30.34 -18.67
N SER L 7 -18.86 30.81 -17.52
CA SER L 7 -19.65 32.03 -17.43
C SER L 7 -19.82 32.36 -15.95
N GLY L 8 -20.47 33.49 -15.69
CA GLY L 8 -20.82 33.87 -14.34
C GLY L 8 -19.80 34.69 -13.59
N GLY L 9 -18.68 35.04 -14.21
CA GLY L 9 -17.68 35.84 -13.55
C GLY L 9 -18.04 37.31 -13.48
N GLY L 10 -17.22 38.06 -12.75
CA GLY L 10 -17.49 39.48 -12.59
C GLY L 10 -16.69 40.05 -11.43
N VAL L 11 -17.15 41.18 -10.93
CA VAL L 11 -16.48 41.92 -9.88
C VAL L 11 -17.41 42.00 -8.67
N VAL L 12 -16.92 41.57 -7.51
CA VAL L 12 -17.67 41.63 -6.26
C VAL L 12 -16.76 42.14 -5.16
N GLN L 13 -17.39 42.65 -4.10
CA GLN L 13 -16.64 43.11 -2.95
C GLN L 13 -16.21 41.94 -2.06
N PRO L 14 -15.14 42.09 -1.30
CA PRO L 14 -14.72 41.01 -0.41
C PRO L 14 -15.80 40.68 0.61
N GLY L 15 -15.92 39.40 0.92
CA GLY L 15 -16.93 38.93 1.85
C GLY L 15 -18.25 38.57 1.21
N ARG L 16 -18.42 38.83 -0.08
CA ARG L 16 -19.66 38.53 -0.77
C ARG L 16 -19.58 37.14 -1.39
N SER L 17 -20.67 36.71 -2.02
CA SER L 17 -20.75 35.38 -2.61
C SER L 17 -20.96 35.49 -4.11
N LEU L 18 -20.25 34.66 -4.86
CA LEU L 18 -20.36 34.63 -6.31
C LEU L 18 -20.41 33.18 -6.76
N THR L 19 -21.20 32.91 -7.79
CA THR L 19 -21.39 31.55 -8.28
C THR L 19 -21.02 31.49 -9.76
N LEU L 20 -20.26 30.47 -10.13
CA LEU L 20 -19.85 30.25 -11.51
C LEU L 20 -20.60 29.06 -12.09
N SER L 21 -20.84 29.11 -13.40
CA SER L 21 -21.47 28.02 -14.11
C SER L 21 -20.59 27.64 -15.29
N CYS L 22 -20.73 26.41 -15.75
CA CYS L 22 -19.81 25.86 -16.75
C CYS L 22 -20.58 24.91 -17.68
N ALA L 23 -21.03 25.42 -18.82
CA ALA L 23 -21.88 24.65 -19.70
C ALA L 23 -21.03 23.80 -20.64
N ALA L 24 -21.24 22.49 -20.60
CA ALA L 24 -20.52 21.56 -21.47
C ALA L 24 -21.42 21.12 -22.61
N SER L 25 -20.88 21.10 -23.82
CA SER L 25 -21.68 20.75 -24.98
C SER L 25 -20.86 19.90 -25.93
N GLY L 26 -21.55 19.09 -26.73
CA GLY L 26 -20.91 18.30 -27.75
C GLY L 26 -20.36 16.96 -27.29
N PHE L 27 -20.56 16.59 -26.03
CA PHE L 27 -20.09 15.31 -25.54
C PHE L 27 -20.96 14.86 -24.38
N THR L 28 -20.85 13.58 -24.03
CA THR L 28 -21.63 13.02 -22.95
C THR L 28 -21.09 13.56 -21.63
N PHE L 29 -21.78 14.54 -21.05
CA PHE L 29 -21.25 15.19 -19.86
C PHE L 29 -21.40 14.32 -18.63
N SER L 30 -22.42 13.50 -18.59
CA SER L 30 -22.68 12.68 -17.41
C SER L 30 -21.74 11.55 -17.28
N ASN L 31 -20.65 11.50 -18.04
CA ASN L 31 -19.68 10.42 -17.95
C ASN L 31 -18.32 10.86 -17.45
N TYR L 32 -18.08 12.17 -17.30
CA TYR L 32 -16.76 12.69 -17.01
C TYR L 32 -16.70 13.35 -15.65
N GLY L 33 -15.64 13.07 -14.90
CA GLY L 33 -15.35 13.87 -13.73
C GLY L 33 -14.66 15.16 -14.11
N MET L 34 -15.01 16.24 -13.41
CA MET L 34 -14.58 17.56 -13.82
C MET L 34 -13.84 18.26 -12.69
N HIS L 35 -13.17 19.35 -13.02
CA HIS L 35 -12.34 20.10 -12.09
C HIS L 35 -12.60 21.58 -12.27
N TRP L 36 -12.05 22.38 -11.37
CA TRP L 36 -11.96 23.82 -11.56
C TRP L 36 -10.52 24.24 -11.29
N VAL L 37 -9.97 25.10 -12.13
CA VAL L 37 -8.57 25.47 -12.07
C VAL L 37 -8.45 26.98 -12.14
N ARG L 38 -7.67 27.56 -11.23
CA ARG L 38 -7.40 28.99 -11.22
C ARG L 38 -6.12 29.29 -11.96
N GLN L 39 -6.02 30.50 -12.51
CA GLN L 39 -4.77 30.99 -13.11
C GLN L 39 -4.54 32.42 -12.62
N THR L 40 -3.84 32.56 -11.52
CA THR L 40 -3.55 33.89 -11.01
C THR L 40 -2.40 34.50 -11.79
N PRO L 41 -2.56 35.70 -12.33
CA PRO L 41 -1.43 36.35 -13.02
C PRO L 41 -0.25 36.52 -12.08
N GLY L 42 0.94 36.27 -12.60
CA GLY L 42 2.13 36.24 -11.77
C GLY L 42 2.32 34.94 -11.02
N LYS L 43 1.46 33.95 -11.25
CA LYS L 43 1.59 32.63 -10.66
C LYS L 43 1.20 31.59 -11.69
N GLY L 44 1.43 30.32 -11.35
CA GLY L 44 1.04 29.23 -12.22
C GLY L 44 -0.40 28.83 -12.01
N LEU L 45 -0.83 27.86 -12.80
CA LEU L 45 -2.15 27.31 -12.61
C LEU L 45 -2.26 26.67 -11.23
N ALA L 46 -3.44 26.75 -10.63
CA ALA L 46 -3.68 26.19 -9.32
C ALA L 46 -4.96 25.38 -9.34
N TRP L 47 -4.94 24.21 -8.73
CA TRP L 47 -6.13 23.38 -8.66
C TRP L 47 -7.03 23.88 -7.54
N VAL L 48 -8.35 23.71 -7.72
CA VAL L 48 -9.34 24.27 -6.82
C VAL L 48 -10.29 23.21 -6.27
N ALA L 49 -10.90 22.42 -7.13
CA ALA L 49 -11.87 21.44 -6.67
C ALA L 49 -12.01 20.34 -7.71
N ILE L 50 -12.69 19.26 -7.32
CA ILE L 50 -12.97 18.13 -8.20
C ILE L 50 -14.35 17.58 -7.91
N ILE L 51 -15.03 17.11 -8.94
CA ILE L 51 -16.34 16.50 -8.82
C ILE L 51 -16.30 15.13 -9.48
N TRP L 52 -16.85 14.13 -8.81
CA TRP L 52 -16.61 12.74 -9.16
C TRP L 52 -17.69 12.15 -10.05
N TYR L 53 -18.02 12.81 -11.15
CA TYR L 53 -18.89 12.23 -12.19
C TYR L 53 -20.31 11.99 -11.71
N ASP L 54 -20.56 12.11 -10.42
CA ASP L 54 -21.90 11.87 -9.89
C ASP L 54 -22.35 12.84 -8.83
N GLY L 55 -21.45 13.64 -8.27
CA GLY L 55 -21.73 14.33 -7.03
C GLY L 55 -21.44 13.49 -5.81
N SER L 56 -20.99 12.25 -5.98
CA SER L 56 -20.80 11.37 -4.84
C SER L 56 -19.60 11.78 -4.01
N LYS L 57 -18.49 12.08 -4.66
CA LYS L 57 -17.26 12.42 -3.96
C LYS L 57 -16.73 13.76 -4.46
N THR L 58 -16.03 14.47 -3.59
CA THR L 58 -15.57 15.80 -3.92
C THR L 58 -14.40 16.16 -3.01
N TYR L 59 -13.34 16.70 -3.60
CA TYR L 59 -12.17 17.14 -2.87
C TYR L 59 -11.85 18.57 -3.23
N TYR L 60 -11.31 19.32 -2.27
CA TYR L 60 -11.00 20.72 -2.47
C TYR L 60 -9.53 20.99 -2.13
N GLU L 61 -9.00 22.07 -2.69
CA GLU L 61 -7.72 22.57 -2.24
C GLU L 61 -7.84 23.01 -0.79
N ASP L 62 -6.74 22.87 -0.04
CA ASP L 62 -6.79 23.12 1.40
C ASP L 62 -7.02 24.60 1.73
N SER L 63 -6.84 25.50 0.78
CA SER L 63 -7.07 26.91 1.03
C SER L 63 -8.50 27.35 0.76
N VAL L 64 -9.34 26.49 0.17
CA VAL L 64 -10.71 26.84 -0.14
C VAL L 64 -11.70 25.92 0.55
N LYS L 65 -11.26 25.10 1.49
CA LYS L 65 -12.17 24.19 2.16
C LYS L 65 -13.12 24.97 3.05
N GLY L 66 -14.42 24.71 2.89
CA GLY L 66 -15.43 25.38 3.67
C GLY L 66 -15.93 26.69 3.11
N ARG L 67 -15.30 27.20 2.05
CA ARG L 67 -15.76 28.42 1.41
C ARG L 67 -16.25 28.23 -0.01
N PHE L 68 -15.81 27.18 -0.70
CA PHE L 68 -16.20 26.90 -2.07
C PHE L 68 -17.05 25.63 -2.10
N THR L 69 -18.09 25.64 -2.90
CA THR L 69 -18.94 24.46 -3.08
C THR L 69 -19.02 24.15 -4.56
N ILE L 70 -18.68 22.92 -4.94
CA ILE L 70 -18.73 22.49 -6.33
C ILE L 70 -19.80 21.43 -6.47
N SER L 71 -20.66 21.58 -7.47
CA SER L 71 -21.72 20.62 -7.70
C SER L 71 -22.11 20.68 -9.16
N ARG L 72 -22.62 19.56 -9.67
CA ARG L 72 -22.88 19.44 -11.09
C ARG L 72 -24.32 19.04 -11.32
N ASP L 73 -24.84 19.41 -12.49
CA ASP L 73 -26.21 19.14 -12.89
C ASP L 73 -26.17 18.32 -14.19
N ASN L 74 -26.11 16.99 -14.04
CA ASN L 74 -25.89 16.14 -15.20
C ASN L 74 -27.01 16.23 -16.22
N SER L 75 -28.20 16.66 -15.83
CA SER L 75 -29.30 16.75 -16.78
C SER L 75 -29.14 17.93 -17.73
N LYS L 76 -28.53 19.02 -17.28
CA LYS L 76 -28.35 20.21 -18.10
C LYS L 76 -26.94 20.35 -18.66
N ASN L 77 -26.05 19.41 -18.36
CA ASN L 77 -24.65 19.49 -18.77
C ASN L 77 -24.02 20.79 -18.28
N THR L 78 -23.90 20.90 -16.96
CA THR L 78 -23.46 22.15 -16.36
C THR L 78 -22.78 21.88 -15.04
N LEU L 79 -21.70 22.61 -14.77
CA LEU L 79 -21.01 22.62 -13.48
C LEU L 79 -21.35 23.87 -12.70
N TYR L 80 -21.08 23.84 -11.39
CA TYR L 80 -21.28 24.99 -10.53
C TYR L 80 -20.22 24.98 -9.44
N LEU L 81 -19.44 26.04 -9.35
CA LEU L 81 -18.56 26.29 -8.21
C LEU L 81 -19.06 27.55 -7.56
N GLN L 82 -19.60 27.44 -6.35
CA GLN L 82 -20.18 28.56 -5.65
C GLN L 82 -19.21 29.06 -4.60
N MET L 83 -18.89 30.34 -4.65
CA MET L 83 -17.90 30.93 -3.76
C MET L 83 -18.60 31.64 -2.61
N ASN L 84 -18.14 31.37 -1.39
CA ASN L 84 -18.64 32.05 -0.20
C ASN L 84 -17.49 32.72 0.51
N SER L 85 -17.71 33.96 0.95
CA SER L 85 -16.69 34.76 1.63
C SER L 85 -15.44 34.91 0.78
N LEU L 86 -15.63 35.54 -0.38
CA LEU L 86 -14.51 35.79 -1.28
C LEU L 86 -13.53 36.77 -0.66
N ARG L 87 -12.24 36.51 -0.87
CA ARG L 87 -11.18 37.36 -0.36
C ARG L 87 -10.43 38.02 -1.51
N VAL L 88 -9.49 38.89 -1.16
CA VAL L 88 -8.68 39.56 -2.18
C VAL L 88 -7.80 38.56 -2.90
N ASP L 89 -7.39 37.48 -2.21
CA ASP L 89 -6.55 36.47 -2.83
C ASP L 89 -7.25 35.81 -4.01
N ASP L 90 -8.56 35.61 -3.93
CA ASP L 90 -9.26 34.75 -4.86
C ASP L 90 -9.48 35.38 -6.23
N THR L 91 -8.76 36.44 -6.58
CA THR L 91 -8.88 37.05 -7.90
C THR L 91 -8.01 36.28 -8.89
N ALA L 92 -8.63 35.62 -9.85
CA ALA L 92 -7.92 34.83 -10.84
C ALA L 92 -8.88 34.47 -11.96
N VAL L 93 -8.40 33.71 -12.93
CA VAL L 93 -9.21 33.22 -14.04
C VAL L 93 -9.51 31.74 -13.80
N TYR L 94 -10.77 31.35 -13.91
CA TYR L 94 -11.22 30.02 -13.54
C TYR L 94 -11.52 29.19 -14.78
N TYR L 95 -10.93 28.01 -14.87
CA TYR L 95 -11.10 27.11 -16.00
C TYR L 95 -11.74 25.81 -15.52
N CYS L 96 -12.61 25.23 -16.34
CA CYS L 96 -13.09 23.88 -16.10
C CYS L 96 -12.19 22.90 -16.81
N ALA L 97 -11.93 21.77 -16.17
CA ALA L 97 -11.03 20.78 -16.75
C ALA L 97 -11.72 19.43 -16.76
N ARG L 98 -11.70 18.76 -17.90
CA ARG L 98 -12.30 17.45 -18.03
C ARG L 98 -11.23 16.38 -17.85
N VAL L 99 -11.53 15.37 -17.05
CA VAL L 99 -10.57 14.30 -16.82
C VAL L 99 -10.58 13.35 -18.00
N ARG L 100 -9.41 13.07 -18.55
CA ARG L 100 -9.29 12.21 -19.72
C ARG L 100 -9.71 10.79 -19.38
N HIS L 101 -10.31 10.11 -20.36
CA HIS L 101 -10.61 8.70 -20.20
C HIS L 101 -9.34 7.89 -20.05
N SER L 102 -9.30 7.05 -19.02
CA SER L 102 -8.13 6.23 -18.75
C SER L 102 -8.55 4.79 -18.59
N SER L 103 -7.88 3.88 -19.28
CA SER L 103 -8.21 2.47 -19.18
C SER L 103 -7.55 1.84 -17.96
N SER L 104 -7.73 2.46 -16.80
CA SER L 104 -7.15 1.97 -15.56
C SER L 104 -7.98 2.54 -14.42
N ARG L 105 -7.44 2.44 -13.20
CA ARG L 105 -8.15 2.96 -12.04
C ARG L 105 -7.54 4.26 -11.51
N HIS L 106 -6.59 4.86 -12.22
CA HIS L 106 -5.80 5.94 -11.66
C HIS L 106 -6.02 7.29 -12.35
N GLY L 107 -7.15 7.47 -13.02
CA GLY L 107 -7.44 8.77 -13.58
C GLY L 107 -6.52 9.13 -14.72
N SER L 108 -6.60 10.39 -15.12
CA SER L 108 -5.74 10.89 -16.20
C SER L 108 -5.72 12.40 -16.14
N ALA L 109 -5.07 13.00 -17.14
CA ALA L 109 -4.81 14.42 -17.14
C ALA L 109 -6.04 15.19 -17.59
N PHE L 110 -5.96 16.51 -17.53
CA PHE L 110 -7.05 17.39 -17.92
C PHE L 110 -6.90 17.72 -19.40
N ASP L 111 -7.76 17.17 -20.25
CA ASP L 111 -7.56 17.42 -21.68
C ASP L 111 -8.32 18.66 -22.15
N LEU L 112 -9.64 18.67 -22.02
CA LEU L 112 -10.47 19.69 -22.62
C LEU L 112 -10.69 20.82 -21.62
N TRP L 113 -10.14 22.00 -21.92
CA TRP L 113 -10.20 23.14 -21.02
C TRP L 113 -11.06 24.24 -21.63
N GLY L 114 -11.80 24.93 -20.77
CA GLY L 114 -12.65 26.00 -21.23
C GLY L 114 -11.87 27.24 -21.54
N GLN L 115 -12.58 28.25 -22.03
CA GLN L 115 -11.95 29.55 -22.26
C GLN L 115 -11.79 30.35 -20.98
N GLY L 116 -12.39 29.91 -19.89
CA GLY L 116 -12.19 30.56 -18.62
C GLY L 116 -12.94 31.86 -18.45
N THR L 117 -13.22 32.21 -17.20
CA THR L 117 -13.90 33.46 -16.88
C THR L 117 -13.11 34.18 -15.80
N LEU L 118 -13.21 35.50 -15.79
CA LEU L 118 -12.42 36.32 -14.89
C LEU L 118 -13.24 36.68 -13.65
N VAL L 119 -12.65 36.43 -12.48
CA VAL L 119 -13.28 36.77 -11.20
C VAL L 119 -12.40 37.79 -10.50
N THR L 120 -12.96 38.96 -10.22
CA THR L 120 -12.21 40.06 -9.60
C THR L 120 -12.85 40.41 -8.27
N VAL L 121 -12.04 40.43 -7.22
CA VAL L 121 -12.49 40.80 -5.89
C VAL L 121 -11.71 42.03 -5.45
N SER L 122 -12.40 43.16 -5.31
CA SER L 122 -11.74 44.40 -4.97
C SER L 122 -12.75 45.34 -4.32
N SER L 123 -12.22 46.36 -3.64
CA SER L 123 -13.05 47.34 -2.98
C SER L 123 -12.86 48.73 -3.60
N ILE M 2 3.75 18.39 -2.97
CA ILE M 2 4.73 18.20 -4.03
C ILE M 2 4.86 19.47 -4.83
N GLN M 3 6.07 20.03 -4.87
CA GLN M 3 6.35 21.27 -5.57
C GLN M 3 7.07 20.96 -6.88
N MET M 4 6.55 21.46 -7.98
CA MET M 4 7.12 21.24 -9.30
C MET M 4 7.71 22.55 -9.81
N THR M 5 8.98 22.52 -10.20
CA THR M 5 9.64 23.68 -10.76
C THR M 5 10.21 23.32 -12.12
N GLN M 6 10.10 24.26 -13.05
CA GLN M 6 10.59 24.07 -14.41
C GLN M 6 11.71 25.03 -14.70
N SER M 7 12.72 24.54 -15.41
CA SER M 7 13.83 25.36 -15.84
C SER M 7 14.13 25.02 -17.30
N PRO M 8 14.51 26.02 -18.10
CA PRO M 8 14.61 27.44 -17.78
C PRO M 8 13.26 28.12 -17.78
N SER M 9 13.08 29.23 -17.07
CA SER M 9 11.78 29.91 -17.06
C SER M 9 11.53 30.62 -18.38
N THR M 10 12.57 31.07 -19.07
CA THR M 10 12.44 31.68 -20.38
C THR M 10 13.41 31.02 -21.33
N LEU M 11 12.95 30.68 -22.52
CA LEU M 11 13.74 29.89 -23.46
C LEU M 11 13.60 30.52 -24.85
N SER M 12 14.58 31.32 -25.24
CA SER M 12 14.57 31.89 -26.57
C SER M 12 14.98 30.85 -27.61
N ALA M 13 14.24 30.81 -28.71
CA ALA M 13 14.56 29.87 -29.78
C ALA M 13 14.03 30.41 -31.09
N SER M 14 14.58 29.92 -32.19
CA SER M 14 14.19 30.35 -33.53
C SER M 14 13.46 29.22 -34.23
N VAL M 15 12.91 29.55 -35.40
CA VAL M 15 12.14 28.57 -36.16
C VAL M 15 13.06 27.46 -36.64
N GLY M 16 12.63 26.22 -36.45
CA GLY M 16 13.41 25.08 -36.86
C GLY M 16 14.47 24.64 -35.88
N ASP M 17 14.50 25.20 -34.68
CA ASP M 17 15.50 24.87 -33.69
C ASP M 17 15.08 23.64 -32.90
N ARG M 18 15.86 23.29 -31.89
CA ARG M 18 15.54 22.19 -30.99
C ARG M 18 15.39 22.75 -29.57
N VAL M 19 14.30 22.40 -28.91
CA VAL M 19 13.91 22.99 -27.64
C VAL M 19 13.68 21.89 -26.62
N THR M 20 14.24 22.04 -25.43
CA THR M 20 14.00 21.11 -24.34
C THR M 20 13.59 21.89 -23.10
N ILE M 21 12.46 21.52 -22.51
CA ILE M 21 11.95 22.15 -21.29
C ILE M 21 11.90 21.08 -20.21
N THR M 22 12.50 21.37 -19.06
CA THR M 22 12.74 20.38 -18.02
C THR M 22 11.92 20.69 -16.78
N CYS M 23 11.23 19.68 -16.26
CA CYS M 23 10.37 19.81 -15.09
C CYS M 23 10.89 18.88 -14.00
N ARG M 24 11.09 19.42 -12.80
CA ARG M 24 11.63 18.67 -11.68
C ARG M 24 10.63 18.65 -10.54
N ALA M 25 10.44 17.48 -9.94
CA ALA M 25 9.47 17.29 -8.87
C ALA M 25 10.20 17.13 -7.55
N SER M 26 9.71 17.82 -6.52
CA SER M 26 10.36 17.75 -5.21
C SER M 26 10.24 16.37 -4.58
N GLN M 27 9.28 15.57 -5.02
CA GLN M 27 9.11 14.21 -4.52
C GLN M 27 8.81 13.32 -5.72
N SER M 28 9.17 12.04 -5.59
CA SER M 28 8.96 11.12 -6.70
C SER M 28 7.50 11.09 -7.10
N VAL M 29 7.23 11.36 -8.38
CA VAL M 29 5.89 11.31 -8.93
C VAL M 29 5.73 10.15 -9.91
N SER M 30 6.66 9.20 -9.89
CA SER M 30 6.60 8.00 -10.73
C SER M 30 6.48 8.45 -12.19
N THR M 31 5.52 7.95 -12.95
CA THR M 31 5.35 8.34 -14.35
C THR M 31 4.14 9.24 -14.54
N TRP M 32 3.52 9.70 -13.47
CA TRP M 32 2.30 10.49 -13.55
C TRP M 32 2.66 11.94 -13.75
N LEU M 33 2.59 12.42 -14.99
CA LEU M 33 2.94 13.79 -15.30
C LEU M 33 2.36 14.14 -16.66
N ALA M 34 2.04 15.42 -16.84
CA ALA M 34 1.42 15.88 -18.07
C ALA M 34 1.97 17.26 -18.42
N TRP M 35 2.00 17.55 -19.71
CA TRP M 35 2.49 18.82 -20.20
C TRP M 35 1.39 19.55 -20.93
N TYR M 36 1.25 20.85 -20.69
CA TYR M 36 0.21 21.65 -21.31
C TYR M 36 0.83 22.74 -22.18
N GLN M 37 -0.01 23.42 -22.95
CA GLN M 37 0.44 24.52 -23.78
C GLN M 37 -0.63 25.60 -23.77
N GLN M 38 -0.30 26.76 -23.23
CA GLN M 38 -1.27 27.85 -23.12
C GLN M 38 -0.80 29.04 -23.92
N LYS M 39 -1.29 29.17 -25.15
CA LYS M 39 -1.09 30.41 -25.86
C LYS M 39 -1.84 31.52 -25.13
N PRO M 40 -1.38 32.76 -25.21
CA PRO M 40 -1.99 33.81 -24.38
C PRO M 40 -3.40 34.13 -24.85
N GLY M 41 -4.30 34.31 -23.89
CA GLY M 41 -5.69 34.58 -24.16
C GLY M 41 -6.56 33.36 -24.37
N GLN M 42 -6.01 32.16 -24.27
CA GLN M 42 -6.76 30.93 -24.51
C GLN M 42 -6.66 30.05 -23.27
N GLY M 43 -7.17 28.82 -23.41
CA GLY M 43 -7.08 27.86 -22.34
C GLY M 43 -6.10 26.77 -22.70
N PRO M 44 -5.34 26.30 -21.72
CA PRO M 44 -4.28 25.34 -22.00
C PRO M 44 -4.83 24.05 -22.58
N LYS M 45 -4.04 23.44 -23.46
CA LYS M 45 -4.41 22.22 -24.15
C LYS M 45 -3.42 21.12 -23.80
N LEU M 46 -3.93 19.93 -23.50
CA LEU M 46 -3.06 18.83 -23.15
C LEU M 46 -2.19 18.44 -24.34
N LEU M 47 -0.92 18.16 -24.09
CA LEU M 47 0.00 17.70 -25.11
C LEU M 47 0.51 16.30 -24.84
N ILE M 48 0.96 16.03 -23.62
CA ILE M 48 1.54 14.76 -23.24
C ILE M 48 0.91 14.31 -21.94
N TYR M 49 0.50 13.05 -21.87
CA TYR M 49 0.03 12.46 -20.63
C TYR M 49 0.87 11.23 -20.32
N GLU M 50 0.93 10.88 -19.04
CA GLU M 50 1.78 9.80 -18.55
C GLU M 50 3.24 10.03 -18.85
N ALA M 51 3.61 11.27 -19.17
CA ALA M 51 4.97 11.73 -19.41
C ALA M 51 5.57 11.17 -20.69
N SER M 52 4.91 10.27 -21.39
CA SER M 52 5.49 9.78 -22.63
C SER M 52 4.53 9.82 -23.81
N SER M 53 3.25 9.56 -23.59
CA SER M 53 2.30 9.44 -24.68
C SER M 53 1.98 10.81 -25.27
N LEU M 54 1.37 10.79 -26.45
CA LEU M 54 0.91 11.99 -27.12
C LEU M 54 -0.61 12.00 -27.16
N GLU M 55 -1.22 13.13 -26.82
CA GLU M 55 -2.65 13.29 -26.96
C GLU M 55 -3.04 13.28 -28.43
N SER M 56 -4.19 12.69 -28.74
CA SER M 56 -4.63 12.58 -30.12
C SER M 56 -4.75 13.95 -30.77
N GLY M 57 -4.16 14.10 -31.95
CA GLY M 57 -4.20 15.33 -32.69
C GLY M 57 -2.97 16.20 -32.51
N VAL M 58 -2.19 15.97 -31.47
CA VAL M 58 -0.95 16.73 -31.26
C VAL M 58 0.08 16.29 -32.29
N PRO M 59 0.78 17.20 -32.94
CA PRO M 59 1.76 16.80 -33.96
C PRO M 59 2.88 15.96 -33.36
N SER M 60 3.51 15.17 -34.22
CA SER M 60 4.55 14.25 -33.77
C SER M 60 5.81 14.96 -33.32
N ARG M 61 5.94 16.27 -33.52
CA ARG M 61 7.13 16.98 -33.08
C ARG M 61 7.32 16.86 -31.58
N PHE M 62 6.25 17.06 -30.82
CA PHE M 62 6.35 17.05 -29.37
C PHE M 62 6.62 15.64 -28.87
N SER M 63 7.52 15.54 -27.88
CA SER M 63 7.76 14.26 -27.23
C SER M 63 8.25 14.53 -25.83
N GLY M 64 8.09 13.55 -24.96
CA GLY M 64 8.48 13.70 -23.57
C GLY M 64 9.13 12.44 -23.05
N SER M 65 9.95 12.60 -22.03
CA SER M 65 10.65 11.48 -21.46
C SER M 65 10.97 11.78 -20.00
N GLY M 66 11.25 10.72 -19.25
CA GLY M 66 11.67 10.87 -17.87
C GLY M 66 10.81 10.07 -16.91
N SER M 67 11.32 9.86 -15.70
CA SER M 67 10.55 9.21 -14.66
C SER M 67 11.19 9.54 -13.32
N GLY M 68 10.42 9.36 -12.25
CA GLY M 68 10.91 9.69 -10.94
C GLY M 68 10.72 11.16 -10.58
N THR M 69 11.78 11.95 -10.66
CA THR M 69 11.69 13.37 -10.37
C THR M 69 12.24 14.24 -11.47
N GLU M 70 12.71 13.68 -12.57
CA GLU M 70 13.29 14.45 -13.68
C GLU M 70 12.50 14.19 -14.94
N PHE M 71 12.06 15.25 -15.60
CA PHE M 71 11.24 15.13 -16.80
C PHE M 71 11.72 16.13 -17.83
N THR M 72 11.36 15.90 -19.09
CA THR M 72 11.83 16.75 -20.16
C THR M 72 10.86 16.67 -21.34
N LEU M 73 10.49 17.83 -21.87
CA LEU M 73 9.64 17.92 -23.05
C LEU M 73 10.49 18.42 -24.20
N THR M 74 10.55 17.66 -25.28
CA THR M 74 11.45 17.93 -26.39
C THR M 74 10.64 18.21 -27.64
N ILE M 75 11.00 19.28 -28.35
CA ILE M 75 10.40 19.62 -29.62
C ILE M 75 11.46 19.44 -30.70
N SER M 76 11.23 18.51 -31.61
CA SER M 76 12.26 18.20 -32.60
C SER M 76 12.44 19.31 -33.61
N SER M 77 11.43 20.17 -33.80
CA SER M 77 11.51 21.24 -34.78
C SER M 77 10.50 22.31 -34.40
N LEU M 78 10.97 23.45 -33.93
CA LEU M 78 10.06 24.49 -33.48
C LEU M 78 9.36 25.11 -34.66
N GLN M 79 8.06 25.28 -34.54
CA GLN M 79 7.21 25.81 -35.60
C GLN M 79 6.77 27.23 -35.27
N PRO M 80 6.21 27.96 -36.24
CA PRO M 80 5.77 29.33 -35.96
C PRO M 80 4.68 29.43 -34.92
N ASP M 81 3.90 28.36 -34.68
CA ASP M 81 2.81 28.42 -33.73
C ASP M 81 3.10 27.62 -32.45
N ASP M 82 4.36 27.35 -32.16
CA ASP M 82 4.74 26.68 -30.93
C ASP M 82 5.33 27.63 -29.90
N PHE M 83 5.11 28.93 -30.06
CA PHE M 83 5.62 29.94 -29.14
C PHE M 83 4.54 30.24 -28.11
N ALA M 84 4.57 29.50 -27.01
CA ALA M 84 3.57 29.66 -25.96
C ALA M 84 4.15 29.12 -24.66
N THR M 85 3.41 29.34 -23.58
CA THR M 85 3.84 28.90 -22.27
C THR M 85 3.53 27.42 -22.08
N TYR M 86 4.52 26.64 -21.67
CA TYR M 86 4.36 25.22 -21.44
C TYR M 86 4.40 24.91 -19.95
N TYR M 87 3.40 24.19 -19.46
CA TYR M 87 3.24 23.91 -18.04
C TYR M 87 3.50 22.44 -17.76
N CYS M 88 3.57 22.12 -16.47
CA CYS M 88 3.88 20.78 -15.99
C CYS M 88 2.90 20.44 -14.89
N GLN M 89 2.39 19.21 -14.90
CA GLN M 89 1.42 18.80 -13.90
C GLN M 89 1.80 17.42 -13.36
N GLN M 90 1.47 17.16 -12.10
CA GLN M 90 1.67 15.83 -11.53
C GLN M 90 0.38 15.37 -10.87
N TYR M 91 0.03 14.11 -11.08
CA TYR M 91 -1.13 13.51 -10.42
C TYR M 91 -0.72 12.15 -9.90
N ASN M 92 -0.12 12.13 -8.72
CA ASN M 92 0.45 10.91 -8.17
C ASN M 92 -0.66 10.04 -7.57
N SER M 93 -0.26 9.02 -6.82
CA SER M 93 -1.24 8.14 -6.20
C SER M 93 -2.11 8.89 -5.20
N TYR M 94 -1.50 9.39 -4.13
CA TYR M 94 -2.23 10.07 -3.08
C TYR M 94 -1.91 11.55 -3.00
N SER M 95 -1.33 12.11 -4.06
CA SER M 95 -1.05 13.53 -4.13
C SER M 95 -2.07 14.22 -5.00
N PHE M 96 -2.44 15.43 -4.62
CA PHE M 96 -3.39 16.18 -5.41
C PHE M 96 -2.69 16.78 -6.63
N TRP M 97 -3.49 17.31 -7.55
CA TRP M 97 -2.95 17.87 -8.79
C TRP M 97 -2.30 19.22 -8.52
N THR M 98 -1.03 19.36 -8.93
CA THR M 98 -0.28 20.60 -8.78
C THR M 98 0.42 20.94 -10.09
N PHE M 99 0.54 22.23 -10.37
CA PHE M 99 1.11 22.71 -11.62
C PHE M 99 2.40 23.48 -11.35
N GLY M 100 3.32 23.40 -12.30
CA GLY M 100 4.52 24.21 -12.24
C GLY M 100 4.26 25.63 -12.68
N GLN M 101 5.28 26.47 -12.54
CA GLN M 101 5.12 27.89 -12.88
C GLN M 101 5.13 28.14 -14.37
N GLY M 102 5.63 27.20 -15.17
CA GLY M 102 5.56 27.32 -16.61
C GLY M 102 6.68 28.13 -17.22
N THR M 103 7.13 27.72 -18.41
CA THR M 103 8.19 28.39 -19.13
C THR M 103 7.64 28.99 -20.41
N LYS M 104 8.15 30.16 -20.77
CA LYS M 104 7.69 30.89 -21.94
C LYS M 104 8.75 30.80 -23.03
N VAL M 105 8.33 30.43 -24.24
CA VAL M 105 9.22 30.33 -25.38
C VAL M 105 9.00 31.56 -26.26
N GLU M 106 10.06 32.30 -26.54
CA GLU M 106 9.97 33.52 -27.32
C GLU M 106 10.77 33.40 -28.60
N ILE M 107 10.43 34.24 -29.57
CA ILE M 107 11.20 34.30 -30.80
C ILE M 107 12.58 34.88 -30.51
N LYS M 108 13.56 34.50 -31.32
CA LYS M 108 14.93 34.94 -31.07
C LYS M 108 15.30 36.15 -31.92
N VAL N 2 -36.02 -18.60 -25.95
CA VAL N 2 -34.91 -17.66 -25.92
C VAL N 2 -34.35 -17.51 -27.34
N GLN N 3 -34.95 -16.62 -28.11
CA GLN N 3 -34.60 -16.43 -29.51
C GLN N 3 -34.24 -14.98 -29.76
N LEU N 4 -33.27 -14.77 -30.64
CA LEU N 4 -32.80 -13.42 -30.95
C LEU N 4 -32.48 -13.37 -32.43
N VAL N 5 -33.28 -12.65 -33.20
CA VAL N 5 -33.23 -12.67 -34.66
C VAL N 5 -32.88 -11.28 -35.18
N GLU N 6 -31.87 -11.20 -36.03
CA GLU N 6 -31.52 -9.96 -36.69
C GLU N 6 -32.29 -9.82 -38.00
N SER N 7 -32.08 -8.70 -38.69
CA SER N 7 -32.72 -8.44 -39.98
C SER N 7 -32.05 -7.23 -40.60
N GLY N 8 -32.58 -6.75 -41.71
CA GLY N 8 -32.15 -5.50 -42.29
C GLY N 8 -30.88 -5.54 -43.10
N GLY N 9 -30.30 -6.71 -43.33
CA GLY N 9 -29.08 -6.78 -44.11
C GLY N 9 -29.31 -6.59 -45.59
N GLY N 10 -28.22 -6.46 -46.33
CA GLY N 10 -28.32 -6.25 -47.77
C GLY N 10 -27.03 -5.67 -48.32
N VAL N 11 -27.14 -5.08 -49.50
CA VAL N 11 -26.02 -4.49 -50.21
C VAL N 11 -26.29 -3.01 -50.44
N VAL N 12 -25.33 -2.17 -50.07
CA VAL N 12 -25.47 -0.72 -50.20
C VAL N 12 -24.18 -0.15 -50.78
N GLN N 13 -24.31 1.00 -51.41
CA GLN N 13 -23.17 1.71 -51.95
C GLN N 13 -22.49 2.54 -50.86
N PRO N 14 -21.19 2.82 -51.01
CA PRO N 14 -20.51 3.60 -49.98
C PRO N 14 -21.15 4.97 -49.81
N GLY N 15 -21.20 5.42 -48.56
CA GLY N 15 -21.80 6.69 -48.22
C GLY N 15 -23.29 6.66 -47.99
N ARG N 16 -23.95 5.54 -48.24
CA ARG N 16 -25.38 5.42 -48.04
C ARG N 16 -25.68 4.87 -46.65
N SER N 17 -26.92 5.07 -46.22
CA SER N 17 -27.36 4.73 -44.88
C SER N 17 -28.20 3.47 -44.89
N LEU N 18 -27.95 2.58 -43.94
CA LEU N 18 -28.68 1.33 -43.80
C LEU N 18 -28.93 1.07 -42.34
N THR N 19 -30.14 0.63 -42.01
CA THR N 19 -30.56 0.45 -40.62
C THR N 19 -30.90 -1.01 -40.36
N LEU N 20 -30.40 -1.53 -39.25
CA LEU N 20 -30.63 -2.91 -38.86
C LEU N 20 -31.62 -2.99 -37.71
N SER N 21 -32.17 -4.18 -37.50
CA SER N 21 -33.10 -4.42 -36.40
C SER N 21 -32.80 -5.77 -35.80
N CYS N 22 -33.30 -5.99 -34.59
CA CYS N 22 -32.97 -7.18 -33.82
C CYS N 22 -34.19 -7.55 -32.97
N ALA N 23 -35.03 -8.42 -33.50
CA ALA N 23 -36.28 -8.77 -32.84
C ALA N 23 -36.04 -9.86 -31.81
N ALA N 24 -36.29 -9.56 -30.55
CA ALA N 24 -36.12 -10.54 -29.49
C ALA N 24 -37.39 -11.33 -29.28
N SER N 25 -37.25 -12.55 -28.76
CA SER N 25 -38.39 -13.43 -28.60
C SER N 25 -38.13 -14.39 -27.45
N GLY N 26 -39.13 -14.57 -26.60
CA GLY N 26 -39.07 -15.58 -25.57
C GLY N 26 -38.50 -15.13 -24.24
N PHE N 27 -38.12 -13.88 -24.10
CA PHE N 27 -37.62 -13.40 -22.82
C PHE N 27 -37.93 -11.91 -22.69
N THR N 28 -37.72 -11.39 -21.48
CA THR N 28 -37.99 -9.99 -21.20
C THR N 28 -36.90 -9.15 -21.83
N PHE N 29 -37.18 -8.59 -23.01
CA PHE N 29 -36.17 -7.81 -23.72
C PHE N 29 -35.81 -6.56 -22.94
N SER N 30 -36.78 -5.94 -22.31
CA SER N 30 -36.57 -4.66 -21.60
C SER N 30 -35.81 -4.80 -20.34
N ASN N 31 -35.27 -5.99 -20.04
CA ASN N 31 -34.49 -6.20 -18.84
C ASN N 31 -33.00 -6.34 -19.10
N TYR N 32 -32.57 -6.34 -20.35
CA TYR N 32 -31.19 -6.66 -20.69
C TYR N 32 -30.56 -5.56 -21.52
N GLY N 33 -29.25 -5.39 -21.37
CA GLY N 33 -28.50 -4.48 -22.19
C GLY N 33 -27.82 -5.24 -23.31
N MET N 34 -27.91 -4.69 -24.52
CA MET N 34 -27.52 -5.42 -25.72
C MET N 34 -26.29 -4.78 -26.35
N HIS N 35 -25.58 -5.59 -27.14
CA HIS N 35 -24.41 -5.15 -27.88
C HIS N 35 -24.60 -5.47 -29.35
N TRP N 36 -23.82 -4.81 -30.19
CA TRP N 36 -23.70 -5.18 -31.59
C TRP N 36 -22.25 -5.53 -31.86
N VAL N 37 -22.01 -6.66 -32.51
CA VAL N 37 -20.66 -7.16 -32.73
C VAL N 37 -20.50 -7.49 -34.20
N ARG N 38 -19.42 -7.00 -34.79
CA ARG N 38 -19.10 -7.26 -36.19
C ARG N 38 -18.22 -8.49 -36.31
N GLN N 39 -18.37 -9.21 -37.41
CA GLN N 39 -17.45 -10.30 -37.74
C GLN N 39 -17.02 -10.13 -39.19
N THR N 40 -15.83 -9.58 -39.39
CA THR N 40 -15.30 -9.47 -40.73
C THR N 40 -14.48 -10.72 -41.03
N PRO N 41 -14.79 -11.48 -42.07
CA PRO N 41 -14.04 -12.71 -42.35
C PRO N 41 -12.56 -12.40 -42.54
N GLY N 42 -11.73 -13.28 -42.00
CA GLY N 42 -10.31 -13.03 -41.92
C GLY N 42 -9.86 -12.36 -40.65
N LYS N 43 -10.80 -11.92 -39.81
CA LYS N 43 -10.50 -11.38 -38.50
C LYS N 43 -11.47 -11.96 -37.49
N GLY N 44 -11.22 -11.69 -36.22
CA GLY N 44 -12.10 -12.11 -35.17
C GLY N 44 -13.25 -11.14 -35.00
N LEU N 45 -14.06 -11.40 -33.99
CA LEU N 45 -15.18 -10.52 -33.70
C LEU N 45 -14.67 -9.16 -33.21
N ALA N 46 -15.43 -8.12 -33.50
CA ALA N 46 -15.10 -6.78 -33.08
C ALA N 46 -16.35 -6.10 -32.55
N TRP N 47 -16.22 -5.40 -31.43
CA TRP N 47 -17.37 -4.77 -30.80
C TRP N 47 -17.73 -3.47 -31.50
N VAL N 48 -19.00 -3.08 -31.41
CA VAL N 48 -19.48 -1.89 -32.11
C VAL N 48 -20.17 -0.91 -31.17
N ALA N 49 -21.18 -1.36 -30.43
CA ALA N 49 -21.96 -0.44 -29.61
C ALA N 49 -22.60 -1.20 -28.46
N ILE N 50 -23.03 -0.45 -27.45
CA ILE N 50 -23.74 -0.99 -26.30
C ILE N 50 -24.93 -0.10 -26.01
N ILE N 51 -26.01 -0.70 -25.51
CA ILE N 51 -27.20 0.03 -25.13
C ILE N 51 -27.58 -0.37 -23.70
N TRP N 52 -27.83 0.62 -22.87
CA TRP N 52 -27.84 0.42 -21.42
C TRP N 52 -29.23 0.14 -20.87
N TYR N 53 -29.97 -0.79 -21.45
CA TYR N 53 -31.20 -1.31 -20.86
C TYR N 53 -32.31 -0.26 -20.84
N ASP N 54 -31.97 0.99 -21.10
CA ASP N 54 -32.99 2.04 -21.10
C ASP N 54 -32.83 3.05 -22.22
N GLY N 55 -31.74 3.03 -22.98
CA GLY N 55 -31.39 4.13 -23.84
C GLY N 55 -30.65 5.25 -23.16
N SER N 56 -30.36 5.12 -21.86
CA SER N 56 -29.74 6.22 -21.13
C SER N 56 -28.27 6.36 -21.47
N LYS N 57 -27.56 5.25 -21.63
CA LYS N 57 -26.12 5.28 -21.89
C LYS N 57 -25.78 4.40 -23.07
N THR N 58 -24.94 4.90 -23.95
CA THR N 58 -24.42 4.13 -25.06
C THR N 58 -22.94 4.43 -25.23
N TYR N 59 -22.18 3.43 -25.65
CA TYR N 59 -20.76 3.59 -25.93
C TYR N 59 -20.45 2.92 -27.26
N TYR N 60 -19.58 3.54 -28.06
CA TYR N 60 -19.28 3.02 -29.38
C TYR N 60 -17.80 2.76 -29.55
N GLU N 61 -17.46 1.96 -30.55
CA GLU N 61 -16.07 1.81 -30.95
C GLU N 61 -15.57 3.13 -31.55
N ASP N 62 -14.26 3.35 -31.44
CA ASP N 62 -13.69 4.62 -31.89
C ASP N 62 -13.86 4.82 -33.39
N SER N 63 -13.90 3.73 -34.17
CA SER N 63 -13.96 3.87 -35.62
C SER N 63 -15.37 4.07 -36.13
N VAL N 64 -16.40 3.99 -35.28
CA VAL N 64 -17.78 4.18 -35.70
C VAL N 64 -18.47 5.29 -34.94
N LYS N 65 -17.77 6.00 -34.06
CA LYS N 65 -18.40 7.09 -33.34
C LYS N 65 -18.83 8.18 -34.29
N GLY N 66 -20.05 8.66 -34.12
CA GLY N 66 -20.58 9.71 -34.96
C GLY N 66 -21.20 9.26 -36.26
N ARG N 67 -21.09 7.98 -36.60
CA ARG N 67 -21.74 7.44 -37.78
C ARG N 67 -22.75 6.36 -37.48
N PHE N 68 -22.64 5.68 -36.34
CA PHE N 68 -23.55 4.63 -35.95
C PHE N 68 -24.36 5.12 -34.77
N THR N 69 -25.68 4.96 -34.84
CA THR N 69 -26.57 5.41 -33.77
C THR N 69 -27.41 4.22 -33.32
N ILE N 70 -27.09 3.69 -32.15
CA ILE N 70 -27.80 2.53 -31.63
C ILE N 70 -28.93 3.00 -30.74
N SER N 71 -30.10 2.40 -30.90
CA SER N 71 -31.25 2.74 -30.07
C SER N 71 -32.13 1.50 -29.96
N ARG N 72 -32.94 1.46 -28.93
CA ARG N 72 -33.75 0.29 -28.65
C ARG N 72 -35.20 0.71 -28.45
N ASP N 73 -36.08 -0.27 -28.61
CA ASP N 73 -37.52 -0.05 -28.46
C ASP N 73 -38.07 -1.13 -27.55
N ASN N 74 -38.21 -0.83 -26.26
CA ASN N 74 -38.69 -1.82 -25.32
C ASN N 74 -40.13 -2.23 -25.57
N SER N 75 -40.90 -1.41 -26.27
CA SER N 75 -42.32 -1.72 -26.47
C SER N 75 -42.53 -2.81 -27.51
N LYS N 76 -41.66 -2.91 -28.51
CA LYS N 76 -41.78 -3.94 -29.53
C LYS N 76 -40.66 -4.95 -29.48
N ASN N 77 -39.80 -4.90 -28.46
CA ASN N 77 -38.70 -5.84 -28.28
C ASN N 77 -37.82 -5.88 -29.53
N THR N 78 -37.16 -4.75 -29.80
CA THR N 78 -36.33 -4.63 -30.98
C THR N 78 -35.15 -3.71 -30.69
N LEU N 79 -34.06 -3.95 -31.41
CA LEU N 79 -32.90 -3.05 -31.43
C LEU N 79 -32.83 -2.34 -32.78
N TYR N 80 -31.97 -1.34 -32.86
CA TYR N 80 -31.79 -0.59 -34.09
C TYR N 80 -30.39 -0.04 -34.10
N LEU N 81 -29.60 -0.44 -35.09
CA LEU N 81 -28.28 0.14 -35.31
C LEU N 81 -28.34 0.89 -36.63
N GLN N 82 -28.51 2.20 -36.58
CA GLN N 82 -28.64 3.01 -37.77
C GLN N 82 -27.26 3.46 -38.23
N MET N 83 -26.87 3.06 -39.43
CA MET N 83 -25.56 3.40 -39.97
C MET N 83 -25.68 4.56 -40.94
N ASN N 84 -24.77 5.51 -40.83
CA ASN N 84 -24.70 6.63 -41.74
C ASN N 84 -23.29 6.76 -42.29
N SER N 85 -23.18 7.11 -43.57
CA SER N 85 -21.88 7.27 -44.23
C SER N 85 -21.04 6.00 -44.11
N LEU N 86 -21.55 4.94 -44.71
CA LEU N 86 -20.85 3.66 -44.70
C LEU N 86 -19.61 3.72 -45.59
N ARG N 87 -18.66 2.84 -45.29
CA ARG N 87 -17.42 2.74 -46.05
C ARG N 87 -17.17 1.27 -46.40
N VAL N 88 -16.18 1.03 -47.26
CA VAL N 88 -15.84 -0.32 -47.64
C VAL N 88 -15.22 -1.11 -46.49
N ASP N 89 -14.80 -0.43 -45.42
CA ASP N 89 -14.29 -1.13 -44.25
C ASP N 89 -15.40 -1.87 -43.54
N ASP N 90 -16.62 -1.34 -43.54
CA ASP N 90 -17.65 -1.80 -42.65
C ASP N 90 -18.43 -3.01 -43.17
N THR N 91 -17.92 -3.73 -44.15
CA THR N 91 -18.60 -4.93 -44.62
C THR N 91 -18.27 -6.10 -43.70
N ALA N 92 -19.29 -6.63 -43.04
CA ALA N 92 -19.09 -7.73 -42.10
C ALA N 92 -20.44 -8.35 -41.79
N VAL N 93 -20.46 -9.27 -40.82
CA VAL N 93 -21.69 -9.87 -40.33
C VAL N 93 -21.95 -9.29 -38.96
N TYR N 94 -23.18 -8.84 -38.74
CA TYR N 94 -23.54 -8.12 -37.51
C TYR N 94 -24.35 -9.02 -36.60
N TYR N 95 -23.91 -9.14 -35.35
CA TYR N 95 -24.57 -9.98 -34.36
C TYR N 95 -25.11 -9.12 -33.22
N CYS N 96 -26.22 -9.53 -32.63
CA CYS N 96 -26.63 -8.96 -31.36
C CYS N 96 -26.08 -9.79 -30.23
N ALA N 97 -25.95 -9.18 -29.07
CA ALA N 97 -25.46 -9.89 -27.91
C ALA N 97 -26.25 -9.46 -26.68
N ARG N 98 -26.66 -10.40 -25.87
CA ARG N 98 -27.38 -10.10 -24.65
C ARG N 98 -26.42 -10.23 -23.47
N VAL N 99 -26.36 -9.20 -22.64
CA VAL N 99 -25.45 -9.24 -21.51
C VAL N 99 -26.03 -10.14 -20.43
N ARG N 100 -25.23 -11.10 -19.97
CA ARG N 100 -25.69 -12.08 -19.00
C ARG N 100 -26.02 -11.41 -17.67
N HIS N 101 -27.04 -11.90 -17.00
CA HIS N 101 -27.34 -11.41 -15.66
C HIS N 101 -26.17 -11.69 -14.74
N SER N 102 -25.79 -10.68 -13.96
CA SER N 102 -24.64 -10.78 -13.08
C SER N 102 -24.99 -10.24 -11.71
N SER N 103 -24.61 -10.97 -10.66
CA SER N 103 -24.89 -10.52 -9.31
C SER N 103 -23.79 -9.58 -8.82
N SER N 104 -23.49 -8.55 -9.59
CA SER N 104 -22.42 -7.62 -9.27
C SER N 104 -22.65 -6.35 -10.09
N ARG N 105 -21.65 -5.47 -10.11
CA ARG N 105 -21.72 -4.25 -10.89
C ARG N 105 -20.77 -4.25 -12.07
N HIS N 106 -20.16 -5.38 -12.41
CA HIS N 106 -19.13 -5.42 -13.45
C HIS N 106 -19.60 -6.05 -14.76
N GLY N 107 -20.90 -6.21 -14.95
CA GLY N 107 -21.38 -6.75 -16.20
C GLY N 107 -21.10 -8.24 -16.30
N SER N 108 -21.28 -8.76 -17.51
CA SER N 108 -21.00 -10.17 -17.76
C SER N 108 -20.81 -10.38 -19.25
N ALA N 109 -20.54 -11.63 -19.63
CA ALA N 109 -20.27 -11.96 -21.01
C ALA N 109 -21.56 -11.89 -21.82
N PHE N 110 -21.46 -12.20 -23.12
CA PHE N 110 -22.59 -12.15 -24.04
C PHE N 110 -23.11 -13.56 -24.23
N ASP N 111 -24.23 -13.90 -23.60
CA ASP N 111 -24.67 -15.29 -23.67
C ASP N 111 -25.41 -15.60 -24.95
N LEU N 112 -26.39 -14.80 -25.31
CA LEU N 112 -27.27 -15.10 -26.44
C LEU N 112 -26.85 -14.26 -27.65
N TRP N 113 -26.47 -14.94 -28.73
CA TRP N 113 -26.08 -14.28 -29.96
C TRP N 113 -27.04 -14.63 -31.07
N GLY N 114 -27.34 -13.67 -31.92
CA GLY N 114 -28.20 -13.92 -33.05
C GLY N 114 -27.47 -14.65 -34.16
N GLN N 115 -28.17 -14.85 -35.27
CA GLN N 115 -27.57 -15.53 -36.41
C GLN N 115 -26.87 -14.58 -37.37
N GLY N 116 -27.13 -13.28 -37.27
CA GLY N 116 -26.37 -12.32 -38.05
C GLY N 116 -26.90 -12.13 -39.46
N THR N 117 -26.80 -10.90 -39.95
CA THR N 117 -27.16 -10.55 -41.31
C THR N 117 -25.97 -9.87 -41.97
N LEU N 118 -25.64 -10.30 -43.18
CA LEU N 118 -24.46 -9.81 -43.87
C LEU N 118 -24.74 -8.42 -44.45
N VAL N 119 -23.86 -7.48 -44.16
CA VAL N 119 -23.94 -6.12 -44.71
C VAL N 119 -22.76 -5.95 -45.65
N THR N 120 -23.05 -5.73 -46.93
CA THR N 120 -22.02 -5.61 -47.95
C THR N 120 -21.98 -4.19 -48.49
N VAL N 121 -20.82 -3.57 -48.42
CA VAL N 121 -20.61 -2.22 -48.96
C VAL N 121 -19.63 -2.34 -50.11
N SER N 122 -20.09 -2.08 -51.32
CA SER N 122 -19.24 -2.19 -52.50
C SER N 122 -19.86 -1.37 -53.62
N SER N 123 -19.06 -1.14 -54.65
CA SER N 123 -19.52 -0.38 -55.81
C SER N 123 -19.46 -1.23 -57.08
N ILE O 2 -6.84 -3.29 -24.94
CA ILE O 2 -6.06 -4.49 -24.69
C ILE O 2 -6.05 -5.38 -25.90
N GLN O 3 -4.87 -5.57 -26.49
CA GLN O 3 -4.75 -6.47 -27.63
C GLN O 3 -4.72 -7.91 -27.13
N MET O 4 -5.62 -8.72 -27.65
CA MET O 4 -5.83 -10.09 -27.18
C MET O 4 -5.32 -11.07 -28.22
N THR O 5 -4.48 -12.00 -27.79
CA THR O 5 -3.87 -12.96 -28.69
C THR O 5 -4.14 -14.38 -28.20
N GLN O 6 -4.17 -15.32 -29.14
CA GLN O 6 -4.42 -16.72 -28.83
C GLN O 6 -3.33 -17.58 -29.44
N SER O 7 -3.17 -18.78 -28.88
CA SER O 7 -2.21 -19.73 -29.37
C SER O 7 -2.69 -21.11 -29.00
N PRO O 8 -2.59 -22.10 -29.89
CA PRO O 8 -2.08 -22.03 -31.26
C PRO O 8 -3.13 -21.51 -32.22
N SER O 9 -2.74 -21.00 -33.38
CA SER O 9 -3.73 -20.49 -34.34
C SER O 9 -4.60 -21.61 -34.86
N THR O 10 -4.04 -22.78 -35.10
CA THR O 10 -4.78 -23.96 -35.55
C THR O 10 -4.32 -25.16 -34.76
N LEU O 11 -5.28 -25.99 -34.34
CA LEU O 11 -5.00 -27.13 -33.47
C LEU O 11 -5.64 -28.37 -34.05
N SER O 12 -4.83 -29.39 -34.31
CA SER O 12 -5.34 -30.65 -34.83
C SER O 12 -5.52 -31.63 -33.69
N ALA O 13 -6.67 -32.29 -33.64
CA ALA O 13 -6.93 -33.25 -32.58
C ALA O 13 -7.96 -34.26 -33.05
N SER O 14 -8.00 -35.38 -32.37
CA SER O 14 -8.93 -36.47 -32.68
C SER O 14 -9.90 -36.68 -31.52
N VAL O 15 -10.89 -37.53 -31.77
CA VAL O 15 -11.94 -37.78 -30.79
C VAL O 15 -11.34 -38.48 -29.58
N GLY O 16 -11.65 -37.96 -28.38
CA GLY O 16 -11.14 -38.53 -27.16
C GLY O 16 -9.81 -37.97 -26.67
N ASP O 17 -9.24 -37.02 -27.40
CA ASP O 17 -7.97 -36.43 -27.00
C ASP O 17 -8.19 -35.35 -25.94
N ARG O 18 -7.11 -34.70 -25.53
CA ARG O 18 -7.15 -33.61 -24.58
C ARG O 18 -6.58 -32.37 -25.26
N VAL O 19 -7.32 -31.27 -25.21
CA VAL O 19 -6.99 -30.07 -25.97
C VAL O 19 -6.91 -28.89 -25.03
N THR O 20 -5.84 -28.09 -25.16
CA THR O 20 -5.69 -26.86 -24.41
C THR O 20 -5.43 -25.71 -25.37
N ILE O 21 -6.17 -24.62 -25.20
CA ILE O 21 -6.04 -23.43 -26.03
C ILE O 21 -5.65 -22.27 -25.12
N THR O 22 -4.61 -21.54 -25.50
CA THR O 22 -4.02 -20.53 -24.64
C THR O 22 -4.39 -19.14 -25.14
N CYS O 23 -4.90 -18.30 -24.24
CA CYS O 23 -5.21 -16.91 -24.52
C CYS O 23 -4.35 -16.02 -23.64
N ARG O 24 -3.66 -15.07 -24.25
CA ARG O 24 -2.72 -14.23 -23.53
C ARG O 24 -3.06 -12.76 -23.76
N ALA O 25 -3.12 -11.99 -22.68
CA ALA O 25 -3.54 -10.60 -22.70
C ALA O 25 -2.35 -9.67 -22.71
N SER O 26 -2.43 -8.60 -23.50
CA SER O 26 -1.37 -7.61 -23.49
C SER O 26 -1.30 -6.86 -22.16
N GLN O 27 -2.42 -6.74 -21.46
CA GLN O 27 -2.45 -6.09 -20.15
C GLN O 27 -3.27 -6.94 -19.19
N SER O 28 -3.07 -6.70 -17.90
CA SER O 28 -3.79 -7.47 -16.90
C SER O 28 -5.29 -7.22 -17.02
N VAL O 29 -6.07 -8.30 -17.09
CA VAL O 29 -7.51 -8.22 -17.18
C VAL O 29 -8.19 -8.87 -15.97
N SER O 30 -7.44 -9.06 -14.89
CA SER O 30 -7.94 -9.68 -13.65
C SER O 30 -8.52 -11.04 -14.01
N THR O 31 -9.75 -11.35 -13.65
CA THR O 31 -10.36 -12.63 -14.00
C THR O 31 -11.52 -12.47 -14.96
N TRP O 32 -11.67 -11.30 -15.58
CA TRP O 32 -12.78 -11.02 -16.48
C TRP O 32 -12.40 -11.50 -17.86
N LEU O 33 -13.00 -12.60 -18.28
CA LEU O 33 -12.67 -13.22 -19.55
C LEU O 33 -13.71 -14.28 -19.87
N ALA O 34 -13.97 -14.49 -21.15
CA ALA O 34 -14.98 -15.46 -21.55
C ALA O 34 -14.52 -16.17 -22.82
N TRP O 35 -14.93 -17.42 -22.95
CA TRP O 35 -14.59 -18.25 -24.10
C TRP O 35 -15.85 -18.60 -24.86
N TYR O 36 -15.84 -18.36 -26.17
CA TYR O 36 -16.98 -18.65 -27.02
C TYR O 36 -16.66 -19.81 -27.95
N GLN O 37 -17.66 -20.25 -28.70
CA GLN O 37 -17.49 -21.33 -29.66
C GLN O 37 -18.39 -21.07 -30.85
N GLN O 38 -17.81 -20.82 -32.01
CA GLN O 38 -18.60 -20.46 -33.19
C GLN O 38 -18.49 -21.55 -34.23
N LYS O 39 -19.52 -22.38 -34.36
CA LYS O 39 -19.54 -23.30 -35.47
C LYS O 39 -19.77 -22.53 -36.77
N PRO O 40 -19.24 -23.01 -37.89
CA PRO O 40 -19.36 -22.25 -39.14
C PRO O 40 -20.81 -22.01 -39.53
N GLY O 41 -21.12 -20.77 -39.87
CA GLY O 41 -22.45 -20.39 -40.31
C GLY O 41 -23.43 -20.05 -39.21
N GLN O 42 -23.04 -20.15 -37.95
CA GLN O 42 -23.94 -19.91 -36.83
C GLN O 42 -23.41 -18.77 -35.99
N GLY O 43 -24.02 -18.56 -34.83
CA GLY O 43 -23.60 -17.51 -33.94
C GLY O 43 -22.87 -18.08 -32.75
N PRO O 44 -21.84 -17.38 -32.28
CA PRO O 44 -21.05 -17.90 -31.16
C PRO O 44 -21.90 -18.04 -29.91
N LYS O 45 -21.56 -19.05 -29.10
CA LYS O 45 -22.29 -19.39 -27.90
C LYS O 45 -21.35 -19.34 -26.70
N LEU O 46 -21.84 -18.80 -25.59
CA LEU O 46 -21.02 -18.68 -24.41
C LEU O 46 -20.71 -20.05 -23.83
N LEU O 47 -19.45 -20.25 -23.42
CA LEU O 47 -19.04 -21.48 -22.75
C LEU O 47 -18.57 -21.23 -21.33
N ILE O 48 -17.62 -20.32 -21.13
CA ILE O 48 -17.04 -20.05 -19.83
C ILE O 48 -17.09 -18.55 -19.60
N TYR O 49 -17.56 -18.15 -18.43
CA TYR O 49 -17.59 -16.74 -18.06
C TYR O 49 -16.81 -16.55 -16.76
N GLU O 50 -16.24 -15.36 -16.60
CA GLU O 50 -15.32 -15.06 -15.49
C GLU O 50 -14.09 -15.96 -15.53
N ALA O 51 -13.84 -16.58 -16.67
CA ALA O 51 -12.63 -17.35 -16.95
C ALA O 51 -12.55 -18.64 -16.15
N SER O 52 -13.46 -18.84 -15.22
CA SER O 52 -13.42 -20.09 -14.48
C SER O 52 -14.76 -20.79 -14.41
N SER O 53 -15.85 -20.04 -14.25
CA SER O 53 -17.16 -20.64 -14.08
C SER O 53 -17.69 -21.14 -15.42
N LEU O 54 -18.66 -22.04 -15.36
CA LEU O 54 -19.24 -22.64 -16.56
C LEU O 54 -20.66 -22.14 -16.77
N GLU O 55 -20.98 -21.78 -18.01
CA GLU O 55 -22.33 -21.36 -18.34
C GLU O 55 -23.29 -22.54 -18.21
N SER O 56 -24.52 -22.23 -17.82
CA SER O 56 -25.52 -23.27 -17.60
C SER O 56 -25.82 -24.01 -18.89
N GLY O 57 -25.82 -25.34 -18.82
CA GLY O 57 -26.12 -26.19 -19.94
C GLY O 57 -24.91 -26.67 -20.73
N VAL O 58 -23.78 -26.01 -20.58
CA VAL O 58 -22.56 -26.43 -21.28
C VAL O 58 -22.06 -27.74 -20.66
N PRO O 59 -21.66 -28.73 -21.46
CA PRO O 59 -21.20 -30.00 -20.88
C PRO O 59 -19.98 -29.79 -20.00
N SER O 60 -19.87 -30.65 -18.99
CA SER O 60 -18.80 -30.53 -18.01
C SER O 60 -17.41 -30.77 -18.58
N ARG O 61 -17.30 -31.13 -19.87
CA ARG O 61 -16.00 -31.32 -20.47
C ARG O 61 -15.19 -30.04 -20.46
N PHE O 62 -15.81 -28.92 -20.83
CA PHE O 62 -15.10 -27.67 -20.95
C PHE O 62 -14.73 -27.14 -19.57
N SER O 63 -13.49 -26.67 -19.45
CA SER O 63 -13.04 -26.06 -18.21
C SER O 63 -11.97 -25.04 -18.53
N GLY O 64 -11.80 -24.06 -17.65
CA GLY O 64 -10.84 -23.00 -17.88
C GLY O 64 -10.24 -22.54 -16.58
N SER O 65 -9.12 -21.85 -16.69
CA SER O 65 -8.41 -21.37 -15.52
C SER O 65 -7.51 -20.22 -15.91
N GLY O 66 -7.08 -19.46 -14.91
CA GLY O 66 -6.11 -18.41 -15.14
C GLY O 66 -6.52 -17.07 -14.57
N SER O 67 -5.55 -16.18 -14.40
CA SER O 67 -5.80 -14.83 -13.94
C SER O 67 -4.63 -13.96 -14.34
N GLY O 68 -4.90 -12.70 -14.56
CA GLY O 68 -3.86 -11.79 -15.03
C GLY O 68 -3.80 -11.76 -16.56
N THR O 69 -2.74 -12.33 -17.13
CA THR O 69 -2.52 -12.28 -18.55
C THR O 69 -2.39 -13.64 -19.21
N GLU O 70 -2.57 -14.73 -18.48
CA GLU O 70 -2.46 -16.08 -19.04
C GLU O 70 -3.73 -16.84 -18.74
N PHE O 71 -4.41 -17.30 -19.79
CA PHE O 71 -5.65 -18.05 -19.67
C PHE O 71 -5.60 -19.26 -20.58
N THR O 72 -6.25 -20.35 -20.14
CA THR O 72 -6.30 -21.57 -20.94
C THR O 72 -7.70 -22.15 -20.89
N LEU O 73 -8.06 -22.85 -21.97
CA LEU O 73 -9.31 -23.59 -22.05
C LEU O 73 -8.98 -25.03 -22.33
N THR O 74 -9.37 -25.93 -21.43
CA THR O 74 -8.98 -27.33 -21.48
C THR O 74 -10.21 -28.18 -21.71
N ILE O 75 -10.15 -29.05 -22.71
CA ILE O 75 -11.21 -30.00 -23.01
C ILE O 75 -10.69 -31.38 -22.65
N SER O 76 -11.34 -32.03 -21.68
CA SER O 76 -10.84 -33.31 -21.21
C SER O 76 -11.10 -34.43 -22.21
N SER O 77 -12.16 -34.32 -23.01
CA SER O 77 -12.50 -35.37 -23.97
C SER O 77 -13.12 -34.70 -25.19
N LEU O 78 -12.37 -34.62 -26.27
CA LEU O 78 -12.86 -33.98 -27.47
C LEU O 78 -13.87 -34.88 -28.17
N GLN O 79 -15.07 -34.38 -28.37
CA GLN O 79 -16.17 -35.08 -29.02
C GLN O 79 -16.28 -34.63 -30.47
N PRO O 80 -17.03 -35.35 -31.31
CA PRO O 80 -17.28 -34.86 -32.66
C PRO O 80 -18.06 -33.56 -32.70
N ASP O 81 -18.73 -33.20 -31.60
CA ASP O 81 -19.45 -31.94 -31.53
C ASP O 81 -18.49 -30.75 -31.45
N ASP O 82 -17.35 -30.94 -30.78
CA ASP O 82 -16.52 -29.82 -30.34
C ASP O 82 -15.46 -29.41 -31.35
N PHE O 83 -15.73 -29.56 -32.64
CA PHE O 83 -14.81 -29.10 -33.68
C PHE O 83 -15.32 -27.77 -34.22
N ALA O 84 -14.86 -26.68 -33.62
CA ALA O 84 -15.29 -25.34 -33.99
C ALA O 84 -14.27 -24.34 -33.49
N THR O 85 -14.45 -23.08 -33.89
CA THR O 85 -13.51 -22.02 -33.53
C THR O 85 -13.87 -21.43 -32.16
N TYR O 86 -12.84 -21.20 -31.34
CA TYR O 86 -13.04 -20.72 -29.98
C TYR O 86 -12.42 -19.34 -29.82
N TYR O 87 -13.19 -18.39 -29.29
CA TYR O 87 -12.77 -17.00 -29.17
C TYR O 87 -12.61 -16.60 -27.72
N CYS O 88 -11.69 -15.69 -27.48
CA CYS O 88 -11.34 -15.22 -26.15
C CYS O 88 -11.72 -13.75 -26.06
N GLN O 89 -12.53 -13.40 -25.07
CA GLN O 89 -12.99 -12.03 -24.89
C GLN O 89 -12.56 -11.52 -23.54
N GLN O 90 -12.24 -10.24 -23.45
CA GLN O 90 -11.95 -9.62 -22.17
C GLN O 90 -12.87 -8.44 -21.95
N TYR O 91 -13.34 -8.28 -20.73
CA TYR O 91 -14.09 -7.10 -20.33
C TYR O 91 -13.56 -6.66 -18.98
N ASN O 92 -12.48 -5.89 -19.00
CA ASN O 92 -11.85 -5.47 -17.77
C ASN O 92 -12.72 -4.43 -17.07
N SER O 93 -12.21 -3.85 -15.98
CA SER O 93 -13.00 -2.87 -15.24
C SER O 93 -13.27 -1.64 -16.10
N TYR O 94 -12.23 -0.94 -16.52
CA TYR O 94 -12.39 0.27 -17.29
C TYR O 94 -12.06 0.10 -18.76
N SER O 95 -12.01 -1.14 -19.24
CA SER O 95 -11.70 -1.42 -20.63
C SER O 95 -12.93 -1.88 -21.37
N PHE O 96 -12.92 -1.70 -22.69
CA PHE O 96 -14.02 -2.13 -23.51
C PHE O 96 -13.81 -3.58 -23.94
N TRP O 97 -14.75 -4.11 -24.69
CA TRP O 97 -14.72 -5.52 -25.06
C TRP O 97 -13.89 -5.74 -26.31
N THR O 98 -12.91 -6.63 -26.22
CA THR O 98 -12.06 -6.99 -27.34
C THR O 98 -11.91 -8.50 -27.40
N PHE O 99 -11.84 -9.04 -28.61
CA PHE O 99 -11.85 -10.48 -28.83
C PHE O 99 -10.53 -10.93 -29.44
N GLY O 100 -10.26 -12.23 -29.31
CA GLY O 100 -9.08 -12.82 -29.90
C GLY O 100 -9.31 -13.20 -31.34
N GLN O 101 -8.24 -13.72 -31.96
CA GLN O 101 -8.28 -14.03 -33.38
C GLN O 101 -8.93 -15.38 -33.67
N GLY O 102 -9.08 -16.24 -32.67
CA GLY O 102 -9.76 -17.50 -32.88
C GLY O 102 -8.87 -18.65 -33.29
N THR O 103 -8.92 -19.74 -32.52
CA THR O 103 -8.21 -20.97 -32.84
C THR O 103 -9.21 -22.01 -33.31
N LYS O 104 -8.92 -22.65 -34.44
CA LYS O 104 -9.84 -23.61 -35.03
C LYS O 104 -9.37 -25.02 -34.68
N VAL O 105 -10.26 -25.81 -34.10
CA VAL O 105 -9.96 -27.20 -33.78
C VAL O 105 -10.37 -28.06 -34.96
N GLU O 106 -9.42 -28.80 -35.52
CA GLU O 106 -9.62 -29.54 -36.75
C GLU O 106 -9.54 -31.04 -36.51
N ILE O 107 -10.21 -31.80 -37.38
CA ILE O 107 -10.10 -33.26 -37.31
C ILE O 107 -8.72 -33.69 -37.77
N LYS O 108 -8.20 -34.76 -37.18
CA LYS O 108 -6.87 -35.24 -37.52
C LYS O 108 -6.91 -36.51 -38.36
N VAL P 2 -55.32 -2.54 8.09
CA VAL P 2 -54.17 -3.18 7.46
C VAL P 2 -54.22 -4.67 7.69
N GLN P 3 -54.64 -5.42 6.68
CA GLN P 3 -54.82 -6.86 6.79
C GLN P 3 -54.53 -7.49 5.44
N LEU P 4 -54.03 -8.73 5.46
CA LEU P 4 -53.67 -9.45 4.24
C LEU P 4 -54.08 -10.91 4.39
N VAL P 5 -55.16 -11.31 3.72
CA VAL P 5 -55.74 -12.64 3.87
C VAL P 5 -55.73 -13.34 2.52
N GLU P 6 -55.25 -14.59 2.51
CA GLU P 6 -55.17 -15.38 1.30
C GLU P 6 -56.17 -16.54 1.35
N SER P 7 -56.25 -17.27 0.24
CA SER P 7 -57.18 -18.38 0.09
C SER P 7 -56.82 -19.12 -1.19
N GLY P 8 -57.63 -20.11 -1.53
CA GLY P 8 -57.43 -20.89 -2.73
C GLY P 8 -56.49 -22.08 -2.59
N GLY P 9 -56.07 -22.42 -1.38
CA GLY P 9 -55.22 -23.57 -1.18
C GLY P 9 -56.01 -24.86 -1.17
N GLY P 10 -55.32 -25.94 -0.84
CA GLY P 10 -55.95 -27.24 -0.75
C GLY P 10 -54.96 -28.33 -1.11
N VAL P 11 -55.50 -29.49 -1.48
CA VAL P 11 -54.71 -30.65 -1.86
C VAL P 11 -55.07 -31.05 -3.28
N VAL P 12 -54.06 -31.17 -4.14
CA VAL P 12 -54.25 -31.58 -5.53
C VAL P 12 -53.15 -32.57 -5.90
N GLN P 13 -53.40 -33.34 -6.95
CA GLN P 13 -52.44 -34.31 -7.43
C GLN P 13 -51.39 -33.63 -8.31
N PRO P 14 -50.20 -34.21 -8.40
CA PRO P 14 -49.15 -33.61 -9.23
C PRO P 14 -49.56 -33.53 -10.69
N GLY P 15 -49.05 -32.50 -11.37
CA GLY P 15 -49.35 -32.27 -12.77
C GLY P 15 -50.56 -31.40 -13.02
N ARG P 16 -51.33 -31.06 -11.99
CA ARG P 16 -52.51 -30.24 -12.13
C ARG P 16 -52.17 -28.77 -11.99
N SER P 17 -53.20 -27.92 -11.98
CA SER P 17 -53.03 -26.49 -11.82
C SER P 17 -53.85 -26.01 -10.64
N LEU P 18 -53.28 -25.09 -9.88
CA LEU P 18 -53.93 -24.50 -8.72
C LEU P 18 -53.76 -23.00 -8.76
N THR P 19 -54.79 -22.27 -8.33
CA THR P 19 -54.78 -20.81 -8.34
C THR P 19 -54.95 -20.30 -6.92
N LEU P 20 -53.98 -19.52 -6.45
CA LEU P 20 -54.06 -18.87 -5.15
C LEU P 20 -54.50 -17.43 -5.33
N SER P 21 -55.03 -16.85 -4.26
CA SER P 21 -55.47 -15.47 -4.25
C SER P 21 -54.94 -14.80 -3.00
N CYS P 22 -55.04 -13.48 -2.96
CA CYS P 22 -54.54 -12.72 -1.82
C CYS P 22 -55.30 -11.39 -1.77
N ALA P 23 -56.28 -11.30 -0.89
CA ALA P 23 -57.11 -10.11 -0.79
C ALA P 23 -56.52 -9.15 0.24
N ALA P 24 -56.27 -7.92 -0.18
CA ALA P 24 -55.70 -6.91 0.68
C ALA P 24 -56.77 -5.89 1.07
N SER P 25 -56.67 -5.39 2.30
CA SER P 25 -57.65 -4.44 2.80
C SER P 25 -56.97 -3.46 3.75
N GLY P 26 -57.59 -2.30 3.92
CA GLY P 26 -57.11 -1.32 4.87
C GLY P 26 -56.02 -0.41 4.37
N PHE P 27 -55.55 -0.59 3.14
CA PHE P 27 -54.53 0.28 2.58
C PHE P 27 -54.66 0.29 1.07
N THR P 28 -54.03 1.28 0.45
CA THR P 28 -54.11 1.44 -1.00
C THR P 28 -53.28 0.35 -1.65
N PHE P 29 -53.95 -0.73 -2.06
CA PHE P 29 -53.24 -1.88 -2.63
C PHE P 29 -52.57 -1.54 -3.94
N SER P 30 -53.08 -0.53 -4.65
CA SER P 30 -52.52 -0.18 -5.94
C SER P 30 -51.17 0.54 -5.83
N ASN P 31 -50.73 0.86 -4.62
CA ASN P 31 -49.48 1.57 -4.45
C ASN P 31 -48.30 0.68 -4.13
N TYR P 32 -48.48 -0.64 -4.10
CA TYR P 32 -47.54 -1.55 -3.47
C TYR P 32 -47.18 -2.70 -4.38
N GLY P 33 -45.88 -2.99 -4.48
CA GLY P 33 -45.44 -4.18 -5.18
C GLY P 33 -45.27 -5.31 -4.19
N MET P 34 -45.99 -6.40 -4.43
CA MET P 34 -46.09 -7.49 -3.47
C MET P 34 -45.22 -8.67 -3.88
N HIS P 35 -44.99 -9.57 -2.93
CA HIS P 35 -44.21 -10.77 -3.13
C HIS P 35 -45.00 -11.98 -2.71
N TRP P 36 -44.56 -13.16 -3.13
CA TRP P 36 -45.05 -14.42 -2.61
C TRP P 36 -43.87 -15.17 -2.01
N VAL P 37 -44.08 -15.75 -0.83
CA VAL P 37 -43.00 -16.42 -0.12
C VAL P 37 -43.50 -17.76 0.39
N ARG P 38 -42.70 -18.81 0.17
CA ARG P 38 -43.03 -20.16 0.59
C ARG P 38 -42.35 -20.50 1.90
N GLN P 39 -42.96 -21.41 2.65
CA GLN P 39 -42.34 -21.97 3.85
C GLN P 39 -42.56 -23.47 3.84
N THR P 40 -41.53 -24.22 3.49
CA THR P 40 -41.59 -25.67 3.56
C THR P 40 -41.02 -26.12 4.90
N PRO P 41 -41.78 -26.88 5.70
CA PRO P 41 -41.27 -27.31 7.00
C PRO P 41 -39.97 -28.10 6.83
N GLY P 42 -39.05 -27.89 7.76
CA GLY P 42 -37.71 -28.42 7.63
C GLY P 42 -36.78 -27.52 6.85
N LYS P 43 -37.26 -26.39 6.34
CA LYS P 43 -36.43 -25.47 5.59
C LYS P 43 -36.94 -24.06 5.86
N GLY P 44 -36.07 -23.08 5.69
CA GLY P 44 -36.44 -21.70 5.88
C GLY P 44 -37.29 -21.18 4.74
N LEU P 45 -37.68 -19.93 4.85
CA LEU P 45 -38.51 -19.31 3.83
C LEU P 45 -37.76 -19.26 2.51
N ALA P 46 -38.52 -19.27 1.41
CA ALA P 46 -37.94 -19.18 0.09
C ALA P 46 -38.79 -18.24 -0.75
N TRP P 47 -38.13 -17.31 -1.43
CA TRP P 47 -38.85 -16.34 -2.25
C TRP P 47 -39.40 -17.01 -3.50
N VAL P 48 -40.52 -16.50 -4.01
CA VAL P 48 -41.18 -17.12 -5.16
C VAL P 48 -41.33 -16.14 -6.32
N ALA P 49 -42.02 -15.03 -6.11
CA ALA P 49 -42.30 -14.11 -7.21
C ALA P 49 -42.46 -12.69 -6.70
N ILE P 50 -42.35 -11.74 -7.60
CA ILE P 50 -42.55 -10.33 -7.30
C ILE P 50 -43.36 -9.71 -8.41
N ILE P 51 -44.20 -8.75 -8.07
CA ILE P 51 -44.99 -8.01 -9.05
C ILE P 51 -44.75 -6.53 -8.84
N TRP P 52 -44.49 -5.81 -9.92
CA TRP P 52 -43.91 -4.48 -9.85
C TRP P 52 -44.96 -3.37 -9.83
N TYR P 53 -45.96 -3.49 -8.98
CA TYR P 53 -46.88 -2.40 -8.66
C TYR P 53 -47.83 -2.05 -9.81
N ASP P 54 -47.54 -2.52 -11.02
CA ASP P 54 -48.48 -2.30 -12.12
C ASP P 54 -48.63 -3.49 -13.05
N GLY P 55 -47.72 -4.46 -13.01
CA GLY P 55 -47.70 -5.52 -13.99
C GLY P 55 -46.63 -5.37 -15.05
N SER P 56 -45.79 -4.35 -14.96
CA SER P 56 -44.75 -4.17 -15.97
C SER P 56 -43.68 -5.24 -15.85
N LYS P 57 -43.20 -5.48 -14.63
CA LYS P 57 -42.08 -6.38 -14.42
C LYS P 57 -42.45 -7.42 -13.37
N THR P 58 -42.01 -8.65 -13.59
CA THR P 58 -42.11 -9.69 -12.60
C THR P 58 -40.81 -10.49 -12.60
N TYR P 59 -40.47 -11.09 -11.47
CA TYR P 59 -39.29 -11.92 -11.36
C TYR P 59 -39.63 -13.14 -10.53
N TYR P 60 -39.20 -14.32 -10.98
CA TYR P 60 -39.50 -15.56 -10.29
C TYR P 60 -38.22 -16.26 -9.84
N GLU P 61 -38.37 -17.12 -8.85
CA GLU P 61 -37.28 -18.00 -8.47
C GLU P 61 -36.98 -18.95 -9.61
N ASP P 62 -35.70 -19.33 -9.74
CA ASP P 62 -35.27 -20.11 -10.90
C ASP P 62 -35.96 -21.46 -10.98
N SER P 63 -36.44 -21.98 -9.85
CA SER P 63 -37.08 -23.29 -9.85
C SER P 63 -38.57 -23.23 -10.17
N VAL P 64 -39.15 -22.04 -10.27
CA VAL P 64 -40.56 -21.89 -10.60
C VAL P 64 -40.77 -21.06 -11.84
N LYS P 65 -39.72 -20.80 -12.61
CA LYS P 65 -39.89 -20.01 -13.83
C LYS P 65 -40.70 -20.80 -14.85
N GLY P 66 -41.74 -20.18 -15.38
CA GLY P 66 -42.57 -20.78 -16.40
C GLY P 66 -43.68 -21.66 -15.88
N ARG P 67 -43.66 -22.02 -14.60
CA ARG P 67 -44.75 -22.78 -14.01
C ARG P 67 -45.62 -21.96 -13.07
N PHE P 68 -45.08 -20.87 -12.52
CA PHE P 68 -45.82 -19.97 -11.64
C PHE P 68 -46.01 -18.66 -12.38
N THR P 69 -47.25 -18.20 -12.47
CA THR P 69 -47.55 -16.96 -13.17
C THR P 69 -48.22 -16.00 -12.18
N ILE P 70 -47.47 -15.00 -11.74
CA ILE P 70 -47.97 -14.05 -10.76
C ILE P 70 -48.66 -12.90 -11.47
N SER P 71 -49.77 -12.44 -10.93
CA SER P 71 -50.51 -11.35 -11.54
C SER P 71 -51.36 -10.69 -10.47
N ARG P 72 -51.82 -9.48 -10.77
CA ARG P 72 -52.59 -8.71 -9.80
C ARG P 72 -53.73 -7.99 -10.48
N ASP P 73 -54.68 -7.54 -9.68
CA ASP P 73 -55.85 -6.80 -10.14
C ASP P 73 -56.07 -5.64 -9.18
N ASN P 74 -55.63 -4.45 -9.57
CA ASN P 74 -55.70 -3.31 -8.66
C ASN P 74 -57.13 -2.88 -8.37
N SER P 75 -58.09 -3.25 -9.22
CA SER P 75 -59.46 -2.84 -8.99
C SER P 75 -60.16 -3.67 -7.91
N LYS P 76 -59.66 -4.87 -7.63
CA LYS P 76 -60.22 -5.72 -6.59
C LYS P 76 -59.28 -5.92 -5.42
N ASN P 77 -58.10 -5.30 -5.43
CA ASN P 77 -57.11 -5.44 -4.36
C ASN P 77 -56.79 -6.92 -4.12
N THR P 78 -56.29 -7.59 -5.16
CA THR P 78 -56.12 -9.03 -5.10
C THR P 78 -54.96 -9.47 -5.97
N LEU P 79 -54.08 -10.30 -5.41
CA LEU P 79 -53.03 -10.95 -6.17
C LEU P 79 -53.53 -12.27 -6.77
N TYR P 80 -52.76 -12.79 -7.73
CA TYR P 80 -53.07 -14.08 -8.30
C TYR P 80 -51.76 -14.78 -8.64
N LEU P 81 -51.58 -16.00 -8.13
CA LEU P 81 -50.43 -16.83 -8.48
C LEU P 81 -50.98 -18.10 -9.11
N GLN P 82 -51.10 -18.09 -10.43
CA GLN P 82 -51.59 -19.26 -11.15
C GLN P 82 -50.47 -20.29 -11.23
N MET P 83 -50.67 -21.43 -10.58
CA MET P 83 -49.66 -22.47 -10.50
C MET P 83 -49.97 -23.56 -11.51
N ASN P 84 -48.97 -23.96 -12.28
CA ASN P 84 -49.15 -24.99 -13.29
C ASN P 84 -48.06 -26.04 -13.17
N SER P 85 -48.43 -27.30 -13.40
CA SER P 85 -47.50 -28.43 -13.36
C SER P 85 -46.81 -28.52 -12.00
N LEU P 86 -47.62 -28.76 -10.98
CA LEU P 86 -47.09 -28.88 -9.63
C LEU P 86 -46.33 -30.19 -9.45
N ARG P 87 -45.32 -30.15 -8.59
CA ARG P 87 -44.53 -31.32 -8.22
C ARG P 87 -44.58 -31.48 -6.71
N VAL P 88 -44.14 -32.66 -6.24
CA VAL P 88 -44.12 -32.93 -4.81
C VAL P 88 -43.23 -31.95 -4.06
N ASP P 89 -42.27 -31.34 -4.74
CA ASP P 89 -41.46 -30.29 -4.12
C ASP P 89 -42.32 -29.11 -3.71
N ASP P 90 -43.28 -28.73 -4.54
CA ASP P 90 -44.00 -27.49 -4.37
C ASP P 90 -44.93 -27.49 -3.19
N THR P 91 -44.93 -28.43 -2.25
CA THR P 91 -45.82 -28.34 -1.10
C THR P 91 -45.15 -27.51 0.00
N ALA P 92 -45.87 -26.49 0.47
CA ALA P 92 -45.38 -25.58 1.49
C ALA P 92 -46.53 -24.65 1.87
N VAL P 93 -46.23 -23.66 2.72
CA VAL P 93 -47.19 -22.62 3.07
C VAL P 93 -46.81 -21.36 2.32
N TYR P 94 -47.78 -20.76 1.63
CA TYR P 94 -47.53 -19.59 0.79
C TYR P 94 -47.96 -18.32 1.51
N TYR P 95 -47.07 -17.34 1.59
CA TYR P 95 -47.32 -16.08 2.26
C TYR P 95 -47.27 -14.95 1.24
N CYS P 96 -48.14 -13.96 1.39
CA CYS P 96 -48.00 -12.70 0.67
C CYS P 96 -47.12 -11.74 1.47
N ALA P 97 -46.39 -10.90 0.76
CA ALA P 97 -45.53 -9.94 1.42
C ALA P 97 -45.67 -8.60 0.75
N ARG P 98 -45.79 -7.54 1.53
CA ARG P 98 -45.87 -6.19 1.02
C ARG P 98 -44.53 -5.51 1.20
N VAL P 99 -44.04 -4.86 0.16
CA VAL P 99 -42.76 -4.19 0.23
C VAL P 99 -42.93 -2.86 0.96
N ARG P 100 -42.12 -2.65 1.99
CA ARG P 100 -42.22 -1.44 2.80
C ARG P 100 -41.84 -0.21 2.00
N HIS P 101 -42.53 0.91 2.26
CA HIS P 101 -42.17 2.17 1.62
C HIS P 101 -40.74 2.56 1.92
N SER P 102 -39.99 2.90 0.88
CA SER P 102 -38.60 3.29 1.05
C SER P 102 -38.34 4.61 0.38
N SER P 103 -37.55 5.46 1.03
CA SER P 103 -37.20 6.75 0.46
C SER P 103 -35.91 6.65 -0.35
N SER P 104 -35.87 5.69 -1.26
CA SER P 104 -34.70 5.47 -2.10
C SER P 104 -35.17 4.69 -3.33
N ARG P 105 -34.21 4.11 -4.06
CA ARG P 105 -34.55 3.30 -5.21
C ARG P 105 -34.20 1.82 -5.01
N HIS P 106 -33.80 1.41 -3.80
CA HIS P 106 -33.26 0.08 -3.59
C HIS P 106 -34.22 -0.85 -2.83
N GLY P 107 -35.48 -0.51 -2.74
CA GLY P 107 -36.44 -1.43 -2.14
C GLY P 107 -36.37 -1.44 -0.64
N SER P 108 -37.14 -2.33 -0.04
CA SER P 108 -37.18 -2.44 1.42
C SER P 108 -37.70 -3.83 1.79
N ALA P 109 -37.76 -4.08 3.09
CA ALA P 109 -38.13 -5.40 3.59
C ALA P 109 -39.64 -5.58 3.52
N PHE P 110 -40.07 -6.81 3.77
CA PHE P 110 -41.47 -7.19 3.67
C PHE P 110 -42.15 -6.93 5.00
N ASP P 111 -42.96 -5.87 5.07
CA ASP P 111 -43.47 -5.51 6.40
C ASP P 111 -44.76 -6.22 6.77
N LEU P 112 -45.71 -6.32 5.86
CA LEU P 112 -47.00 -6.92 6.16
C LEU P 112 -47.09 -8.30 5.53
N TRP P 113 -47.40 -9.30 6.34
CA TRP P 113 -47.45 -10.68 5.89
C TRP P 113 -48.82 -11.28 6.15
N GLY P 114 -49.24 -12.17 5.26
CA GLY P 114 -50.50 -12.84 5.42
C GLY P 114 -50.40 -13.97 6.41
N GLN P 115 -51.53 -14.62 6.64
CA GLN P 115 -51.58 -15.74 7.58
C GLN P 115 -51.17 -17.05 6.94
N GLY P 116 -50.86 -17.05 5.64
CA GLY P 116 -50.38 -18.24 4.98
C GLY P 116 -51.49 -19.20 4.63
N THR P 117 -51.32 -19.92 3.52
CA THR P 117 -52.26 -20.94 3.10
C THR P 117 -51.52 -22.21 2.72
N LEU P 118 -52.20 -23.34 2.83
CA LEU P 118 -51.58 -24.64 2.65
C LEU P 118 -51.80 -25.15 1.24
N VAL P 119 -50.71 -25.52 0.56
CA VAL P 119 -50.78 -26.13 -0.75
C VAL P 119 -50.07 -27.48 -0.63
N THR P 120 -50.85 -28.56 -0.68
CA THR P 120 -50.31 -29.92 -0.53
C THR P 120 -50.50 -30.67 -1.84
N VAL P 121 -49.45 -31.38 -2.26
CA VAL P 121 -49.49 -32.16 -3.48
C VAL P 121 -49.03 -33.59 -3.16
N SER P 122 -49.83 -34.56 -3.57
CA SER P 122 -49.52 -35.97 -3.35
C SER P 122 -50.42 -36.80 -4.25
N SER P 123 -50.11 -38.08 -4.34
CA SER P 123 -50.89 -38.98 -5.17
C SER P 123 -51.92 -39.75 -4.33
N ILE Q 2 -26.41 -15.93 -3.06
CA ILE Q 2 -26.13 -15.39 -1.73
C ILE Q 2 -26.74 -16.30 -0.68
N GLN Q 3 -25.93 -17.21 -0.13
CA GLN Q 3 -26.39 -18.15 0.86
C GLN Q 3 -26.30 -17.53 2.24
N MET Q 4 -27.40 -17.53 2.97
CA MET Q 4 -27.48 -16.90 4.28
C MET Q 4 -27.57 -17.99 5.35
N THR Q 5 -26.73 -17.86 6.39
CA THR Q 5 -26.69 -18.84 7.46
C THR Q 5 -26.86 -18.13 8.80
N GLN Q 6 -27.63 -18.74 9.69
CA GLN Q 6 -27.86 -18.20 11.02
C GLN Q 6 -27.33 -19.17 12.07
N SER Q 7 -26.67 -18.63 13.09
CA SER Q 7 -26.15 -19.41 14.19
C SER Q 7 -26.24 -18.60 15.47
N PRO Q 8 -26.47 -19.25 16.61
CA PRO Q 8 -26.71 -20.67 16.83
C PRO Q 8 -28.13 -21.07 16.47
N SER Q 9 -28.34 -22.31 16.02
CA SER Q 9 -29.66 -22.72 15.55
C SER Q 9 -30.69 -22.69 16.67
N THR Q 10 -30.32 -23.13 17.87
CA THR Q 10 -31.21 -23.10 19.02
C THR Q 10 -30.49 -22.42 20.17
N LEU Q 11 -31.16 -21.48 20.83
CA LEU Q 11 -30.56 -20.67 21.88
C LEU Q 11 -31.51 -20.66 23.07
N SER Q 12 -31.18 -21.43 24.10
CA SER Q 12 -31.98 -21.44 25.32
C SER Q 12 -31.67 -20.22 26.16
N ALA Q 13 -32.72 -19.54 26.63
CA ALA Q 13 -32.55 -18.35 27.44
C ALA Q 13 -33.74 -18.20 28.36
N SER Q 14 -33.56 -17.40 29.40
CA SER Q 14 -34.61 -17.15 30.39
C SER Q 14 -35.08 -15.71 30.31
N VAL Q 15 -36.17 -15.43 31.02
CA VAL Q 15 -36.75 -14.10 31.01
C VAL Q 15 -35.77 -13.12 31.65
N GLY Q 16 -35.58 -11.97 31.01
CA GLY Q 16 -34.65 -10.98 31.51
C GLY Q 16 -33.21 -11.20 31.12
N ASP Q 17 -32.91 -12.23 30.34
CA ASP Q 17 -31.55 -12.50 29.91
C ASP Q 17 -31.20 -11.60 28.72
N ARG Q 18 -30.08 -11.89 28.06
CA ARG Q 18 -29.64 -11.17 26.89
C ARG Q 18 -29.35 -12.17 25.79
N VAL Q 19 -29.95 -11.95 24.62
CA VAL Q 19 -29.88 -12.91 23.52
C VAL Q 19 -29.30 -12.20 22.31
N THR Q 20 -28.29 -12.81 21.70
CA THR Q 20 -27.69 -12.32 20.47
C THR Q 20 -27.71 -13.42 19.44
N ILE Q 21 -28.28 -13.13 18.27
CA ILE Q 21 -28.37 -14.07 17.17
C ILE Q 21 -27.51 -13.53 16.04
N THR Q 22 -26.69 -14.39 15.45
CA THR Q 22 -25.70 -14.00 14.47
C THR Q 22 -26.12 -14.47 13.09
N CYS Q 23 -26.09 -13.57 12.12
CA CYS Q 23 -26.43 -13.89 10.74
C CYS Q 23 -25.22 -13.59 9.86
N ARG Q 24 -24.81 -14.58 9.07
CA ARG Q 24 -23.64 -14.46 8.22
C ARG Q 24 -24.02 -14.68 6.76
N ALA Q 25 -23.52 -13.81 5.89
CA ALA Q 25 -23.83 -13.84 4.47
C ALA Q 25 -22.64 -14.36 3.68
N SER Q 26 -22.90 -15.25 2.72
CA SER Q 26 -21.81 -15.84 1.96
C SER Q 26 -21.05 -14.81 1.16
N GLN Q 27 -21.70 -13.71 0.77
CA GLN Q 27 -21.05 -12.61 0.08
C GLN Q 27 -21.46 -11.31 0.74
N SER Q 28 -20.72 -10.25 0.43
CA SER Q 28 -21.03 -8.96 1.01
C SER Q 28 -22.39 -8.48 0.53
N VAL Q 29 -23.29 -8.19 1.46
CA VAL Q 29 -24.62 -7.70 1.15
C VAL Q 29 -24.79 -6.26 1.61
N SER Q 30 -23.69 -5.53 1.79
CA SER Q 30 -23.69 -4.11 2.15
C SER Q 30 -24.48 -3.95 3.44
N THR Q 31 -25.42 -3.00 3.52
CA THR Q 31 -26.24 -2.84 4.71
C THR Q 31 -27.68 -3.26 4.48
N TRP Q 32 -27.96 -3.93 3.36
CA TRP Q 32 -29.33 -4.34 3.03
C TRP Q 32 -29.56 -5.69 3.69
N LEU Q 33 -30.33 -5.68 4.79
CA LEU Q 33 -30.62 -6.89 5.53
C LEU Q 33 -31.79 -6.62 6.45
N ALA Q 34 -32.53 -7.67 6.79
CA ALA Q 34 -33.74 -7.52 7.58
C ALA Q 34 -33.87 -8.70 8.53
N TRP Q 35 -34.62 -8.49 9.61
CA TRP Q 35 -34.85 -9.51 10.61
C TRP Q 35 -36.33 -9.67 10.85
N TYR Q 36 -36.78 -10.91 10.97
CA TYR Q 36 -38.19 -11.22 11.12
C TYR Q 36 -38.40 -12.03 12.38
N GLN Q 37 -39.67 -12.17 12.79
CA GLN Q 37 -40.02 -12.97 13.96
C GLN Q 37 -41.33 -13.67 13.68
N GLN Q 38 -41.33 -14.99 13.72
CA GLN Q 38 -42.52 -15.79 13.36
C GLN Q 38 -42.89 -16.66 14.53
N LYS Q 39 -43.92 -16.27 15.27
CA LYS Q 39 -44.45 -17.15 16.30
C LYS Q 39 -45.17 -18.32 15.64
N PRO Q 40 -45.19 -19.49 16.27
CA PRO Q 40 -45.77 -20.67 15.62
C PRO Q 40 -47.24 -20.48 15.29
N GLY Q 41 -47.57 -20.71 14.03
CA GLY Q 41 -48.94 -20.60 13.55
C GLY Q 41 -49.35 -19.24 13.03
N GLN Q 42 -48.46 -18.27 13.01
CA GLN Q 42 -48.77 -16.93 12.53
C GLN Q 42 -47.91 -16.60 11.33
N GLY Q 43 -47.99 -15.35 10.88
CA GLY Q 43 -47.16 -14.87 9.81
C GLY Q 43 -46.08 -13.96 10.34
N PRO Q 44 -44.88 -14.06 9.77
CA PRO Q 44 -43.76 -13.28 10.28
C PRO Q 44 -44.02 -11.79 10.19
N LYS Q 45 -43.44 -11.05 11.13
CA LYS Q 45 -43.55 -9.60 11.17
C LYS Q 45 -42.15 -8.99 11.18
N LEU Q 46 -41.98 -7.90 10.45
CA LEU Q 46 -40.69 -7.25 10.37
C LEU Q 46 -40.26 -6.70 11.72
N LEU Q 47 -38.97 -6.81 12.03
CA LEU Q 47 -38.39 -6.21 13.22
C LEU Q 47 -37.38 -5.13 12.90
N ILE Q 48 -36.38 -5.46 12.09
CA ILE Q 48 -35.31 -4.53 11.73
C ILE Q 48 -35.17 -4.54 10.21
N TYR Q 49 -35.11 -3.37 9.62
CA TYR Q 49 -34.86 -3.24 8.19
C TYR Q 49 -33.62 -2.38 7.98
N GLU Q 50 -32.94 -2.60 6.86
CA GLU Q 50 -31.67 -1.94 6.55
C GLU Q 50 -30.59 -2.28 7.57
N ALA Q 51 -30.80 -3.34 8.35
CA ALA Q 51 -29.82 -3.91 9.26
C ALA Q 51 -29.58 -3.06 10.50
N SER Q 52 -30.11 -1.85 10.51
CA SER Q 52 -29.94 -1.06 11.73
C SER Q 52 -31.23 -0.43 12.23
N SER Q 53 -32.10 0.03 11.34
CA SER Q 53 -33.28 0.76 11.75
C SER Q 53 -34.32 -0.18 12.36
N LEU Q 54 -35.24 0.40 13.11
CA LEU Q 54 -36.32 -0.36 13.75
C LEU Q 54 -37.65 -0.06 13.08
N GLU Q 55 -38.44 -1.10 12.86
CA GLU Q 55 -39.77 -0.93 12.31
C GLU Q 55 -40.67 -0.18 13.29
N SER Q 56 -41.62 0.56 12.76
CA SER Q 56 -42.54 1.32 13.60
C SER Q 56 -43.34 0.37 14.48
N GLY Q 57 -43.40 0.69 15.78
CA GLY Q 57 -44.20 -0.07 16.71
C GLY Q 57 -43.49 -1.25 17.37
N VAL Q 58 -42.28 -1.57 16.93
CA VAL Q 58 -41.52 -2.64 17.57
C VAL Q 58 -41.00 -2.14 18.91
N PRO Q 59 -40.91 -2.98 19.94
CA PRO Q 59 -40.34 -2.50 21.21
C PRO Q 59 -38.90 -2.11 21.03
N SER Q 60 -38.44 -1.17 21.88
CA SER Q 60 -37.07 -0.71 21.81
C SER Q 60 -36.06 -1.74 22.27
N ARG Q 61 -36.51 -2.88 22.76
CA ARG Q 61 -35.57 -3.93 23.17
C ARG Q 61 -34.74 -4.41 21.99
N PHE Q 62 -35.38 -4.62 20.84
CA PHE Q 62 -34.69 -5.17 19.68
C PHE Q 62 -33.70 -4.17 19.12
N SER Q 63 -32.52 -4.66 18.76
CA SER Q 63 -31.50 -3.83 18.16
C SER Q 63 -30.58 -4.70 17.33
N GLY Q 64 -30.00 -4.11 16.30
CA GLY Q 64 -29.14 -4.87 15.41
C GLY Q 64 -28.04 -3.99 14.88
N SER Q 65 -26.98 -4.63 14.40
CA SER Q 65 -25.84 -3.90 13.90
C SER Q 65 -25.08 -4.78 12.93
N GLY Q 66 -24.25 -4.13 12.12
CA GLY Q 66 -23.40 -4.86 11.19
C GLY Q 66 -23.46 -4.34 9.77
N SER Q 67 -22.47 -4.72 8.98
CA SER Q 67 -22.45 -4.37 7.57
C SER Q 67 -21.47 -5.28 6.87
N GLY Q 68 -21.74 -5.58 5.63
CA GLY Q 68 -20.90 -6.50 4.88
C GLY Q 68 -21.42 -7.94 4.96
N THR Q 69 -20.74 -8.78 5.74
CA THR Q 69 -21.10 -10.18 5.84
C THR Q 69 -21.49 -10.63 7.23
N GLU Q 70 -21.27 -9.83 8.26
CA GLU Q 70 -21.53 -10.22 9.64
C GLU Q 70 -22.62 -9.32 10.22
N PHE Q 71 -23.75 -9.93 10.57
CA PHE Q 71 -24.87 -9.19 11.14
C PHE Q 71 -25.34 -9.89 12.41
N THR Q 72 -25.71 -9.11 13.41
CA THR Q 72 -26.17 -9.63 14.70
C THR Q 72 -27.42 -8.92 15.13
N LEU Q 73 -28.25 -9.62 15.91
CA LEU Q 73 -29.45 -9.07 16.49
C LEU Q 73 -29.36 -9.21 18.00
N THR Q 74 -29.55 -8.09 18.71
CA THR Q 74 -29.33 -8.05 20.15
C THR Q 74 -30.64 -7.70 20.85
N ILE Q 75 -31.07 -8.56 21.76
CA ILE Q 75 -32.26 -8.32 22.57
C ILE Q 75 -31.80 -7.97 23.96
N SER Q 76 -32.08 -6.74 24.40
CA SER Q 76 -31.55 -6.29 25.69
C SER Q 76 -32.17 -7.06 26.85
N SER Q 77 -33.48 -7.27 26.82
CA SER Q 77 -34.18 -7.93 27.91
C SER Q 77 -35.24 -8.86 27.31
N LEU Q 78 -34.97 -10.16 27.35
CA LEU Q 78 -35.91 -11.12 26.80
C LEU Q 78 -37.23 -11.07 27.55
N GLN Q 79 -38.31 -11.15 26.81
CA GLN Q 79 -39.67 -11.05 27.33
C GLN Q 79 -40.43 -12.35 27.08
N PRO Q 80 -41.50 -12.63 27.83
CA PRO Q 80 -42.20 -13.90 27.64
C PRO Q 80 -42.91 -14.03 26.30
N ASP Q 81 -43.04 -12.95 25.54
CA ASP Q 81 -43.60 -13.03 24.18
C ASP Q 81 -42.53 -12.97 23.11
N ASP Q 82 -41.25 -13.07 23.48
CA ASP Q 82 -40.15 -12.99 22.53
C ASP Q 82 -39.59 -14.37 22.18
N PHE Q 83 -40.28 -15.44 22.54
CA PHE Q 83 -39.82 -16.79 22.25
C PHE Q 83 -40.40 -17.23 20.91
N ALA Q 84 -39.67 -16.97 19.84
CA ALA Q 84 -40.16 -17.26 18.50
C ALA Q 84 -38.96 -17.44 17.57
N THR Q 85 -39.25 -17.85 16.34
CA THR Q 85 -38.21 -18.10 15.35
C THR Q 85 -37.87 -16.81 14.62
N TYR Q 86 -36.58 -16.49 14.54
CA TYR Q 86 -36.10 -15.26 13.91
C TYR Q 86 -35.38 -15.60 12.61
N TYR Q 87 -35.70 -14.87 11.54
CA TYR Q 87 -35.14 -15.13 10.22
C TYR Q 87 -34.35 -13.93 9.73
N CYS Q 88 -33.37 -14.21 8.88
CA CYS Q 88 -32.47 -13.19 8.34
C CYS Q 88 -32.69 -13.12 6.83
N GLN Q 89 -32.96 -11.93 6.31
CA GLN Q 89 -33.20 -11.76 4.88
C GLN Q 89 -32.21 -10.75 4.33
N GLN Q 90 -31.77 -10.97 3.09
CA GLN Q 90 -30.89 -10.03 2.41
C GLN Q 90 -31.48 -9.65 1.08
N TYR Q 91 -31.39 -8.38 0.74
CA TYR Q 91 -31.81 -7.89 -0.57
C TYR Q 91 -30.72 -6.97 -1.08
N ASN Q 92 -29.70 -7.54 -1.71
CA ASN Q 92 -28.61 -6.73 -2.21
C ASN Q 92 -29.03 -6.02 -3.49
N SER Q 93 -28.10 -5.25 -4.06
CA SER Q 93 -28.43 -4.45 -5.24
C SER Q 93 -28.89 -5.33 -6.39
N TYR Q 94 -28.01 -6.20 -6.88
CA TYR Q 94 -28.35 -7.05 -8.02
C TYR Q 94 -28.67 -8.47 -7.60
N SER Q 95 -28.73 -8.75 -6.30
CA SER Q 95 -29.08 -10.07 -5.82
C SER Q 95 -30.55 -10.11 -5.43
N PHE Q 96 -31.12 -11.30 -5.47
CA PHE Q 96 -32.50 -11.48 -5.14
C PHE Q 96 -32.66 -11.72 -3.64
N TRP Q 97 -33.90 -11.76 -3.19
CA TRP Q 97 -34.18 -11.95 -1.78
C TRP Q 97 -34.00 -13.41 -1.39
N THR Q 98 -33.23 -13.64 -0.32
CA THR Q 98 -33.03 -14.98 0.22
C THR Q 98 -33.14 -14.92 1.74
N PHE Q 99 -33.43 -16.07 2.34
CA PHE Q 99 -33.66 -16.16 3.78
C PHE Q 99 -32.72 -17.17 4.41
N GLY Q 100 -32.41 -16.95 5.69
CA GLY Q 100 -31.66 -17.92 6.45
C GLY Q 100 -32.55 -19.01 7.00
N GLN Q 101 -31.92 -20.00 7.63
CA GLN Q 101 -32.66 -21.15 8.11
C GLN Q 101 -33.55 -20.80 9.30
N GLY Q 102 -33.12 -19.86 10.13
CA GLY Q 102 -33.93 -19.43 11.25
C GLY Q 102 -33.57 -20.08 12.57
N THR Q 103 -33.35 -19.27 13.61
CA THR Q 103 -33.04 -19.77 14.94
C THR Q 103 -34.27 -19.66 15.83
N LYS Q 104 -34.46 -20.65 16.70
CA LYS Q 104 -35.59 -20.70 17.59
C LYS Q 104 -35.11 -20.41 19.01
N VAL Q 105 -35.66 -19.37 19.62
CA VAL Q 105 -35.31 -19.00 20.99
C VAL Q 105 -36.31 -19.65 21.93
N GLU Q 106 -35.84 -20.57 22.76
CA GLU Q 106 -36.70 -21.37 23.62
C GLU Q 106 -36.56 -20.93 25.07
N ILE Q 107 -37.45 -21.43 25.92
CA ILE Q 107 -37.44 -21.12 27.34
C ILE Q 107 -36.44 -22.03 28.03
N LYS Q 108 -35.55 -21.44 28.82
CA LYS Q 108 -34.54 -22.22 29.53
C LYS Q 108 -35.17 -23.02 30.66
N VAL R 2 -56.91 33.01 -13.93
CA VAL R 2 -56.02 32.18 -13.13
C VAL R 2 -56.08 32.62 -11.67
N GLN R 3 -57.10 32.16 -10.95
CA GLN R 3 -57.34 32.59 -9.58
C GLN R 3 -57.70 31.39 -8.72
N LEU R 4 -57.17 31.36 -7.50
CA LEU R 4 -57.43 30.28 -6.56
C LEU R 4 -57.83 30.91 -5.23
N VAL R 5 -59.11 30.74 -4.85
CA VAL R 5 -59.63 31.30 -3.61
C VAL R 5 -60.37 30.20 -2.86
N GLU R 6 -60.13 30.11 -1.56
CA GLU R 6 -60.75 29.12 -0.70
C GLU R 6 -61.78 29.78 0.20
N SER R 7 -62.37 28.97 1.08
CA SER R 7 -63.41 29.43 2.00
C SER R 7 -63.57 28.35 3.07
N GLY R 8 -64.61 28.50 3.90
CA GLY R 8 -64.92 27.51 4.90
C GLY R 8 -64.14 27.62 6.20
N GLY R 9 -63.44 28.73 6.42
CA GLY R 9 -62.65 28.90 7.62
C GLY R 9 -63.49 29.30 8.82
N GLY R 10 -62.81 29.50 9.94
CA GLY R 10 -63.47 29.90 11.16
C GLY R 10 -62.76 29.29 12.35
N VAL R 11 -63.43 29.37 13.50
CA VAL R 11 -62.91 28.83 14.76
C VAL R 11 -63.91 27.79 15.27
N VAL R 12 -63.40 26.60 15.59
CA VAL R 12 -64.22 25.49 16.04
C VAL R 12 -63.58 24.85 17.27
N GLN R 13 -64.40 24.12 18.04
CA GLN R 13 -63.95 23.46 19.26
C GLN R 13 -63.17 22.20 18.93
N PRO R 14 -62.26 21.78 19.82
CA PRO R 14 -61.57 20.50 19.62
C PRO R 14 -62.55 19.33 19.57
N GLY R 15 -62.22 18.36 18.73
CA GLY R 15 -63.06 17.21 18.52
C GLY R 15 -64.10 17.37 17.44
N ARG R 16 -64.37 18.60 17.01
CA ARG R 16 -65.35 18.83 15.97
C ARG R 16 -64.72 18.66 14.59
N SER R 17 -65.57 18.64 13.57
CA SER R 17 -65.14 18.42 12.20
C SER R 17 -65.47 19.65 11.36
N LEU R 18 -64.51 20.07 10.54
CA LEU R 18 -64.64 21.26 9.71
C LEU R 18 -64.33 20.90 8.27
N THR R 19 -65.11 21.45 7.34
CA THR R 19 -64.95 21.20 5.91
C THR R 19 -64.79 22.53 5.18
N LEU R 20 -63.79 22.63 4.31
CA LEU R 20 -63.58 23.82 3.52
C LEU R 20 -63.92 23.58 2.06
N SER R 21 -63.96 24.69 1.33
CA SER R 21 -64.12 24.68 -0.12
C SER R 21 -63.08 25.61 -0.71
N CYS R 22 -62.58 25.24 -1.89
CA CYS R 22 -61.49 25.97 -2.53
C CYS R 22 -61.71 25.89 -4.03
N ALA R 23 -62.24 26.96 -4.60
CA ALA R 23 -62.69 26.97 -5.99
C ALA R 23 -61.63 27.57 -6.90
N ALA R 24 -61.61 27.09 -8.13
CA ALA R 24 -60.65 27.52 -9.14
C ALA R 24 -61.36 28.26 -10.26
N SER R 25 -60.72 29.30 -10.77
CA SER R 25 -61.25 30.06 -11.88
C SER R 25 -60.10 30.53 -12.77
N GLY R 26 -60.40 30.68 -14.05
CA GLY R 26 -59.41 31.17 -15.00
C GLY R 26 -58.50 30.13 -15.59
N PHE R 27 -58.70 28.86 -15.27
CA PHE R 27 -57.89 27.79 -15.86
C PHE R 27 -58.67 26.50 -15.77
N THR R 28 -58.21 25.51 -16.53
CA THR R 28 -58.85 24.20 -16.58
C THR R 28 -58.48 23.43 -15.32
N PHE R 29 -59.32 23.54 -14.30
CA PHE R 29 -59.09 22.83 -13.04
C PHE R 29 -59.15 21.32 -13.21
N SER R 30 -59.82 20.84 -14.26
CA SER R 30 -59.97 19.41 -14.47
C SER R 30 -58.69 18.73 -14.91
N ASN R 31 -57.63 19.48 -15.21
CA ASN R 31 -56.41 18.90 -15.75
C ASN R 31 -55.25 18.90 -14.77
N TYR R 32 -55.31 19.68 -13.69
CA TYR R 32 -54.15 19.90 -12.82
C TYR R 32 -54.43 19.38 -11.42
N GLY R 33 -53.53 18.53 -10.91
CA GLY R 33 -53.63 18.09 -9.55
C GLY R 33 -53.32 19.21 -8.57
N MET R 34 -53.84 19.09 -7.35
CA MET R 34 -53.78 20.18 -6.38
C MET R 34 -53.27 19.67 -5.04
N HIS R 35 -52.75 20.61 -4.26
CA HIS R 35 -52.19 20.34 -2.95
C HIS R 35 -52.86 21.21 -1.91
N TRP R 36 -52.73 20.82 -0.66
CA TRP R 36 -53.11 21.66 0.48
C TRP R 36 -51.89 21.86 1.34
N VAL R 37 -51.61 23.11 1.71
CA VAL R 37 -50.41 23.44 2.47
C VAL R 37 -50.80 24.25 3.69
N ARG R 38 -50.28 23.86 4.86
CA ARG R 38 -50.50 24.56 6.10
C ARG R 38 -49.43 25.60 6.32
N GLN R 39 -49.76 26.63 7.10
CA GLN R 39 -48.77 27.62 7.55
C GLN R 39 -49.06 27.92 9.01
N THR R 40 -48.26 27.34 9.91
CA THR R 40 -48.53 27.72 11.29
C THR R 40 -47.55 28.82 11.73
N PRO R 41 -47.97 29.72 12.61
CA PRO R 41 -47.05 30.75 13.09
C PRO R 41 -45.86 30.14 13.82
N GLY R 42 -44.68 30.72 13.60
CA GLY R 42 -43.46 30.27 14.24
C GLY R 42 -42.80 29.09 13.56
N LYS R 43 -43.38 28.55 12.50
CA LYS R 43 -42.82 27.42 11.79
C LYS R 43 -43.10 27.60 10.31
N GLY R 44 -42.22 27.07 9.47
CA GLY R 44 -42.39 27.17 8.04
C GLY R 44 -43.60 26.40 7.54
N LEU R 45 -43.69 26.32 6.23
CA LEU R 45 -44.82 25.68 5.58
C LEU R 45 -44.84 24.18 5.88
N ALA R 46 -46.02 23.60 5.76
CA ALA R 46 -46.19 22.17 5.96
C ALA R 46 -47.17 21.64 4.92
N TRP R 47 -46.86 20.48 4.36
CA TRP R 47 -47.68 19.85 3.35
C TRP R 47 -48.76 18.99 3.99
N VAL R 48 -49.91 18.88 3.33
CA VAL R 48 -51.06 18.20 3.89
C VAL R 48 -51.53 17.04 3.02
N ALA R 49 -51.93 17.31 1.78
CA ALA R 49 -52.56 16.29 0.96
C ALA R 49 -52.32 16.58 -0.50
N ILE R 50 -52.72 15.64 -1.36
CA ILE R 50 -52.54 15.77 -2.80
C ILE R 50 -53.60 14.93 -3.49
N ILE R 51 -54.06 15.39 -4.65
CA ILE R 51 -55.04 14.68 -5.46
C ILE R 51 -54.45 14.47 -6.85
N TRP R 52 -54.57 13.25 -7.36
CA TRP R 52 -53.89 12.87 -8.60
C TRP R 52 -54.75 13.14 -9.83
N TYR R 53 -55.29 14.35 -9.94
CA TYR R 53 -55.90 14.85 -11.16
C TYR R 53 -57.21 14.13 -11.48
N ASP R 54 -57.50 13.04 -10.77
CA ASP R 54 -58.75 12.31 -10.88
C ASP R 54 -59.40 12.01 -9.54
N GLY R 55 -58.70 12.19 -8.43
CA GLY R 55 -59.16 11.67 -7.16
C GLY R 55 -58.87 10.21 -6.94
N SER R 56 -58.16 9.56 -7.86
CA SER R 56 -57.91 8.13 -7.71
C SER R 56 -56.89 7.85 -6.61
N LYS R 57 -55.79 8.62 -6.58
CA LYS R 57 -54.72 8.40 -5.62
C LYS R 57 -54.62 9.58 -4.69
N THR R 58 -54.34 9.30 -3.41
CA THR R 58 -54.26 10.32 -2.38
C THR R 58 -53.10 10.02 -1.45
N TYR R 59 -52.37 11.05 -1.06
CA TYR R 59 -51.28 10.93 -0.10
C TYR R 59 -51.42 12.02 0.94
N TYR R 60 -51.21 11.68 2.21
CA TYR R 60 -51.29 12.62 3.30
C TYR R 60 -49.98 12.65 4.08
N GLU R 61 -49.80 13.71 4.86
CA GLU R 61 -48.75 13.71 5.86
C GLU R 61 -49.08 12.67 6.94
N ASP R 62 -48.03 12.08 7.50
CA ASP R 62 -48.23 11.02 8.49
C ASP R 62 -48.97 11.52 9.72
N SER R 63 -48.94 12.81 10.01
CA SER R 63 -49.60 13.34 11.19
C SER R 63 -51.09 13.59 10.99
N VAL R 64 -51.60 13.49 9.76
CA VAL R 64 -53.00 13.73 9.47
C VAL R 64 -53.70 12.50 8.90
N LYS R 65 -53.01 11.37 8.81
CA LYS R 65 -53.64 10.18 8.27
C LYS R 65 -54.72 9.66 9.20
N GLY R 66 -55.87 9.33 8.63
CA GLY R 66 -56.99 8.83 9.41
C GLY R 66 -57.91 9.90 9.95
N ARG R 67 -57.54 11.17 9.82
CA ARG R 67 -58.38 12.27 10.26
C ARG R 67 -58.72 13.27 9.16
N PHE R 68 -57.96 13.29 8.07
CA PHE R 68 -58.20 14.20 6.97
C PHE R 68 -58.74 13.44 5.77
N THR R 69 -59.55 14.11 4.96
CA THR R 69 -60.07 13.50 3.74
C THR R 69 -60.18 14.59 2.69
N ILE R 70 -59.37 14.49 1.64
CA ILE R 70 -59.35 15.45 0.56
C ILE R 70 -60.02 14.85 -0.66
N SER R 71 -60.85 15.64 -1.33
CA SER R 71 -61.51 15.19 -2.54
C SER R 71 -61.84 16.41 -3.39
N ARG R 72 -62.11 16.15 -4.67
CA ARG R 72 -62.35 17.22 -5.62
C ARG R 72 -63.65 16.95 -6.37
N ASP R 73 -64.25 18.02 -6.87
CA ASP R 73 -65.45 17.96 -7.70
C ASP R 73 -65.10 18.59 -9.04
N ASN R 74 -64.83 17.76 -10.05
CA ASN R 74 -64.37 18.27 -11.33
C ASN R 74 -65.42 19.12 -12.02
N SER R 75 -66.70 18.89 -11.74
CA SER R 75 -67.75 19.65 -12.41
C SER R 75 -67.81 21.09 -11.94
N LYS R 76 -67.58 21.33 -10.65
CA LYS R 76 -67.67 22.67 -10.08
C LYS R 76 -66.31 23.32 -9.84
N ASN R 77 -65.21 22.64 -10.18
CA ASN R 77 -63.87 23.18 -10.03
C ASN R 77 -63.60 23.61 -8.57
N THR R 78 -63.72 22.66 -7.67
CA THR R 78 -63.57 22.93 -6.25
C THR R 78 -62.82 21.79 -5.58
N LEU R 79 -62.12 22.10 -4.49
CA LEU R 79 -61.49 21.10 -3.64
C LEU R 79 -62.25 21.01 -2.32
N TYR R 80 -62.34 19.81 -1.76
CA TYR R 80 -62.95 19.59 -0.47
C TYR R 80 -61.94 18.86 0.41
N LEU R 81 -61.61 19.44 1.56
CA LEU R 81 -60.74 18.79 2.54
C LEU R 81 -61.54 18.73 3.84
N GLN R 82 -62.13 17.58 4.12
CA GLN R 82 -62.96 17.41 5.30
C GLN R 82 -62.07 17.01 6.47
N MET R 83 -61.88 17.92 7.42
CA MET R 83 -61.13 17.62 8.63
C MET R 83 -62.04 16.99 9.66
N ASN R 84 -61.55 15.94 10.31
CA ASN R 84 -62.27 15.26 11.38
C ASN R 84 -61.34 15.10 12.58
N SER R 85 -61.93 15.19 13.77
CA SER R 85 -61.21 15.08 15.03
C SER R 85 -60.08 16.11 15.11
N LEU R 86 -60.48 17.37 15.05
CA LEU R 86 -59.51 18.47 15.07
C LEU R 86 -58.85 18.58 16.44
N ARG R 87 -57.63 19.10 16.44
CA ARG R 87 -56.86 19.31 17.66
C ARG R 87 -56.35 20.74 17.68
N VAL R 88 -55.85 21.16 18.85
CA VAL R 88 -55.31 22.51 18.98
C VAL R 88 -54.06 22.72 18.15
N ASP R 89 -53.37 21.64 17.77
CA ASP R 89 -52.18 21.76 16.94
C ASP R 89 -52.48 22.04 15.48
N ASP R 90 -53.75 22.04 15.09
CA ASP R 90 -54.14 22.27 13.70
C ASP R 90 -54.33 23.74 13.37
N THR R 91 -54.07 24.63 14.31
CA THR R 91 -54.23 26.07 14.05
C THR R 91 -53.15 26.53 13.07
N ALA R 92 -53.56 26.87 11.87
CA ALA R 92 -52.64 27.34 10.83
C ALA R 92 -53.47 27.97 9.72
N VAL R 93 -52.78 28.41 8.67
CA VAL R 93 -53.43 28.96 7.48
C VAL R 93 -53.35 27.91 6.38
N TYR R 94 -54.49 27.61 5.77
CA TYR R 94 -54.58 26.54 4.78
C TYR R 94 -54.49 27.12 3.39
N TYR R 95 -53.55 26.61 2.60
CA TYR R 95 -53.27 27.12 1.27
C TYR R 95 -53.56 26.06 0.22
N CYS R 96 -54.28 26.45 -0.83
CA CYS R 96 -54.41 25.62 -2.01
C CYS R 96 -53.21 25.86 -2.93
N ALA R 97 -52.71 24.78 -3.52
CA ALA R 97 -51.55 24.89 -4.40
C ALA R 97 -51.79 24.07 -5.66
N ARG R 98 -51.30 24.54 -6.78
CA ARG R 98 -51.43 23.85 -8.06
C ARG R 98 -50.07 23.38 -8.54
N VAL R 99 -50.00 22.16 -9.02
CA VAL R 99 -48.75 21.60 -9.50
C VAL R 99 -48.48 22.11 -10.91
N ARG R 100 -47.28 22.63 -11.14
CA ARG R 100 -46.93 23.15 -12.45
C ARG R 100 -46.89 22.03 -13.49
N HIS R 101 -47.17 22.40 -14.74
CA HIS R 101 -47.08 21.45 -15.83
C HIS R 101 -45.62 21.12 -16.13
N SER R 102 -45.32 19.83 -16.23
CA SER R 102 -43.95 19.40 -16.49
C SER R 102 -43.96 18.35 -17.59
N SER R 103 -43.04 18.48 -18.54
CA SER R 103 -42.94 17.51 -19.61
C SER R 103 -42.09 16.32 -19.18
N SER R 104 -42.44 15.70 -18.06
CA SER R 104 -41.70 14.58 -17.53
C SER R 104 -42.64 13.77 -16.64
N ARG R 105 -42.08 12.89 -15.82
CA ARG R 105 -42.88 12.07 -14.92
C ARG R 105 -42.61 12.36 -13.46
N HIS R 106 -41.75 13.31 -13.12
CA HIS R 106 -41.34 13.56 -11.76
C HIS R 106 -42.07 14.72 -11.10
N GLY R 107 -43.11 15.24 -11.72
CA GLY R 107 -43.87 16.31 -11.11
C GLY R 107 -43.15 17.64 -11.23
N SER R 108 -43.70 18.63 -10.53
CA SER R 108 -43.13 19.98 -10.57
C SER R 108 -43.58 20.74 -9.33
N ALA R 109 -43.04 21.94 -9.18
CA ALA R 109 -43.29 22.75 -8.00
C ALA R 109 -44.68 23.37 -8.06
N PHE R 110 -45.04 24.08 -6.99
CA PHE R 110 -46.37 24.67 -6.85
C PHE R 110 -46.33 26.09 -7.41
N ASP R 111 -46.94 26.29 -8.59
CA ASP R 111 -46.83 27.59 -9.24
C ASP R 111 -47.93 28.56 -8.82
N LEU R 112 -49.17 28.10 -8.78
CA LEU R 112 -50.31 28.96 -8.46
C LEU R 112 -50.79 28.68 -7.05
N TRP R 113 -50.86 29.71 -6.22
CA TRP R 113 -51.21 29.56 -4.82
C TRP R 113 -52.45 30.37 -4.49
N GLY R 114 -53.12 29.96 -3.42
CA GLY R 114 -54.29 30.65 -2.94
C GLY R 114 -53.94 31.75 -1.96
N GLN R 115 -54.96 32.29 -1.31
CA GLN R 115 -54.77 33.36 -0.34
C GLN R 115 -54.77 32.89 1.10
N GLY R 116 -55.37 31.74 1.38
CA GLY R 116 -55.31 31.17 2.71
C GLY R 116 -56.50 31.47 3.59
N THR R 117 -56.97 30.47 4.31
CA THR R 117 -58.04 30.62 5.28
C THR R 117 -57.52 30.23 6.66
N LEU R 118 -57.90 30.99 7.68
CA LEU R 118 -57.45 30.74 9.04
C LEU R 118 -58.46 29.82 9.72
N VAL R 119 -57.97 28.70 10.25
CA VAL R 119 -58.78 27.77 11.02
C VAL R 119 -58.11 27.59 12.38
N THR R 120 -58.82 27.96 13.45
CA THR R 120 -58.29 27.91 14.80
C THR R 120 -59.12 26.94 15.63
N VAL R 121 -58.44 26.05 16.34
CA VAL R 121 -59.07 25.07 17.20
C VAL R 121 -58.61 25.34 18.63
N SER R 122 -59.53 25.83 19.46
CA SER R 122 -59.21 26.12 20.85
C SER R 122 -60.50 26.14 21.66
N SER R 123 -60.35 26.07 22.97
CA SER R 123 -61.50 26.09 23.88
C SER R 123 -61.89 27.51 24.24
N ILE S 2 -36.40 13.82 4.80
CA ILE S 2 -35.53 14.89 4.34
C ILE S 2 -35.91 16.20 5.00
N GLN S 3 -34.99 16.78 5.75
CA GLN S 3 -35.26 18.02 6.47
C GLN S 3 -34.49 19.16 5.82
N MET S 4 -35.19 20.26 5.58
CA MET S 4 -34.64 21.41 4.88
C MET S 4 -34.32 22.51 5.88
N THR S 5 -33.11 23.05 5.80
CA THR S 5 -32.68 24.14 6.66
C THR S 5 -32.17 25.30 5.82
N GLN S 6 -32.32 26.50 6.36
CA GLN S 6 -31.92 27.72 5.67
C GLN S 6 -30.87 28.46 6.48
N SER S 7 -29.91 29.06 5.78
CA SER S 7 -28.88 29.86 6.39
C SER S 7 -28.62 31.05 5.47
N PRO S 8 -28.60 32.27 5.98
CA PRO S 8 -28.89 32.68 7.36
C PRO S 8 -30.38 32.77 7.63
N SER S 9 -30.78 32.72 8.90
CA SER S 9 -32.19 32.85 9.24
C SER S 9 -32.72 34.23 8.89
N THR S 10 -31.93 35.28 9.15
CA THR S 10 -32.30 36.64 8.81
C THR S 10 -31.09 37.35 8.22
N LEU S 11 -31.29 38.07 7.13
CA LEU S 11 -30.21 38.77 6.43
C LEU S 11 -30.64 40.20 6.16
N SER S 12 -29.94 41.16 6.73
CA SER S 12 -30.22 42.57 6.50
C SER S 12 -29.49 43.03 5.24
N ALA S 13 -30.21 43.76 4.38
CA ALA S 13 -29.63 44.25 3.15
C ALA S 13 -30.34 45.54 2.74
N SER S 14 -29.68 46.31 1.88
CA SER S 14 -30.20 47.57 1.38
C SER S 14 -30.52 47.44 -0.11
N VAL S 15 -31.06 48.52 -0.67
CA VAL S 15 -31.41 48.54 -2.08
C VAL S 15 -30.14 48.51 -2.92
N GLY S 16 -30.12 47.63 -3.92
CA GLY S 16 -28.95 47.47 -4.78
C GLY S 16 -27.88 46.55 -4.26
N ASP S 17 -28.02 46.06 -3.03
CA ASP S 17 -27.06 45.11 -2.47
C ASP S 17 -27.26 43.74 -3.11
N ARG S 18 -26.23 42.89 -2.99
CA ARG S 18 -26.25 41.54 -3.53
C ARG S 18 -26.66 40.57 -2.42
N VAL S 19 -27.67 39.76 -2.70
CA VAL S 19 -28.30 38.90 -1.71
C VAL S 19 -28.07 37.44 -2.10
N THR S 20 -27.58 36.66 -1.15
CA THR S 20 -27.42 35.22 -1.33
C THR S 20 -28.03 34.49 -0.15
N ILE S 21 -28.88 33.52 -0.43
CA ILE S 21 -29.58 32.74 0.58
C ILE S 21 -29.28 31.28 0.34
N THR S 22 -28.90 30.55 1.38
CA THR S 22 -28.42 29.19 1.28
C THR S 22 -29.43 28.23 1.91
N CYS S 23 -29.77 27.17 1.17
CA CYS S 23 -30.64 26.10 1.66
C CYS S 23 -29.84 24.80 1.65
N ARG S 24 -29.91 24.05 2.75
CA ARG S 24 -29.15 22.81 2.87
C ARG S 24 -30.08 21.64 3.13
N ALA S 25 -29.71 20.48 2.61
CA ALA S 25 -30.54 19.29 2.66
C ALA S 25 -29.90 18.23 3.55
N SER S 26 -30.72 17.55 4.34
CA SER S 26 -30.22 16.46 5.16
C SER S 26 -29.83 15.27 4.30
N GLN S 27 -30.59 14.98 3.26
CA GLN S 27 -30.27 13.93 2.32
C GLN S 27 -30.29 14.51 0.91
N SER S 28 -29.48 13.93 0.03
CA SER S 28 -29.37 14.46 -1.33
C SER S 28 -30.72 14.44 -2.02
N VAL S 29 -31.13 15.59 -2.54
CA VAL S 29 -32.39 15.72 -3.26
C VAL S 29 -32.15 15.90 -4.75
N SER S 30 -30.96 15.55 -5.23
CA SER S 30 -30.61 15.61 -6.66
C SER S 30 -30.80 17.03 -7.14
N THR S 31 -31.66 17.29 -8.11
CA THR S 31 -31.88 18.64 -8.63
C THR S 31 -33.26 19.16 -8.30
N TRP S 32 -34.12 18.34 -7.71
CA TRP S 32 -35.51 18.72 -7.48
C TRP S 32 -35.59 19.61 -6.25
N LEU S 33 -35.90 20.88 -6.47
CA LEU S 33 -36.02 21.87 -5.40
C LEU S 33 -36.65 23.12 -5.96
N ALA S 34 -37.35 23.86 -5.11
CA ALA S 34 -38.00 25.10 -5.54
C ALA S 34 -37.80 26.15 -4.47
N TRP S 35 -37.86 27.41 -4.89
CA TRP S 35 -37.73 28.54 -3.99
C TRP S 35 -39.00 29.37 -4.06
N TYR S 36 -39.56 29.72 -2.90
CA TYR S 36 -40.79 30.48 -2.84
C TYR S 36 -40.56 31.79 -2.10
N GLN S 37 -41.45 32.74 -2.33
CA GLN S 37 -41.35 34.07 -1.75
C GLN S 37 -42.69 34.48 -1.18
N GLN S 38 -42.76 34.68 0.13
CA GLN S 38 -44.02 35.01 0.80
C GLN S 38 -43.89 36.37 1.47
N LYS S 39 -44.58 37.36 0.91
CA LYS S 39 -44.70 38.64 1.58
C LYS S 39 -45.72 38.53 2.71
N PRO S 40 -45.50 39.26 3.81
CA PRO S 40 -46.49 39.29 4.89
C PRO S 40 -47.91 39.51 4.39
N GLY S 41 -48.83 38.64 4.84
CA GLY S 41 -50.22 38.75 4.48
C GLY S 41 -50.57 38.29 3.09
N GLN S 42 -49.66 37.65 2.38
CA GLN S 42 -49.88 37.21 1.02
C GLN S 42 -49.61 35.72 0.90
N GLY S 43 -49.85 35.17 -0.29
CA GLY S 43 -49.57 33.79 -0.58
C GLY S 43 -48.26 33.65 -1.34
N PRO S 44 -47.44 32.68 -0.95
CA PRO S 44 -46.13 32.52 -1.59
C PRO S 44 -46.25 32.23 -3.07
N LYS S 45 -45.27 32.69 -3.83
CA LYS S 45 -45.25 32.57 -5.28
C LYS S 45 -43.99 31.83 -5.71
N LEU S 46 -44.09 31.11 -6.83
CA LEU S 46 -42.94 30.39 -7.35
C LEU S 46 -41.96 31.35 -7.97
N LEU S 47 -40.68 31.20 -7.64
CA LEU S 47 -39.61 31.94 -8.28
C LEU S 47 -38.71 31.05 -9.10
N ILE S 48 -38.23 29.95 -8.52
CA ILE S 48 -37.30 29.05 -9.18
C ILE S 48 -37.82 27.63 -9.02
N TYR S 49 -37.91 26.90 -10.13
CA TYR S 49 -38.23 25.49 -10.12
C TYR S 49 -37.04 24.71 -10.66
N GLU S 50 -36.90 23.45 -10.24
CA GLU S 50 -35.78 22.60 -10.59
C GLU S 50 -34.46 23.14 -10.05
N ALA S 51 -34.49 24.24 -9.30
CA ALA S 51 -33.37 24.90 -8.62
C ALA S 51 -32.48 25.67 -9.57
N SER S 52 -32.75 25.64 -10.86
CA SER S 52 -31.94 26.45 -11.78
C SER S 52 -32.78 27.29 -12.72
N SER S 53 -33.90 26.79 -13.19
CA SER S 53 -34.71 27.51 -14.15
C SER S 53 -35.61 28.53 -13.44
N LEU S 54 -36.12 29.49 -14.21
CA LEU S 54 -36.97 30.54 -13.68
C LEU S 54 -38.40 30.35 -14.13
N GLU S 55 -39.34 30.67 -13.25
CA GLU S 55 -40.74 30.69 -13.62
C GLU S 55 -41.03 31.89 -14.51
N SER S 56 -41.89 31.69 -15.51
CA SER S 56 -42.24 32.75 -16.44
C SER S 56 -42.88 33.92 -15.71
N GLY S 57 -42.40 35.13 -16.01
CA GLY S 57 -42.91 36.34 -15.42
C GLY S 57 -42.07 36.89 -14.28
N VAL S 58 -41.25 36.06 -13.65
CA VAL S 58 -40.36 36.52 -12.59
C VAL S 58 -39.17 37.23 -13.25
N PRO S 59 -38.73 38.36 -12.73
CA PRO S 59 -37.61 39.07 -13.35
C PRO S 59 -36.33 38.25 -13.28
N SER S 60 -35.39 38.59 -14.18
CA SER S 60 -34.13 37.87 -14.29
C SER S 60 -33.21 38.12 -13.11
N ARG S 61 -33.57 39.02 -12.19
CA ARG S 61 -32.72 39.28 -11.03
C ARG S 61 -32.50 38.03 -10.21
N PHE S 62 -33.54 37.21 -10.07
CA PHE S 62 -33.44 35.99 -9.28
C PHE S 62 -32.73 34.89 -10.06
N SER S 63 -31.88 34.14 -9.37
CA SER S 63 -31.18 33.02 -9.97
C SER S 63 -30.76 32.06 -8.87
N GLY S 64 -30.66 30.78 -9.22
CA GLY S 64 -30.31 29.78 -8.25
C GLY S 64 -29.46 28.69 -8.88
N SER S 65 -28.72 27.99 -8.02
CA SER S 65 -27.83 26.95 -8.52
C SER S 65 -27.56 25.96 -7.39
N GLY S 66 -27.06 24.79 -7.78
CA GLY S 66 -26.64 23.77 -6.84
C GLY S 66 -27.19 22.40 -7.19
N SER S 67 -26.65 21.41 -6.51
CA SER S 67 -27.13 20.04 -6.64
C SER S 67 -26.67 19.25 -5.43
N GLY S 68 -27.39 18.16 -5.16
CA GLY S 68 -27.05 17.35 -4.00
C GLY S 68 -27.71 17.85 -2.73
N THR S 69 -26.96 18.54 -1.90
CA THR S 69 -27.48 19.03 -0.64
C THR S 69 -27.28 20.52 -0.41
N GLU S 70 -26.58 21.22 -1.28
CA GLU S 70 -26.24 22.62 -1.08
C GLU S 70 -26.87 23.45 -2.20
N PHE S 71 -27.94 24.17 -1.88
CA PHE S 71 -28.68 24.96 -2.85
C PHE S 71 -28.73 26.40 -2.37
N THR S 72 -28.45 27.35 -3.27
CA THR S 72 -28.44 28.77 -2.92
C THR S 72 -29.22 29.58 -3.92
N LEU S 73 -29.85 30.64 -3.44
CA LEU S 73 -30.63 31.57 -4.25
C LEU S 73 -29.94 32.92 -4.24
N THR S 74 -29.64 33.45 -5.43
CA THR S 74 -28.84 34.66 -5.57
C THR S 74 -29.68 35.75 -6.21
N ILE S 75 -29.77 36.90 -5.55
CA ILE S 75 -30.42 38.08 -6.10
C ILE S 75 -29.32 39.08 -6.42
N SER S 76 -29.13 39.36 -7.71
CA SER S 76 -28.02 40.21 -8.14
C SER S 76 -28.20 41.63 -7.65
N SER S 77 -29.40 42.19 -7.77
CA SER S 77 -29.65 43.58 -7.40
C SER S 77 -30.97 43.64 -6.64
N LEU S 78 -30.88 43.89 -5.34
CA LEU S 78 -32.08 43.95 -4.51
C LEU S 78 -32.90 45.19 -4.83
N GLN S 79 -34.21 45.05 -4.74
CA GLN S 79 -35.19 46.09 -4.97
C GLN S 79 -36.10 46.20 -3.75
N PRO S 80 -36.77 47.34 -3.55
CA PRO S 80 -37.69 47.45 -2.41
C PRO S 80 -38.98 46.65 -2.56
N ASP S 81 -39.12 45.90 -3.65
CA ASP S 81 -40.20 44.94 -3.83
C ASP S 81 -39.82 43.58 -3.25
N ASP S 82 -38.59 43.15 -3.48
CA ASP S 82 -38.17 41.79 -3.17
C ASP S 82 -37.96 41.55 -1.68
N PHE S 83 -38.39 42.46 -0.81
CA PHE S 83 -38.26 42.27 0.63
C PHE S 83 -39.39 41.36 1.11
N ALA S 84 -39.10 40.09 1.28
CA ALA S 84 -40.11 39.12 1.68
C ALA S 84 -39.42 37.91 2.31
N THR S 85 -40.23 36.96 2.76
CA THR S 85 -39.71 35.73 3.35
C THR S 85 -39.57 34.67 2.27
N TYR S 86 -38.42 34.02 2.22
CA TYR S 86 -38.09 33.06 1.17
C TYR S 86 -38.04 31.65 1.74
N TYR S 87 -38.77 30.73 1.10
CA TYR S 87 -38.89 29.36 1.56
C TYR S 87 -38.26 28.40 0.56
N CYS S 88 -37.70 27.31 1.08
CA CYS S 88 -37.00 26.31 0.30
C CYS S 88 -37.81 25.02 0.35
N GLN S 89 -38.22 24.52 -0.81
CA GLN S 89 -39.01 23.29 -0.89
C GLN S 89 -38.24 22.25 -1.70
N GLN S 90 -38.34 21.00 -1.30
CA GLN S 90 -37.76 19.89 -2.04
C GLN S 90 -38.83 18.86 -2.35
N TYR S 91 -38.74 18.26 -3.54
CA TYR S 91 -39.63 17.16 -3.91
C TYR S 91 -38.76 16.12 -4.61
N ASN S 92 -38.16 15.24 -3.82
CA ASN S 92 -37.30 14.21 -4.37
C ASN S 92 -38.12 13.14 -5.07
N SER S 93 -37.43 12.10 -5.55
CA SER S 93 -38.09 11.03 -6.30
C SER S 93 -39.12 10.31 -5.44
N TYR S 94 -38.67 9.65 -4.37
CA TYR S 94 -39.56 8.89 -3.50
C TYR S 94 -39.84 9.58 -2.18
N SER S 95 -39.44 10.84 -2.04
CA SER S 95 -39.67 11.59 -0.81
C SER S 95 -40.78 12.60 -1.02
N PHE S 96 -41.51 12.88 0.05
CA PHE S 96 -42.62 13.80 -0.04
C PHE S 96 -42.13 15.24 -0.01
N TRP S 97 -43.06 16.16 -0.24
CA TRP S 97 -42.73 17.59 -0.27
C TRP S 97 -42.53 18.12 1.14
N THR S 98 -41.34 18.66 1.41
CA THR S 98 -41.03 19.25 2.71
C THR S 98 -40.49 20.65 2.51
N PHE S 99 -40.81 21.55 3.43
CA PHE S 99 -40.42 22.95 3.32
C PHE S 99 -39.43 23.31 4.42
N GLY S 100 -38.56 24.27 4.10
CA GLY S 100 -37.66 24.79 5.10
C GLY S 100 -38.32 25.83 5.99
N GLN S 101 -37.58 26.26 7.01
CA GLN S 101 -38.15 27.22 7.95
C GLN S 101 -38.35 28.58 7.30
N GLY S 102 -37.47 28.96 6.38
CA GLY S 102 -37.62 30.21 5.68
C GLY S 102 -36.77 31.33 6.25
N THR S 103 -36.20 32.15 5.36
CA THR S 103 -35.42 33.31 5.77
C THR S 103 -36.16 34.59 5.39
N LYS S 104 -35.92 35.64 6.16
CA LYS S 104 -36.57 36.93 5.98
C LYS S 104 -35.53 38.01 5.81
N VAL S 105 -35.75 38.91 4.85
CA VAL S 105 -34.84 40.01 4.56
C VAL S 105 -35.48 41.31 5.02
N GLU S 106 -34.69 42.13 5.71
CA GLU S 106 -35.14 43.43 6.21
C GLU S 106 -34.33 44.55 5.57
N ILE S 107 -34.93 45.73 5.49
CA ILE S 107 -34.23 46.89 4.97
C ILE S 107 -33.16 47.32 5.96
N LYS S 108 -31.94 47.51 5.45
CA LYS S 108 -30.81 47.87 6.31
C LYS S 108 -30.95 49.29 6.80
#